data_2ADQ
# 
_entry.id   2ADQ 
# 
_audit_conform.dict_name       mmcif_pdbx.dic 
_audit_conform.dict_version    5.389 
_audit_conform.dict_location   http://mmcif.pdb.org/dictionaries/ascii/mmcif_pdbx.dic 
# 
loop_
_database_2.database_id 
_database_2.database_code 
_database_2.pdbx_database_accession 
_database_2.pdbx_DOI 
PDB   2ADQ         pdb_00002adq 10.2210/pdb2adq/pdb 
RCSB  RCSB033773   ?            ?                   
WWPDB D_1000033773 ?            ?                   
# 
loop_
_pdbx_audit_revision_history.ordinal 
_pdbx_audit_revision_history.data_content_type 
_pdbx_audit_revision_history.major_revision 
_pdbx_audit_revision_history.minor_revision 
_pdbx_audit_revision_history.revision_date 
1 'Structure model' 1 0 2006-07-04 
2 'Structure model' 1 1 2008-04-30 
3 'Structure model' 1 2 2011-07-13 
4 'Structure model' 1 3 2011-11-16 
5 'Structure model' 1 4 2024-02-14 
6 'Structure model' 1 5 2024-04-03 
# 
_pdbx_audit_revision_details.ordinal             1 
_pdbx_audit_revision_details.revision_ordinal    1 
_pdbx_audit_revision_details.data_content_type   'Structure model' 
_pdbx_audit_revision_details.provider            repository 
_pdbx_audit_revision_details.type                'Initial release' 
_pdbx_audit_revision_details.description         ? 
_pdbx_audit_revision_details.details             ? 
# 
loop_
_pdbx_audit_revision_group.ordinal 
_pdbx_audit_revision_group.revision_ordinal 
_pdbx_audit_revision_group.data_content_type 
_pdbx_audit_revision_group.group 
1 2 'Structure model' 'Version format compliance' 
2 3 'Structure model' 'Version format compliance' 
3 4 'Structure model' 'Atomic model'              
4 5 'Structure model' 'Data collection'           
5 5 'Structure model' 'Database references'       
6 5 'Structure model' 'Derived calculations'      
7 6 'Structure model' 'Refinement description'    
# 
loop_
_pdbx_audit_revision_category.ordinal 
_pdbx_audit_revision_category.revision_ordinal 
_pdbx_audit_revision_category.data_content_type 
_pdbx_audit_revision_category.category 
1 5 'Structure model' chem_comp_atom                
2 5 'Structure model' chem_comp_bond                
3 5 'Structure model' citation                      
4 5 'Structure model' database_2                    
5 5 'Structure model' pdbx_struct_conn_angle        
6 5 'Structure model' struct_conn                   
7 5 'Structure model' struct_site                   
8 6 'Structure model' pdbx_initial_refinement_model 
# 
loop_
_pdbx_audit_revision_item.ordinal 
_pdbx_audit_revision_item.revision_ordinal 
_pdbx_audit_revision_item.data_content_type 
_pdbx_audit_revision_item.item 
1  5 'Structure model' '_citation.country'                           
2  5 'Structure model' '_database_2.pdbx_DOI'                        
3  5 'Structure model' '_database_2.pdbx_database_accession'         
4  5 'Structure model' '_pdbx_struct_conn_angle.ptnr1_auth_comp_id'  
5  5 'Structure model' '_pdbx_struct_conn_angle.ptnr1_auth_seq_id'   
6  5 'Structure model' '_pdbx_struct_conn_angle.ptnr1_label_atom_id' 
7  5 'Structure model' '_pdbx_struct_conn_angle.ptnr1_label_comp_id' 
8  5 'Structure model' '_pdbx_struct_conn_angle.ptnr1_label_seq_id'  
9  5 'Structure model' '_pdbx_struct_conn_angle.ptnr3_auth_comp_id'  
10 5 'Structure model' '_pdbx_struct_conn_angle.ptnr3_auth_seq_id'   
11 5 'Structure model' '_pdbx_struct_conn_angle.ptnr3_label_atom_id' 
12 5 'Structure model' '_pdbx_struct_conn_angle.ptnr3_label_comp_id' 
13 5 'Structure model' '_pdbx_struct_conn_angle.ptnr3_label_seq_id'  
14 5 'Structure model' '_pdbx_struct_conn_angle.value'               
15 5 'Structure model' '_struct_conn.pdbx_dist_value'                
16 5 'Structure model' '_struct_conn.ptnr1_auth_comp_id'             
17 5 'Structure model' '_struct_conn.ptnr1_auth_seq_id'              
18 5 'Structure model' '_struct_conn.ptnr1_label_asym_id'            
19 5 'Structure model' '_struct_conn.ptnr1_label_atom_id'            
20 5 'Structure model' '_struct_conn.ptnr1_label_comp_id'            
21 5 'Structure model' '_struct_conn.ptnr1_label_seq_id'             
22 5 'Structure model' '_struct_conn.ptnr2_auth_comp_id'             
23 5 'Structure model' '_struct_conn.ptnr2_auth_seq_id'              
24 5 'Structure model' '_struct_conn.ptnr2_label_asym_id'            
25 5 'Structure model' '_struct_conn.ptnr2_label_atom_id'            
26 5 'Structure model' '_struct_conn.ptnr2_label_comp_id'            
27 5 'Structure model' '_struct_conn.ptnr2_label_seq_id'             
28 5 'Structure model' '_struct_site.pdbx_auth_asym_id'              
29 5 'Structure model' '_struct_site.pdbx_auth_comp_id'              
30 5 'Structure model' '_struct_site.pdbx_auth_seq_id'               
# 
_pdbx_database_status.status_code                     REL 
_pdbx_database_status.entry_id                        2ADQ 
_pdbx_database_status.recvd_initial_deposition_date   2005-07-20 
_pdbx_database_status.deposit_site                    RCSB 
_pdbx_database_status.process_site                    RCSB 
_pdbx_database_status.status_code_sf                  ? 
_pdbx_database_status.status_code_mr                  ? 
_pdbx_database_status.SG_entry                        ? 
_pdbx_database_status.pdb_format_compatible           Y 
_pdbx_database_status.status_code_cs                  ? 
_pdbx_database_status.status_code_nmr_data            ? 
_pdbx_database_status.methods_development_category    ? 
# 
loop_
_audit_author.name 
_audit_author.pdbx_ordinal 
'Quint, P.'       1 
'Reutzel, R.'     2 
'Mikulski, R.'    3 
'McKenna, R.'     4 
'Silverman, D.N.' 5 
# 
_citation.id                        primary 
_citation.title                     
'Crystal structure of nitrated human manganese superoxide dismutase: mechanism of inactivation.' 
_citation.journal_abbrev            'FREE RADIC.BIOL.MED.' 
_citation.journal_volume            40 
_citation.page_first                453 
_citation.page_last                 458 
_citation.year                      2006 
_citation.journal_id_ASTM           ? 
_citation.country                   US 
_citation.journal_id_ISSN           0891-5849 
_citation.journal_id_CSD            0353 
_citation.book_publisher            ? 
_citation.pdbx_database_id_PubMed   16443160 
_citation.pdbx_database_id_DOI      10.1016/j.freeradbiomed.2005.08.045 
# 
loop_
_citation_author.citation_id 
_citation_author.name 
_citation_author.ordinal 
_citation_author.identifier_ORCID 
primary 'Quint, P.'       1 ? 
primary 'Reutzel, R.'     2 ? 
primary 'Mikulski, R.'    3 ? 
primary 'McKenna, R.'     4 ? 
primary 'Silverman, D.N.' 5 ? 
# 
loop_
_entity.id 
_entity.type 
_entity.src_method 
_entity.pdbx_description 
_entity.formula_weight 
_entity.pdbx_number_of_molecules 
_entity.pdbx_ec 
_entity.pdbx_mutation 
_entity.pdbx_fragment 
_entity.details 
1 polymer     man 'Superoxide dismutase [Mn]' 22233.111 1  1.15.1.1 ? ? ? 
2 non-polymer syn 'MANGANESE (II) ION'        54.938    1  ?        ? ? ? 
3 non-polymer syn 'POTASSIUM ION'             39.098    1  ?        ? ? ? 
4 water       nat water                       18.015    74 ?        ? ? ? 
# 
_entity_poly.entity_id                      1 
_entity_poly.type                           'polypeptide(L)' 
_entity_poly.nstd_linkage                   no 
_entity_poly.nstd_monomer                   no 
_entity_poly.pdbx_seq_one_letter_code       
;KHSLPDLPYDYGALEPHINAQIMQLHHSKHHAAYVNNLNVTEEKYQEALAKGDVTAQIALQPALKFNGGGHINHSIFWTN
LSPNGGGEPKGELLEAIKRDFGSFDKFKEKLTAASVGVQGSGWGWLGFNKERGHLQIAACPNQDPLQGTTGLIPLLGIDV
WEHAYYLQYKNVRPDYLKAIWNVINWENVTERYMACKK
;
_entity_poly.pdbx_seq_one_letter_code_can   
;KHSLPDLPYDYGALEPHINAQIMQLHHSKHHAAYVNNLNVTEEKYQEALAKGDVTAQIALQPALKFNGGGHINHSIFWTN
LSPNGGGEPKGELLEAIKRDFGSFDKFKEKLTAASVGVQGSGWGWLGFNKERGHLQIAACPNQDPLQGTTGLIPLLGIDV
WEHAYYLQYKNVRPDYLKAIWNVINWENVTERYMACKK
;
_entity_poly.pdbx_strand_id                 B 
_entity_poly.pdbx_target_identifier         ? 
# 
loop_
_pdbx_entity_nonpoly.entity_id 
_pdbx_entity_nonpoly.name 
_pdbx_entity_nonpoly.comp_id 
2 'MANGANESE (II) ION' MN  
3 'POTASSIUM ION'      K   
4 water                HOH 
# 
loop_
_entity_poly_seq.entity_id 
_entity_poly_seq.num 
_entity_poly_seq.mon_id 
_entity_poly_seq.hetero 
1 1   LYS n 
1 2   HIS n 
1 3   SER n 
1 4   LEU n 
1 5   PRO n 
1 6   ASP n 
1 7   LEU n 
1 8   PRO n 
1 9   TYR n 
1 10  ASP n 
1 11  TYR n 
1 12  GLY n 
1 13  ALA n 
1 14  LEU n 
1 15  GLU n 
1 16  PRO n 
1 17  HIS n 
1 18  ILE n 
1 19  ASN n 
1 20  ALA n 
1 21  GLN n 
1 22  ILE n 
1 23  MET n 
1 24  GLN n 
1 25  LEU n 
1 26  HIS n 
1 27  HIS n 
1 28  SER n 
1 29  LYS n 
1 30  HIS n 
1 31  HIS n 
1 32  ALA n 
1 33  ALA n 
1 34  TYR n 
1 35  VAL n 
1 36  ASN n 
1 37  ASN n 
1 38  LEU n 
1 39  ASN n 
1 40  VAL n 
1 41  THR n 
1 42  GLU n 
1 43  GLU n 
1 44  LYS n 
1 45  TYR n 
1 46  GLN n 
1 47  GLU n 
1 48  ALA n 
1 49  LEU n 
1 50  ALA n 
1 51  LYS n 
1 52  GLY n 
1 53  ASP n 
1 54  VAL n 
1 55  THR n 
1 56  ALA n 
1 57  GLN n 
1 58  ILE n 
1 59  ALA n 
1 60  LEU n 
1 61  GLN n 
1 62  PRO n 
1 63  ALA n 
1 64  LEU n 
1 65  LYS n 
1 66  PHE n 
1 67  ASN n 
1 68  GLY n 
1 69  GLY n 
1 70  GLY n 
1 71  HIS n 
1 72  ILE n 
1 73  ASN n 
1 74  HIS n 
1 75  SER n 
1 76  ILE n 
1 77  PHE n 
1 78  TRP n 
1 79  THR n 
1 80  ASN n 
1 81  LEU n 
1 82  SER n 
1 83  PRO n 
1 84  ASN n 
1 85  GLY n 
1 86  GLY n 
1 87  GLY n 
1 88  GLU n 
1 89  PRO n 
1 90  LYS n 
1 91  GLY n 
1 92  GLU n 
1 93  LEU n 
1 94  LEU n 
1 95  GLU n 
1 96  ALA n 
1 97  ILE n 
1 98  LYS n 
1 99  ARG n 
1 100 ASP n 
1 101 PHE n 
1 102 GLY n 
1 103 SER n 
1 104 PHE n 
1 105 ASP n 
1 106 LYS n 
1 107 PHE n 
1 108 LYS n 
1 109 GLU n 
1 110 LYS n 
1 111 LEU n 
1 112 THR n 
1 113 ALA n 
1 114 ALA n 
1 115 SER n 
1 116 VAL n 
1 117 GLY n 
1 118 VAL n 
1 119 GLN n 
1 120 GLY n 
1 121 SER n 
1 122 GLY n 
1 123 TRP n 
1 124 GLY n 
1 125 TRP n 
1 126 LEU n 
1 127 GLY n 
1 128 PHE n 
1 129 ASN n 
1 130 LYS n 
1 131 GLU n 
1 132 ARG n 
1 133 GLY n 
1 134 HIS n 
1 135 LEU n 
1 136 GLN n 
1 137 ILE n 
1 138 ALA n 
1 139 ALA n 
1 140 CYS n 
1 141 PRO n 
1 142 ASN n 
1 143 GLN n 
1 144 ASP n 
1 145 PRO n 
1 146 LEU n 
1 147 GLN n 
1 148 GLY n 
1 149 THR n 
1 150 THR n 
1 151 GLY n 
1 152 LEU n 
1 153 ILE n 
1 154 PRO n 
1 155 LEU n 
1 156 LEU n 
1 157 GLY n 
1 158 ILE n 
1 159 ASP n 
1 160 VAL n 
1 161 TRP n 
1 162 GLU n 
1 163 HIS n 
1 164 ALA n 
1 165 TYR n 
1 166 TYR n 
1 167 LEU n 
1 168 GLN n 
1 169 TYR n 
1 170 LYS n 
1 171 ASN n 
1 172 VAL n 
1 173 ARG n 
1 174 PRO n 
1 175 ASP n 
1 176 TYR n 
1 177 LEU n 
1 178 LYS n 
1 179 ALA n 
1 180 ILE n 
1 181 TRP n 
1 182 ASN n 
1 183 VAL n 
1 184 ILE n 
1 185 ASN n 
1 186 TRP n 
1 187 GLU n 
1 188 ASN n 
1 189 VAL n 
1 190 THR n 
1 191 GLU n 
1 192 ARG n 
1 193 TYR n 
1 194 MET n 
1 195 ALA n 
1 196 CYS n 
1 197 LYS n 
1 198 LYS n 
# 
_entity_src_gen.entity_id                          1 
_entity_src_gen.pdbx_src_id                        1 
_entity_src_gen.pdbx_alt_source_flag               sample 
_entity_src_gen.pdbx_seq_type                      ? 
_entity_src_gen.pdbx_beg_seq_num                   ? 
_entity_src_gen.pdbx_end_seq_num                   ? 
_entity_src_gen.gene_src_common_name               human 
_entity_src_gen.gene_src_genus                     Homo 
_entity_src_gen.pdbx_gene_src_gene                 SOD2 
_entity_src_gen.gene_src_species                   ? 
_entity_src_gen.gene_src_strain                    ? 
_entity_src_gen.gene_src_tissue                    ? 
_entity_src_gen.gene_src_tissue_fraction           ? 
_entity_src_gen.gene_src_details                   ? 
_entity_src_gen.pdbx_gene_src_fragment             ? 
_entity_src_gen.pdbx_gene_src_scientific_name      'Homo sapiens' 
_entity_src_gen.pdbx_gene_src_ncbi_taxonomy_id     9606 
_entity_src_gen.pdbx_gene_src_variant              ? 
_entity_src_gen.pdbx_gene_src_cell_line            ? 
_entity_src_gen.pdbx_gene_src_atcc                 ? 
_entity_src_gen.pdbx_gene_src_organ                ? 
_entity_src_gen.pdbx_gene_src_organelle            ? 
_entity_src_gen.pdbx_gene_src_cell                 ? 
_entity_src_gen.pdbx_gene_src_cellular_location    ? 
_entity_src_gen.host_org_common_name               ? 
_entity_src_gen.pdbx_host_org_scientific_name      'Escherichia coli' 
_entity_src_gen.pdbx_host_org_ncbi_taxonomy_id     562 
_entity_src_gen.host_org_genus                     Escherichia 
_entity_src_gen.pdbx_host_org_gene                 ? 
_entity_src_gen.pdbx_host_org_organ                ? 
_entity_src_gen.host_org_species                   ? 
_entity_src_gen.pdbx_host_org_tissue               ? 
_entity_src_gen.pdbx_host_org_tissue_fraction      ? 
_entity_src_gen.pdbx_host_org_strain               ? 
_entity_src_gen.pdbx_host_org_variant              ? 
_entity_src_gen.pdbx_host_org_cell_line            ? 
_entity_src_gen.pdbx_host_org_atcc                 ? 
_entity_src_gen.pdbx_host_org_culture_collection   ? 
_entity_src_gen.pdbx_host_org_cell                 ? 
_entity_src_gen.pdbx_host_org_organelle            ? 
_entity_src_gen.pdbx_host_org_cellular_location    ? 
_entity_src_gen.pdbx_host_org_vector_type          ? 
_entity_src_gen.pdbx_host_org_vector               ? 
_entity_src_gen.host_org_details                   ? 
_entity_src_gen.expression_system_id               ? 
_entity_src_gen.plasmid_name                       ? 
_entity_src_gen.plasmid_details                    ? 
_entity_src_gen.pdbx_description                   ? 
# 
loop_
_chem_comp.id 
_chem_comp.type 
_chem_comp.mon_nstd_flag 
_chem_comp.name 
_chem_comp.pdbx_synonyms 
_chem_comp.formula 
_chem_comp.formula_weight 
ALA 'L-peptide linking' y ALANINE              ? 'C3 H7 N O2'     89.093  
ARG 'L-peptide linking' y ARGININE             ? 'C6 H15 N4 O2 1' 175.209 
ASN 'L-peptide linking' y ASPARAGINE           ? 'C4 H8 N2 O3'    132.118 
ASP 'L-peptide linking' y 'ASPARTIC ACID'      ? 'C4 H7 N O4'     133.103 
CYS 'L-peptide linking' y CYSTEINE             ? 'C3 H7 N O2 S'   121.158 
GLN 'L-peptide linking' y GLUTAMINE            ? 'C5 H10 N2 O3'   146.144 
GLU 'L-peptide linking' y 'GLUTAMIC ACID'      ? 'C5 H9 N O4'     147.129 
GLY 'peptide linking'   y GLYCINE              ? 'C2 H5 N O2'     75.067  
HIS 'L-peptide linking' y HISTIDINE            ? 'C6 H10 N3 O2 1' 156.162 
HOH non-polymer         . WATER                ? 'H2 O'           18.015  
ILE 'L-peptide linking' y ISOLEUCINE           ? 'C6 H13 N O2'    131.173 
K   non-polymer         . 'POTASSIUM ION'      ? 'K 1'            39.098  
LEU 'L-peptide linking' y LEUCINE              ? 'C6 H13 N O2'    131.173 
LYS 'L-peptide linking' y LYSINE               ? 'C6 H15 N2 O2 1' 147.195 
MET 'L-peptide linking' y METHIONINE           ? 'C5 H11 N O2 S'  149.211 
MN  non-polymer         . 'MANGANESE (II) ION' ? 'Mn 2'           54.938  
PHE 'L-peptide linking' y PHENYLALANINE        ? 'C9 H11 N O2'    165.189 
PRO 'L-peptide linking' y PROLINE              ? 'C5 H9 N O2'     115.130 
SER 'L-peptide linking' y SERINE               ? 'C3 H7 N O3'     105.093 
THR 'L-peptide linking' y THREONINE            ? 'C4 H9 N O3'     119.119 
TRP 'L-peptide linking' y TRYPTOPHAN           ? 'C11 H12 N2 O2'  204.225 
TYR 'L-peptide linking' y TYROSINE             ? 'C9 H11 N O3'    181.189 
VAL 'L-peptide linking' y VALINE               ? 'C5 H11 N O2'    117.146 
# 
loop_
_pdbx_poly_seq_scheme.asym_id 
_pdbx_poly_seq_scheme.entity_id 
_pdbx_poly_seq_scheme.seq_id 
_pdbx_poly_seq_scheme.mon_id 
_pdbx_poly_seq_scheme.ndb_seq_num 
_pdbx_poly_seq_scheme.pdb_seq_num 
_pdbx_poly_seq_scheme.auth_seq_num 
_pdbx_poly_seq_scheme.pdb_mon_id 
_pdbx_poly_seq_scheme.auth_mon_id 
_pdbx_poly_seq_scheme.pdb_strand_id 
_pdbx_poly_seq_scheme.pdb_ins_code 
_pdbx_poly_seq_scheme.hetero 
A 1 1   LYS 1   1   1   LYS LYS B . n 
A 1 2   HIS 2   2   2   HIS HIS B . n 
A 1 3   SER 3   3   3   SER SER B . n 
A 1 4   LEU 4   4   4   LEU LEU B . n 
A 1 5   PRO 5   5   5   PRO PRO B . n 
A 1 6   ASP 6   6   6   ASP ASP B . n 
A 1 7   LEU 7   7   7   LEU LEU B . n 
A 1 8   PRO 8   8   8   PRO PRO B . n 
A 1 9   TYR 9   9   9   TYR TYR B . n 
A 1 10  ASP 10  10  10  ASP ASP B . n 
A 1 11  TYR 11  11  11  TYR TYR B . n 
A 1 12  GLY 12  12  12  GLY GLY B . n 
A 1 13  ALA 13  13  13  ALA ALA B . n 
A 1 14  LEU 14  14  14  LEU LEU B . n 
A 1 15  GLU 15  15  15  GLU GLU B . n 
A 1 16  PRO 16  16  16  PRO PRO B . n 
A 1 17  HIS 17  17  17  HIS HIS B . n 
A 1 18  ILE 18  18  18  ILE ILE B . n 
A 1 19  ASN 19  19  19  ASN ASN B . n 
A 1 20  ALA 20  20  20  ALA ALA B . n 
A 1 21  GLN 21  21  21  GLN GLN B . n 
A 1 22  ILE 22  22  22  ILE ILE B . n 
A 1 23  MET 23  23  23  MET MET B . n 
A 1 24  GLN 24  24  24  GLN GLN B . n 
A 1 25  LEU 25  25  25  LEU LEU B . n 
A 1 26  HIS 26  26  26  HIS HIS B . n 
A 1 27  HIS 27  27  27  HIS HIS B . n 
A 1 28  SER 28  28  28  SER SER B . n 
A 1 29  LYS 29  29  29  LYS LYS B . n 
A 1 30  HIS 30  30  30  HIS HIS B . n 
A 1 31  HIS 31  31  31  HIS HIS B . n 
A 1 32  ALA 32  32  32  ALA ALA B . n 
A 1 33  ALA 33  33  33  ALA ALA B . n 
A 1 34  TYR 34  34  34  TYR TYR B . n 
A 1 35  VAL 35  35  35  VAL VAL B . n 
A 1 36  ASN 36  36  36  ASN ASN B . n 
A 1 37  ASN 37  37  37  ASN ASN B . n 
A 1 38  LEU 38  38  38  LEU LEU B . n 
A 1 39  ASN 39  39  39  ASN ASN B . n 
A 1 40  VAL 40  40  40  VAL VAL B . n 
A 1 41  THR 41  41  41  THR THR B . n 
A 1 42  GLU 42  42  42  GLU GLU B . n 
A 1 43  GLU 43  43  43  GLU GLU B . n 
A 1 44  LYS 44  44  44  LYS LYS B . n 
A 1 45  TYR 45  45  45  TYR TYR B . n 
A 1 46  GLN 46  46  46  GLN GLN B . n 
A 1 47  GLU 47  47  47  GLU GLU B . n 
A 1 48  ALA 48  48  48  ALA ALA B . n 
A 1 49  LEU 49  49  49  LEU LEU B . n 
A 1 50  ALA 50  50  50  ALA ALA B . n 
A 1 51  LYS 51  51  51  LYS LYS B . n 
A 1 52  GLY 52  52  52  GLY GLY B . n 
A 1 53  ASP 53  53  53  ASP ASP B . n 
A 1 54  VAL 54  54  54  VAL VAL B . n 
A 1 55  THR 55  55  55  THR THR B . n 
A 1 56  ALA 56  56  56  ALA ALA B . n 
A 1 57  GLN 57  57  57  GLN GLN B . n 
A 1 58  ILE 58  58  58  ILE ILE B . n 
A 1 59  ALA 59  59  59  ALA ALA B . n 
A 1 60  LEU 60  60  60  LEU LEU B . n 
A 1 61  GLN 61  61  61  GLN GLN B . n 
A 1 62  PRO 62  62  62  PRO PRO B . n 
A 1 63  ALA 63  63  63  ALA ALA B . n 
A 1 64  LEU 64  64  64  LEU LEU B . n 
A 1 65  LYS 65  65  65  LYS LYS B . n 
A 1 66  PHE 66  66  66  PHE PHE B . n 
A 1 67  ASN 67  67  67  ASN ASN B . n 
A 1 68  GLY 68  68  68  GLY GLY B . n 
A 1 69  GLY 69  69  69  GLY GLY B . n 
A 1 70  GLY 70  70  70  GLY GLY B . n 
A 1 71  HIS 71  71  71  HIS HIS B . n 
A 1 72  ILE 72  72  72  ILE ILE B . n 
A 1 73  ASN 73  73  73  ASN ASN B . n 
A 1 74  HIS 74  74  74  HIS HIS B . n 
A 1 75  SER 75  75  75  SER SER B . n 
A 1 76  ILE 76  76  76  ILE ILE B . n 
A 1 77  PHE 77  77  77  PHE PHE B . n 
A 1 78  TRP 78  78  78  TRP TRP B . n 
A 1 79  THR 79  79  79  THR THR B . n 
A 1 80  ASN 80  80  80  ASN ASN B . n 
A 1 81  LEU 81  81  81  LEU LEU B . n 
A 1 82  SER 82  82  82  SER SER B . n 
A 1 83  PRO 83  83  83  PRO PRO B . n 
A 1 84  ASN 84  84  84  ASN ASN B . n 
A 1 85  GLY 85  85  85  GLY GLY B . n 
A 1 86  GLY 86  86  86  GLY GLY B . n 
A 1 87  GLY 87  87  87  GLY GLY B . n 
A 1 88  GLU 88  88  88  GLU GLU B . n 
A 1 89  PRO 89  89  89  PRO PRO B . n 
A 1 90  LYS 90  90  90  LYS LYS B . n 
A 1 91  GLY 91  91  91  GLY GLY B . n 
A 1 92  GLU 92  92  92  GLU GLU B . n 
A 1 93  LEU 93  93  93  LEU LEU B . n 
A 1 94  LEU 94  94  94  LEU LEU B . n 
A 1 95  GLU 95  95  95  GLU GLU B . n 
A 1 96  ALA 96  96  96  ALA ALA B . n 
A 1 97  ILE 97  97  97  ILE ILE B . n 
A 1 98  LYS 98  98  98  LYS LYS B . n 
A 1 99  ARG 99  99  99  ARG ARG B . n 
A 1 100 ASP 100 100 100 ASP ASP B . n 
A 1 101 PHE 101 101 101 PHE PHE B . n 
A 1 102 GLY 102 102 102 GLY GLY B . n 
A 1 103 SER 103 103 103 SER SER B . n 
A 1 104 PHE 104 104 104 PHE PHE B . n 
A 1 105 ASP 105 105 105 ASP ASP B . n 
A 1 106 LYS 106 106 106 LYS LYS B . n 
A 1 107 PHE 107 107 107 PHE PHE B . n 
A 1 108 LYS 108 108 108 LYS LYS B . n 
A 1 109 GLU 109 109 109 GLU GLU B . n 
A 1 110 LYS 110 110 110 LYS LYS B . n 
A 1 111 LEU 111 111 111 LEU LEU B . n 
A 1 112 THR 112 112 112 THR THR B . n 
A 1 113 ALA 113 113 113 ALA ALA B . n 
A 1 114 ALA 114 114 114 ALA ALA B . n 
A 1 115 SER 115 115 115 SER SER B . n 
A 1 116 VAL 116 116 116 VAL VAL B . n 
A 1 117 GLY 117 117 117 GLY GLY B . n 
A 1 118 VAL 118 118 118 VAL VAL B . n 
A 1 119 GLN 119 119 119 GLN GLN B . n 
A 1 120 GLY 120 120 120 GLY GLY B . n 
A 1 121 SER 121 121 121 SER ALA B . n 
A 1 122 GLY 122 122 122 GLY GLY B . n 
A 1 123 TRP 123 123 123 TRP TRP B . n 
A 1 124 GLY 124 124 124 GLY GLY B . n 
A 1 125 TRP 125 125 125 TRP TRP B . n 
A 1 126 LEU 126 126 126 LEU LEU B . n 
A 1 127 GLY 127 127 127 GLY GLY B . n 
A 1 128 PHE 128 128 128 PHE PHE B . n 
A 1 129 ASN 129 129 129 ASN ASN B . n 
A 1 130 LYS 130 130 130 LYS LYS B . n 
A 1 131 GLU 131 131 131 GLU GLU B . n 
A 1 132 ARG 132 132 132 ARG ARG B . n 
A 1 133 GLY 133 133 133 GLY GLY B . n 
A 1 134 HIS 134 134 134 HIS HIS B . n 
A 1 135 LEU 135 135 135 LEU LEU B . n 
A 1 136 GLN 136 136 136 GLN GLN B . n 
A 1 137 ILE 137 137 137 ILE ILE B . n 
A 1 138 ALA 138 138 138 ALA ALA B . n 
A 1 139 ALA 139 139 139 ALA ALA B . n 
A 1 140 CYS 140 140 140 CYS CYS B . n 
A 1 141 PRO 141 141 141 PRO PRO B . n 
A 1 142 ASN 142 142 142 ASN ASN B . n 
A 1 143 GLN 143 143 143 GLN GLN B . n 
A 1 144 ASP 144 144 144 ASP ASP B . n 
A 1 145 PRO 145 145 145 PRO PRO B . n 
A 1 146 LEU 146 146 146 LEU LEU B . n 
A 1 147 GLN 147 147 147 GLN GLN B . n 
A 1 148 GLY 148 148 148 GLY GLY B . n 
A 1 149 THR 149 149 149 THR THR B . n 
A 1 150 THR 150 150 150 THR THR B . n 
A 1 151 GLY 151 151 151 GLY GLY B . n 
A 1 152 LEU 152 152 152 LEU LEU B . n 
A 1 153 ILE 153 153 153 ILE ILE B . n 
A 1 154 PRO 154 154 154 PRO PRO B . n 
A 1 155 LEU 155 155 155 LEU LEU B . n 
A 1 156 LEU 156 156 156 LEU LEU B . n 
A 1 157 GLY 157 157 157 GLY GLY B . n 
A 1 158 ILE 158 158 158 ILE ILE B . n 
A 1 159 ASP 159 159 159 ASP ASP B . n 
A 1 160 VAL 160 160 160 VAL VAL B . n 
A 1 161 TRP 161 161 161 TRP TRP B . n 
A 1 162 GLU 162 162 162 GLU GLU B . n 
A 1 163 HIS 163 163 163 HIS HIS B . n 
A 1 164 ALA 164 164 164 ALA ALA B . n 
A 1 165 TYR 165 165 165 TYR TYR B . n 
A 1 166 TYR 166 166 166 TYR TYR B . n 
A 1 167 LEU 167 167 167 LEU LEU B . n 
A 1 168 GLN 168 168 168 GLN GLN B . n 
A 1 169 TYR 169 169 169 TYR TYR B . n 
A 1 170 LYS 170 170 170 LYS LYS B . n 
A 1 171 ASN 171 171 171 ASN ASN B . n 
A 1 172 VAL 172 172 172 VAL VAL B . n 
A 1 173 ARG 173 173 173 ARG ARG B . n 
A 1 174 PRO 174 174 174 PRO PRO B . n 
A 1 175 ASP 175 175 175 ASP ASP B . n 
A 1 176 TYR 176 176 176 TYR TYR B . n 
A 1 177 LEU 177 177 177 LEU LEU B . n 
A 1 178 LYS 178 178 178 LYS LYS B . n 
A 1 179 ALA 179 179 179 ALA ALA B . n 
A 1 180 ILE 180 180 180 ILE ILE B . n 
A 1 181 TRP 181 181 181 TRP TRP B . n 
A 1 182 ASN 182 182 182 ASN ASN B . n 
A 1 183 VAL 183 183 183 VAL VAL B . n 
A 1 184 ILE 184 184 184 ILE ILE B . n 
A 1 185 ASN 185 185 185 ASN ASN B . n 
A 1 186 TRP 186 186 186 TRP TRP B . n 
A 1 187 GLU 187 187 187 GLU GLU B . n 
A 1 188 ASN 188 188 188 ASN ASN B . n 
A 1 189 VAL 189 189 189 VAL VAL B . n 
A 1 190 THR 190 190 190 THR THR B . n 
A 1 191 GLU 191 191 191 GLU GLU B . n 
A 1 192 ARG 192 192 192 ARG ARG B . n 
A 1 193 TYR 193 193 193 TYR TYR B . n 
A 1 194 MET 194 194 194 MET MET B . n 
A 1 195 ALA 195 195 195 ALA ALA B . n 
A 1 196 CYS 196 196 196 CYS CYS B . n 
A 1 197 LYS 197 197 ?   ?   ?   B . n 
A 1 198 LYS 198 198 ?   ?   ?   B . n 
# 
loop_
_pdbx_nonpoly_scheme.asym_id 
_pdbx_nonpoly_scheme.entity_id 
_pdbx_nonpoly_scheme.mon_id 
_pdbx_nonpoly_scheme.ndb_seq_num 
_pdbx_nonpoly_scheme.pdb_seq_num 
_pdbx_nonpoly_scheme.auth_seq_num 
_pdbx_nonpoly_scheme.pdb_mon_id 
_pdbx_nonpoly_scheme.auth_mon_id 
_pdbx_nonpoly_scheme.pdb_strand_id 
_pdbx_nonpoly_scheme.pdb_ins_code 
B 2 MN  1  199 199 MN  MN2 B . 
C 3 K   1  200 114 K   K1  B . 
D 4 HOH 1  201 1   HOH HOH B . 
D 4 HOH 2  202 3   HOH HOH B . 
D 4 HOH 3  203 4   HOH HOH B . 
D 4 HOH 4  204 7   HOH HOH B . 
D 4 HOH 5  205 10  HOH HOH B . 
D 4 HOH 6  206 11  HOH HOH B . 
D 4 HOH 7  207 13  HOH HOH B . 
D 4 HOH 8  208 21  HOH HOH B . 
D 4 HOH 9  209 23  HOH HOH B . 
D 4 HOH 10 210 24  HOH HOH B . 
D 4 HOH 11 211 28  HOH HOH B . 
D 4 HOH 12 212 32  HOH HOH B . 
D 4 HOH 13 213 40  HOH HOH B . 
D 4 HOH 14 214 45  HOH HOH B . 
D 4 HOH 15 215 47  HOH HOH B . 
D 4 HOH 16 216 67  HOH HOH B . 
D 4 HOH 17 217 70  HOH HOH B . 
D 4 HOH 18 218 71  HOH HOH B . 
D 4 HOH 19 219 73  HOH HOH B . 
D 4 HOH 20 220 74  HOH HOH B . 
D 4 HOH 21 221 78  HOH HOH B . 
D 4 HOH 22 222 80  HOH HOH B . 
D 4 HOH 23 223 81  HOH HOH B . 
D 4 HOH 24 224 83  HOH HOH B . 
D 4 HOH 25 225 85  HOH HOH B . 
D 4 HOH 26 226 86  HOH HOH B . 
D 4 HOH 27 227 87  HOH HOH B . 
D 4 HOH 28 228 89  HOH HOH B . 
D 4 HOH 29 229 90  HOH HOH B . 
D 4 HOH 30 230 91  HOH HOH B . 
D 4 HOH 31 231 92  HOH HOH B . 
D 4 HOH 32 232 93  HOH HOH B . 
D 4 HOH 33 233 94  HOH HOH B . 
D 4 HOH 34 234 98  HOH HOH B . 
D 4 HOH 35 235 100 HOH HOH B . 
D 4 HOH 36 236 101 HOH HOH B . 
D 4 HOH 37 237 102 HOH HOH B . 
D 4 HOH 38 238 105 HOH HOH B . 
D 4 HOH 39 239 107 HOH HOH B . 
D 4 HOH 40 240 108 HOH HOH B . 
D 4 HOH 41 241 110 HOH HOH B . 
D 4 HOH 42 242 119 HOH HOH B . 
D 4 HOH 43 243 120 HOH HOH B . 
D 4 HOH 44 244 121 HOH HOH B . 
D 4 HOH 45 245 122 HOH HOH B . 
D 4 HOH 46 246 123 HOH HOH B . 
D 4 HOH 47 247 125 HOH HOH B . 
D 4 HOH 48 248 127 HOH HOH B . 
D 4 HOH 49 249 128 HOH HOH B . 
D 4 HOH 50 250 129 HOH HOH B . 
D 4 HOH 51 251 130 HOH HOH B . 
D 4 HOH 52 252 131 HOH HOH B . 
D 4 HOH 53 253 132 HOH HOH B . 
D 4 HOH 54 254 133 HOH HOH B . 
D 4 HOH 55 255 134 HOH HOH B . 
D 4 HOH 56 256 135 HOH HOH B . 
D 4 HOH 57 257 136 HOH HOH B . 
D 4 HOH 58 258 137 HOH HOH B . 
D 4 HOH 59 259 138 HOH HOH B . 
D 4 HOH 60 260 141 HOH HOH B . 
D 4 HOH 61 261 142 HOH HOH B . 
D 4 HOH 62 262 143 HOH HOH B . 
D 4 HOH 63 263 145 HOH HOH B . 
D 4 HOH 64 264 147 HOH HOH B . 
D 4 HOH 65 265 148 HOH HOH B . 
D 4 HOH 66 266 149 HOH HOH B . 
D 4 HOH 67 267 152 HOH HOH B . 
D 4 HOH 68 268 156 HOH HOH B . 
D 4 HOH 69 269 157 HOH HOH B . 
D 4 HOH 70 270 158 HOH HOH B . 
D 4 HOH 71 271 160 HOH HOH B . 
D 4 HOH 72 272 162 HOH HOH B . 
D 4 HOH 73 273 163 HOH HOH B . 
D 4 HOH 74 274 165 HOH HOH B . 
# 
_pdbx_unobs_or_zero_occ_atoms.id               1 
_pdbx_unobs_or_zero_occ_atoms.PDB_model_num    1 
_pdbx_unobs_or_zero_occ_atoms.polymer_flag     Y 
_pdbx_unobs_or_zero_occ_atoms.occupancy_flag   1 
_pdbx_unobs_or_zero_occ_atoms.auth_asym_id     B 
_pdbx_unobs_or_zero_occ_atoms.auth_comp_id     SER 
_pdbx_unobs_or_zero_occ_atoms.auth_seq_id      121 
_pdbx_unobs_or_zero_occ_atoms.PDB_ins_code     ? 
_pdbx_unobs_or_zero_occ_atoms.auth_atom_id     OG 
_pdbx_unobs_or_zero_occ_atoms.label_alt_id     ? 
_pdbx_unobs_or_zero_occ_atoms.label_asym_id    A 
_pdbx_unobs_or_zero_occ_atoms.label_comp_id    SER 
_pdbx_unobs_or_zero_occ_atoms.label_seq_id     121 
_pdbx_unobs_or_zero_occ_atoms.label_atom_id    OG 
# 
loop_
_software.name 
_software.classification 
_software.version 
_software.citation_id 
_software.pdbx_ordinal 
DENZO     'data reduction' . ? 1 
SCALEPACK 'data scaling'   . ? 2 
CNS       refinement       . ? 3 
CNS       phasing          . ? 4 
# 
_cell.entry_id           2ADQ 
_cell.length_a           81.159 
_cell.length_b           81.159 
_cell.length_c           242.165 
_cell.angle_alpha        90.00 
_cell.angle_beta         90.00 
_cell.angle_gamma        120.00 
_cell.Z_PDB              12 
_cell.pdbx_unique_axis   ? 
# 
_symmetry.entry_id                         2ADQ 
_symmetry.space_group_name_H-M             'P 61 2 2' 
_symmetry.pdbx_full_space_group_name_H-M   ? 
_symmetry.cell_setting                     ? 
_symmetry.Int_Tables_number                178 
_symmetry.space_group_name_Hall            ? 
# 
_exptl.entry_id          2ADQ 
_exptl.method            'X-RAY DIFFRACTION' 
_exptl.crystals_number   1 
# 
_exptl_crystal.id                    1 
_exptl_crystal.density_meas          ? 
_exptl_crystal.density_Matthews      2.6 
_exptl_crystal.density_percent_sol   51.3 
_exptl_crystal.description           ? 
_exptl_crystal.F_000                 ? 
_exptl_crystal.preparation           ? 
# 
_exptl_crystal_grow.crystal_id      1 
_exptl_crystal_grow.method          'VAPOR DIFFUSION, HANGING DROP' 
_exptl_crystal_grow.temp            298 
_exptl_crystal_grow.temp_details    ? 
_exptl_crystal_grow.pH              7.8 
_exptl_crystal_grow.pdbx_details    
'3M Ammonium Sulfate, 100 mM malic acid, 100 mM imidazole, pH 7.8, VAPOR DIFFUSION, HANGING DROP, temperature 298K' 
_exptl_crystal_grow.pdbx_pH_range   . 
# 
_diffrn.id                     1 
_diffrn.ambient_temp           298 
_diffrn.ambient_temp_details   ? 
_diffrn.crystal_id             1 
# 
_diffrn_radiation.diffrn_id                        1 
_diffrn_radiation.wavelength_id                    1 
_diffrn_radiation.pdbx_monochromatic_or_laue_m_l   M 
_diffrn_radiation.monochromator                    ? 
_diffrn_radiation.pdbx_diffrn_protocol             'SINGLE WAVELENGTH' 
_diffrn_radiation.pdbx_scattering_type             x-ray 
# 
_diffrn_radiation_wavelength.id           1 
_diffrn_radiation_wavelength.wavelength   1.54 
_diffrn_radiation_wavelength.wt           1.0 
# 
_diffrn_source.diffrn_id                   1 
_diffrn_source.source                      'ROTATING ANODE' 
_diffrn_source.type                        RIGAKU 
_diffrn_source.pdbx_synchrotron_site       ? 
_diffrn_source.pdbx_synchrotron_beamline   ? 
_diffrn_source.pdbx_wavelength             ? 
_diffrn_source.pdbx_wavelength_list        1.54 
# 
_reflns.entry_id                     2ADQ 
_reflns.observed_criterion_sigma_F   15 
_reflns.observed_criterion_sigma_I   15 
_reflns.d_resolution_high            2.4 
_reflns.d_resolution_low             20 
_reflns.number_all                   244364 
_reflns.number_obs                   61091 
_reflns.percent_possible_obs         95.8 
_reflns.pdbx_Rmerge_I_obs            0.102 
_reflns.pdbx_Rsym_value              0.102 
_reflns.pdbx_netI_over_sigmaI        10 
_reflns.B_iso_Wilson_estimate        ? 
_reflns.pdbx_redundancy              4 
_reflns.R_free_details               ? 
_reflns.limit_h_max                  ? 
_reflns.limit_h_min                  ? 
_reflns.limit_k_max                  ? 
_reflns.limit_k_min                  ? 
_reflns.limit_l_max                  ? 
_reflns.limit_l_min                  ? 
_reflns.observed_criterion_F_max     ? 
_reflns.observed_criterion_F_min     ? 
_reflns.pdbx_chi_squared             ? 
_reflns.pdbx_scaling_rejects         ? 
_reflns.pdbx_diffrn_id               1 
_reflns.pdbx_ordinal                 1 
# 
_reflns_shell.d_res_high             2.4 
_reflns_shell.d_res_low              20 
_reflns_shell.percent_possible_all   90.2 
_reflns_shell.Rmerge_I_obs           0.102 
_reflns_shell.pdbx_Rsym_value        0.102 
_reflns_shell.meanI_over_sigI_obs    5 
_reflns_shell.pdbx_redundancy        2.4 
_reflns_shell.percent_possible_obs   ? 
_reflns_shell.number_unique_all      1684 
_reflns_shell.number_measured_all    ? 
_reflns_shell.number_measured_obs    ? 
_reflns_shell.number_unique_obs      ? 
_reflns_shell.pdbx_chi_squared       ? 
_reflns_shell.pdbx_diffrn_id         ? 
_reflns_shell.pdbx_ordinal           1 
# 
_refine.entry_id                                 2ADQ 
_refine.ls_d_res_high                            2.4 
_refine.ls_d_res_low                             20 
_refine.pdbx_ls_sigma_F                          2 
_refine.pdbx_ls_sigma_I                          2 
_refine.ls_number_reflns_all                     244364 
_refine.ls_number_reflns_obs                     61091 
_refine.ls_number_reflns_R_free                  ? 
_refine.ls_percent_reflns_obs                    95.8 
_refine.ls_R_factor_all                          0.217 
_refine.ls_R_factor_obs                          0.217 
_refine.ls_R_factor_R_work                       0.217 
_refine.ls_R_factor_R_free                       0.24 
_refine.ls_redundancy_reflns_obs                 ? 
_refine.pdbx_data_cutoff_high_absF               ? 
_refine.pdbx_data_cutoff_low_absF                ? 
_refine.ls_number_parameters                     ? 
_refine.ls_number_restraints                     ? 
_refine.ls_percent_reflns_R_free                 ? 
_refine.ls_R_factor_R_free_error                 ? 
_refine.ls_R_factor_R_free_error_details         ? 
_refine.pdbx_method_to_determine_struct          'MOLECULAR REPLACEMENT' 
_refine.pdbx_starting_model                      'wildtype manganese superoxide dismutase' 
_refine.pdbx_ls_cross_valid_method               THROUGHOUT 
_refine.pdbx_R_Free_selection_details            Random 
_refine.pdbx_stereochem_target_val_spec_case     ? 
_refine.pdbx_stereochemistry_target_values       'Engh & Huber' 
_refine.solvent_model_details                    ? 
_refine.solvent_model_param_bsol                 ? 
_refine.solvent_model_param_ksol                 ? 
_refine.occupancy_max                            ? 
_refine.occupancy_min                            ? 
_refine.pdbx_isotropic_thermal_model             isotropic 
_refine.B_iso_mean                               28 
_refine.aniso_B[1][1]                            ? 
_refine.aniso_B[1][2]                            ? 
_refine.aniso_B[1][3]                            ? 
_refine.aniso_B[2][2]                            ? 
_refine.aniso_B[2][3]                            ? 
_refine.aniso_B[3][3]                            ? 
_refine.details                                  ? 
_refine.B_iso_min                                ? 
_refine.B_iso_max                                ? 
_refine.correlation_coeff_Fo_to_Fc               ? 
_refine.correlation_coeff_Fo_to_Fc_free          ? 
_refine.pdbx_solvent_vdw_probe_radii             ? 
_refine.pdbx_solvent_ion_probe_radii             ? 
_refine.pdbx_solvent_shrinkage_radii             ? 
_refine.overall_SU_R_Cruickshank_DPI             ? 
_refine.overall_SU_R_free                        ? 
_refine.overall_SU_ML                            ? 
_refine.overall_SU_B                             ? 
_refine.pdbx_overall_ESU_R_Free                  ? 
_refine.pdbx_data_cutoff_high_rms_absF           ? 
_refine.pdbx_overall_ESU_R                       ? 
_refine.ls_wR_factor_R_free                      ? 
_refine.ls_wR_factor_R_work                      ? 
_refine.overall_FOM_free_R_set                   ? 
_refine.overall_FOM_work_R_set                   ? 
_refine.pdbx_refine_id                           'X-RAY DIFFRACTION' 
_refine.pdbx_diffrn_id                           1 
_refine.pdbx_TLS_residual_ADP_flag               ? 
_refine.pdbx_overall_phase_error                 ? 
_refine.pdbx_overall_SU_R_free_Cruickshank_DPI   ? 
_refine.pdbx_overall_SU_R_Blow_DPI               ? 
_refine.pdbx_overall_SU_R_free_Blow_DPI          ? 
# 
_refine_hist.pdbx_refine_id                   'X-RAY DIFFRACTION' 
_refine_hist.cycle_id                         LAST 
_refine_hist.pdbx_number_atoms_protein        1553 
_refine_hist.pdbx_number_atoms_nucleic_acid   0 
_refine_hist.pdbx_number_atoms_ligand         2 
_refine_hist.number_atoms_solvent             74 
_refine_hist.number_atoms_total               1629 
_refine_hist.d_res_high                       2.4 
_refine_hist.d_res_low                        20 
# 
loop_
_refine_ls_restr.type 
_refine_ls_restr.dev_ideal 
_refine_ls_restr.dev_ideal_target 
_refine_ls_restr.weight 
_refine_ls_restr.number 
_refine_ls_restr.pdbx_refine_id 
_refine_ls_restr.pdbx_restraint_function 
c_angle_d 1.3  ? ? ? 'X-RAY DIFFRACTION' ? 
c_bond_d  .006 ? ? ? 'X-RAY DIFFRACTION' ? 
# 
_struct.entry_id                  2ADQ 
_struct.title                     'Human Manganese Superoxide Dismutase' 
_struct.pdbx_model_details        ? 
_struct.pdbx_CASP_flag            ? 
_struct.pdbx_model_type_details   ? 
# 
_struct_keywords.entry_id        2ADQ 
_struct_keywords.pdbx_keywords   OXIDOREDUCTASE 
_struct_keywords.text            'cancer, free radicals, proton shuttle, Oxidoreductase' 
# 
loop_
_struct_asym.id 
_struct_asym.pdbx_blank_PDB_chainid_flag 
_struct_asym.pdbx_modified 
_struct_asym.entity_id 
_struct_asym.details 
A N N 1 ? 
B N N 2 ? 
C N N 3 ? 
D N N 4 ? 
# 
_struct_ref.id                         1 
_struct_ref.db_name                    UNP 
_struct_ref.db_code                    SODM_HUMAN 
_struct_ref.pdbx_db_accession          P04179 
_struct_ref.entity_id                  1 
_struct_ref.pdbx_align_begin           25 
_struct_ref.pdbx_db_isoform            ? 
_struct_ref.pdbx_seq_one_letter_code   ? 
# 
_struct_ref_seq.align_id                      1 
_struct_ref_seq.ref_id                        1 
_struct_ref_seq.pdbx_PDB_id_code              2ADQ 
_struct_ref_seq.pdbx_strand_id                B 
_struct_ref_seq.seq_align_beg                 1 
_struct_ref_seq.pdbx_seq_align_beg_ins_code   ? 
_struct_ref_seq.seq_align_end                 198 
_struct_ref_seq.pdbx_seq_align_end_ins_code   ? 
_struct_ref_seq.pdbx_db_accession             P04179 
_struct_ref_seq.db_align_beg                  25 
_struct_ref_seq.pdbx_db_align_beg_ins_code    ? 
_struct_ref_seq.db_align_end                  222 
_struct_ref_seq.pdbx_db_align_end_ins_code    ? 
_struct_ref_seq.pdbx_auth_seq_align_beg       1 
_struct_ref_seq.pdbx_auth_seq_align_end       198 
# 
_pdbx_struct_assembly.id                   1 
_pdbx_struct_assembly.details              author_defined_assembly 
_pdbx_struct_assembly.method_details       ? 
_pdbx_struct_assembly.oligomeric_details   dimeric 
_pdbx_struct_assembly.oligomeric_count     2 
# 
_pdbx_struct_assembly_gen.assembly_id       1 
_pdbx_struct_assembly_gen.oper_expression   1,2 
_pdbx_struct_assembly_gen.asym_id_list      A,B,C,D 
# 
loop_
_pdbx_struct_oper_list.id 
_pdbx_struct_oper_list.type 
_pdbx_struct_oper_list.name 
_pdbx_struct_oper_list.symmetry_operation 
_pdbx_struct_oper_list.matrix[1][1] 
_pdbx_struct_oper_list.matrix[1][2] 
_pdbx_struct_oper_list.matrix[1][3] 
_pdbx_struct_oper_list.vector[1] 
_pdbx_struct_oper_list.matrix[2][1] 
_pdbx_struct_oper_list.matrix[2][2] 
_pdbx_struct_oper_list.matrix[2][3] 
_pdbx_struct_oper_list.vector[2] 
_pdbx_struct_oper_list.matrix[3][1] 
_pdbx_struct_oper_list.matrix[3][2] 
_pdbx_struct_oper_list.matrix[3][3] 
_pdbx_struct_oper_list.vector[3] 
1 'identity operation'         1_555  x,y,z             1.0000000000  0.0000000000  0.0000000000 0.0000000000  0.0000000000  1.0000000000  0.0000000000  0.0000000000  0.0000000000 0.0000000000  1.0000000000 0.0000000000  
2 'crystal symmetry operation' 10_666 -y+1,-x+1,-z+11/6 -0.7390276710 -0.3841645216 0.5534037603 -2.9290518910 -0.3841645216 -0.4344903148 -0.8146384393 23.2005898635 0.5534037603 -0.8146384393 0.1735179858 17.4867713113 
# 
loop_
_struct_conf.conf_type_id 
_struct_conf.id 
_struct_conf.pdbx_PDB_helix_id 
_struct_conf.beg_label_comp_id 
_struct_conf.beg_label_asym_id 
_struct_conf.beg_label_seq_id 
_struct_conf.pdbx_beg_PDB_ins_code 
_struct_conf.end_label_comp_id 
_struct_conf.end_label_asym_id 
_struct_conf.end_label_seq_id 
_struct_conf.pdbx_end_PDB_ins_code 
_struct_conf.beg_auth_comp_id 
_struct_conf.beg_auth_asym_id 
_struct_conf.beg_auth_seq_id 
_struct_conf.end_auth_comp_id 
_struct_conf.end_auth_asym_id 
_struct_conf.end_auth_seq_id 
_struct_conf.pdbx_PDB_helix_class 
_struct_conf.details 
_struct_conf.pdbx_PDB_helix_length 
HELX_P HELX_P1  1  ASN A 19  ? LYS A 29  ? ASN B 19  LYS B 29  1 ? 11 
HELX_P HELX_P2  2  LYS A 29  ? LYS A 51  ? LYS B 29  LYS B 51  1 ? 23 
HELX_P HELX_P3  3  ASP A 53  ? LEU A 60  ? ASP B 53  LEU B 60  1 ? 8  
HELX_P HELX_P4  4  LEU A 60  ? LEU A 81  ? LEU B 60  LEU B 81  1 ? 22 
HELX_P HELX_P5  5  GLY A 91  ? GLY A 102 ? GLY B 91  GLY B 102 1 ? 12 
HELX_P HELX_P6  6  SER A 103 ? GLY A 117 ? SER B 103 GLY B 117 1 ? 15 
HELX_P HELX_P7  7  PRO A 145 ? GLY A 151 ? PRO B 145 GLY B 151 1 ? 7  
HELX_P HELX_P8  8  TRP A 161 ? ALA A 164 ? TRP B 161 ALA B 164 5 ? 4  
HELX_P HELX_P9  9  TYR A 165 ? LYS A 170 ? TYR B 165 LYS B 170 1 ? 6  
HELX_P HELX_P10 10 VAL A 172 ? TRP A 181 ? VAL B 172 TRP B 181 1 ? 10 
HELX_P HELX_P11 11 ASN A 182 ? ILE A 184 ? ASN B 182 ILE B 184 5 ? 3  
HELX_P HELX_P12 12 ASN A 185 ? ALA A 195 ? ASN B 185 ALA B 195 1 ? 11 
# 
_struct_conf_type.id          HELX_P 
_struct_conf_type.criteria    ? 
_struct_conf_type.reference   ? 
# 
loop_
_struct_conn.id 
_struct_conn.conn_type_id 
_struct_conn.pdbx_leaving_atom_flag 
_struct_conn.pdbx_PDB_id 
_struct_conn.ptnr1_label_asym_id 
_struct_conn.ptnr1_label_comp_id 
_struct_conn.ptnr1_label_seq_id 
_struct_conn.ptnr1_label_atom_id 
_struct_conn.pdbx_ptnr1_label_alt_id 
_struct_conn.pdbx_ptnr1_PDB_ins_code 
_struct_conn.pdbx_ptnr1_standard_comp_id 
_struct_conn.ptnr1_symmetry 
_struct_conn.ptnr2_label_asym_id 
_struct_conn.ptnr2_label_comp_id 
_struct_conn.ptnr2_label_seq_id 
_struct_conn.ptnr2_label_atom_id 
_struct_conn.pdbx_ptnr2_label_alt_id 
_struct_conn.pdbx_ptnr2_PDB_ins_code 
_struct_conn.ptnr1_auth_asym_id 
_struct_conn.ptnr1_auth_comp_id 
_struct_conn.ptnr1_auth_seq_id 
_struct_conn.ptnr2_auth_asym_id 
_struct_conn.ptnr2_auth_comp_id 
_struct_conn.ptnr2_auth_seq_id 
_struct_conn.ptnr2_symmetry 
_struct_conn.pdbx_ptnr3_label_atom_id 
_struct_conn.pdbx_ptnr3_label_seq_id 
_struct_conn.pdbx_ptnr3_label_comp_id 
_struct_conn.pdbx_ptnr3_label_asym_id 
_struct_conn.pdbx_ptnr3_label_alt_id 
_struct_conn.pdbx_ptnr3_PDB_ins_code 
_struct_conn.details 
_struct_conn.pdbx_dist_value 
_struct_conn.pdbx_value_order 
_struct_conn.pdbx_role 
metalc1 metalc ? ? A HIS 26  NE2 ? ? ? 1_555 B MN  . MN ? ? B HIS 26  B MN  199 1_555 ? ? ? ? ? ? ? 2.119 ? ? 
metalc2 metalc ? ? A HIS 71  NE2 ? ? ? 1_555 C K   . K  ? ? B HIS 71  B K   200 1_555 ? ? ? ? ? ? ? 3.517 ? ? 
metalc3 metalc ? ? A HIS 74  NE2 ? ? ? 1_555 B MN  . MN ? ? B HIS 74  B MN  199 1_555 ? ? ? ? ? ? ? 2.229 ? ? 
metalc4 metalc ? ? A ASP 159 OD2 ? ? ? 1_555 B MN  . MN ? ? B ASP 159 B MN  199 1_555 ? ? ? ? ? ? ? 2.037 ? ? 
metalc5 metalc ? ? A HIS 163 NE2 ? ? ? 1_555 B MN  . MN ? ? B HIS 163 B MN  199 1_555 ? ? ? ? ? ? ? 2.253 ? ? 
metalc6 metalc ? ? B MN  .   MN  ? ? ? 1_555 D HOH . O  ? ? B MN  199 B HOH 217 1_555 ? ? ? ? ? ? ? 2.057 ? ? 
# 
_struct_conn_type.id          metalc 
_struct_conn_type.criteria    ? 
_struct_conn_type.reference   ? 
# 
loop_
_pdbx_struct_conn_angle.id 
_pdbx_struct_conn_angle.ptnr1_label_atom_id 
_pdbx_struct_conn_angle.ptnr1_label_alt_id 
_pdbx_struct_conn_angle.ptnr1_label_asym_id 
_pdbx_struct_conn_angle.ptnr1_label_comp_id 
_pdbx_struct_conn_angle.ptnr1_label_seq_id 
_pdbx_struct_conn_angle.ptnr1_auth_atom_id 
_pdbx_struct_conn_angle.ptnr1_auth_asym_id 
_pdbx_struct_conn_angle.ptnr1_auth_comp_id 
_pdbx_struct_conn_angle.ptnr1_auth_seq_id 
_pdbx_struct_conn_angle.ptnr1_PDB_ins_code 
_pdbx_struct_conn_angle.ptnr1_symmetry 
_pdbx_struct_conn_angle.ptnr2_label_atom_id 
_pdbx_struct_conn_angle.ptnr2_label_alt_id 
_pdbx_struct_conn_angle.ptnr2_label_asym_id 
_pdbx_struct_conn_angle.ptnr2_label_comp_id 
_pdbx_struct_conn_angle.ptnr2_label_seq_id 
_pdbx_struct_conn_angle.ptnr2_auth_atom_id 
_pdbx_struct_conn_angle.ptnr2_auth_asym_id 
_pdbx_struct_conn_angle.ptnr2_auth_comp_id 
_pdbx_struct_conn_angle.ptnr2_auth_seq_id 
_pdbx_struct_conn_angle.ptnr2_PDB_ins_code 
_pdbx_struct_conn_angle.ptnr2_symmetry 
_pdbx_struct_conn_angle.ptnr3_label_atom_id 
_pdbx_struct_conn_angle.ptnr3_label_alt_id 
_pdbx_struct_conn_angle.ptnr3_label_asym_id 
_pdbx_struct_conn_angle.ptnr3_label_comp_id 
_pdbx_struct_conn_angle.ptnr3_label_seq_id 
_pdbx_struct_conn_angle.ptnr3_auth_atom_id 
_pdbx_struct_conn_angle.ptnr3_auth_asym_id 
_pdbx_struct_conn_angle.ptnr3_auth_comp_id 
_pdbx_struct_conn_angle.ptnr3_auth_seq_id 
_pdbx_struct_conn_angle.ptnr3_PDB_ins_code 
_pdbx_struct_conn_angle.ptnr3_symmetry 
_pdbx_struct_conn_angle.value 
_pdbx_struct_conn_angle.value_esd 
1  NE2 ? A HIS 26  ? B HIS 26  ? 1_555 MN ? B MN . ? B MN 199 ? 1_555 NE2 ? A HIS 74  ? B HIS 74  ? 1_555 90.4  ? 
2  NE2 ? A HIS 26  ? B HIS 26  ? 1_555 MN ? B MN . ? B MN 199 ? 1_555 OD2 ? A ASP 159 ? B ASP 159 ? 1_555 84.0  ? 
3  NE2 ? A HIS 74  ? B HIS 74  ? 1_555 MN ? B MN . ? B MN 199 ? 1_555 OD2 ? A ASP 159 ? B ASP 159 ? 1_555 107.7 ? 
4  NE2 ? A HIS 26  ? B HIS 26  ? 1_555 MN ? B MN . ? B MN 199 ? 1_555 NE2 ? A HIS 163 ? B HIS 163 ? 1_555 92.3  ? 
5  NE2 ? A HIS 74  ? B HIS 74  ? 1_555 MN ? B MN . ? B MN 199 ? 1_555 NE2 ? A HIS 163 ? B HIS 163 ? 1_555 136.6 ? 
6  OD2 ? A ASP 159 ? B ASP 159 ? 1_555 MN ? B MN . ? B MN 199 ? 1_555 NE2 ? A HIS 163 ? B HIS 163 ? 1_555 115.7 ? 
7  NE2 ? A HIS 26  ? B HIS 26  ? 1_555 MN ? B MN . ? B MN 199 ? 1_555 O   ? D HOH .   ? B HOH 217 ? 1_555 168.7 ? 
8  NE2 ? A HIS 74  ? B HIS 74  ? 1_555 MN ? B MN . ? B MN 199 ? 1_555 O   ? D HOH .   ? B HOH 217 ? 1_555 94.3  ? 
9  OD2 ? A ASP 159 ? B ASP 159 ? 1_555 MN ? B MN . ? B MN 199 ? 1_555 O   ? D HOH .   ? B HOH 217 ? 1_555 84.8  ? 
10 NE2 ? A HIS 163 ? B HIS 163 ? 1_555 MN ? B MN . ? B MN 199 ? 1_555 O   ? D HOH .   ? B HOH 217 ? 1_555 91.4  ? 
# 
_struct_mon_prot_cis.pdbx_id                1 
_struct_mon_prot_cis.label_comp_id          GLU 
_struct_mon_prot_cis.label_seq_id           15 
_struct_mon_prot_cis.label_asym_id          A 
_struct_mon_prot_cis.label_alt_id           . 
_struct_mon_prot_cis.pdbx_PDB_ins_code      ? 
_struct_mon_prot_cis.auth_comp_id           GLU 
_struct_mon_prot_cis.auth_seq_id            15 
_struct_mon_prot_cis.auth_asym_id           B 
_struct_mon_prot_cis.pdbx_label_comp_id_2   PRO 
_struct_mon_prot_cis.pdbx_label_seq_id_2    16 
_struct_mon_prot_cis.pdbx_label_asym_id_2   A 
_struct_mon_prot_cis.pdbx_PDB_ins_code_2    ? 
_struct_mon_prot_cis.pdbx_auth_comp_id_2    PRO 
_struct_mon_prot_cis.pdbx_auth_seq_id_2     16 
_struct_mon_prot_cis.pdbx_auth_asym_id_2    B 
_struct_mon_prot_cis.pdbx_PDB_model_num     1 
_struct_mon_prot_cis.pdbx_omega_angle       0.10 
# 
_struct_sheet.id               A 
_struct_sheet.type             ? 
_struct_sheet.number_strands   3 
_struct_sheet.details          ? 
# 
loop_
_struct_sheet_order.sheet_id 
_struct_sheet_order.range_id_1 
_struct_sheet_order.range_id_2 
_struct_sheet_order.offset 
_struct_sheet_order.sense 
A 1 2 ? anti-parallel 
A 2 3 ? anti-parallel 
# 
loop_
_struct_sheet_range.sheet_id 
_struct_sheet_range.id 
_struct_sheet_range.beg_label_comp_id 
_struct_sheet_range.beg_label_asym_id 
_struct_sheet_range.beg_label_seq_id 
_struct_sheet_range.pdbx_beg_PDB_ins_code 
_struct_sheet_range.end_label_comp_id 
_struct_sheet_range.end_label_asym_id 
_struct_sheet_range.end_label_seq_id 
_struct_sheet_range.pdbx_end_PDB_ins_code 
_struct_sheet_range.beg_auth_comp_id 
_struct_sheet_range.beg_auth_asym_id 
_struct_sheet_range.beg_auth_seq_id 
_struct_sheet_range.end_auth_comp_id 
_struct_sheet_range.end_auth_asym_id 
_struct_sheet_range.end_auth_seq_id 
A 1 HIS A 134 ? PRO A 141 ? HIS B 134 PRO B 141 
A 2 GLY A 122 ? ASN A 129 ? GLY B 122 ASN B 129 
A 3 ILE A 153 ? ASP A 159 ? ILE B 153 ASP B 159 
# 
loop_
_pdbx_struct_sheet_hbond.sheet_id 
_pdbx_struct_sheet_hbond.range_id_1 
_pdbx_struct_sheet_hbond.range_id_2 
_pdbx_struct_sheet_hbond.range_1_label_atom_id 
_pdbx_struct_sheet_hbond.range_1_label_comp_id 
_pdbx_struct_sheet_hbond.range_1_label_asym_id 
_pdbx_struct_sheet_hbond.range_1_label_seq_id 
_pdbx_struct_sheet_hbond.range_1_PDB_ins_code 
_pdbx_struct_sheet_hbond.range_1_auth_atom_id 
_pdbx_struct_sheet_hbond.range_1_auth_comp_id 
_pdbx_struct_sheet_hbond.range_1_auth_asym_id 
_pdbx_struct_sheet_hbond.range_1_auth_seq_id 
_pdbx_struct_sheet_hbond.range_2_label_atom_id 
_pdbx_struct_sheet_hbond.range_2_label_comp_id 
_pdbx_struct_sheet_hbond.range_2_label_asym_id 
_pdbx_struct_sheet_hbond.range_2_label_seq_id 
_pdbx_struct_sheet_hbond.range_2_PDB_ins_code 
_pdbx_struct_sheet_hbond.range_2_auth_atom_id 
_pdbx_struct_sheet_hbond.range_2_auth_comp_id 
_pdbx_struct_sheet_hbond.range_2_auth_asym_id 
_pdbx_struct_sheet_hbond.range_2_auth_seq_id 
A 1 2 O ALA A 138 ? O ALA B 138 N TRP A 125 ? N TRP B 125 
A 2 3 N GLY A 124 ? N GLY B 124 O ILE A 158 ? O ILE B 158 
# 
loop_
_struct_site.id 
_struct_site.pdbx_evidence_code 
_struct_site.pdbx_auth_asym_id 
_struct_site.pdbx_auth_comp_id 
_struct_site.pdbx_auth_seq_id 
_struct_site.pdbx_auth_ins_code 
_struct_site.pdbx_num_residues 
_struct_site.details 
AC1 Software B MN 199 ? 5 'BINDING SITE FOR RESIDUE MN B 199' 
AC2 Software B K  200 ? 2 'BINDING SITE FOR RESIDUE K B 200'  
# 
loop_
_struct_site_gen.id 
_struct_site_gen.site_id 
_struct_site_gen.pdbx_num_res 
_struct_site_gen.label_comp_id 
_struct_site_gen.label_asym_id 
_struct_site_gen.label_seq_id 
_struct_site_gen.pdbx_auth_ins_code 
_struct_site_gen.auth_comp_id 
_struct_site_gen.auth_asym_id 
_struct_site_gen.auth_seq_id 
_struct_site_gen.label_atom_id 
_struct_site_gen.label_alt_id 
_struct_site_gen.symmetry 
_struct_site_gen.details 
1 AC1 5 HIS A 26  ? HIS B 26  . ? 1_555 ? 
2 AC1 5 HIS A 74  ? HIS B 74  . ? 1_555 ? 
3 AC1 5 ASP A 159 ? ASP B 159 . ? 1_555 ? 
4 AC1 5 HIS A 163 ? HIS B 163 . ? 1_555 ? 
5 AC1 5 HOH D .   ? HOH B 217 . ? 1_555 ? 
6 AC2 2 HIS A 2   ? HIS B 2   . ? 1_555 ? 
7 AC2 2 HIS A 71  ? HIS B 71  . ? 1_555 ? 
# 
_pdbx_validate_rmsd_bond.id                        1 
_pdbx_validate_rmsd_bond.PDB_model_num             1 
_pdbx_validate_rmsd_bond.auth_atom_id_1            CA 
_pdbx_validate_rmsd_bond.auth_asym_id_1            B 
_pdbx_validate_rmsd_bond.auth_comp_id_1            SER 
_pdbx_validate_rmsd_bond.auth_seq_id_1             3 
_pdbx_validate_rmsd_bond.PDB_ins_code_1            ? 
_pdbx_validate_rmsd_bond.label_alt_id_1            ? 
_pdbx_validate_rmsd_bond.auth_atom_id_2            CB 
_pdbx_validate_rmsd_bond.auth_asym_id_2            B 
_pdbx_validate_rmsd_bond.auth_comp_id_2            SER 
_pdbx_validate_rmsd_bond.auth_seq_id_2             3 
_pdbx_validate_rmsd_bond.PDB_ins_code_2            ? 
_pdbx_validate_rmsd_bond.label_alt_id_2            ? 
_pdbx_validate_rmsd_bond.bond_value                1.660 
_pdbx_validate_rmsd_bond.bond_target_value         1.525 
_pdbx_validate_rmsd_bond.bond_deviation            0.135 
_pdbx_validate_rmsd_bond.bond_standard_deviation   0.015 
_pdbx_validate_rmsd_bond.linker_flag               N 
# 
loop_
_pdbx_validate_rmsd_angle.id 
_pdbx_validate_rmsd_angle.PDB_model_num 
_pdbx_validate_rmsd_angle.auth_atom_id_1 
_pdbx_validate_rmsd_angle.auth_asym_id_1 
_pdbx_validate_rmsd_angle.auth_comp_id_1 
_pdbx_validate_rmsd_angle.auth_seq_id_1 
_pdbx_validate_rmsd_angle.PDB_ins_code_1 
_pdbx_validate_rmsd_angle.label_alt_id_1 
_pdbx_validate_rmsd_angle.auth_atom_id_2 
_pdbx_validate_rmsd_angle.auth_asym_id_2 
_pdbx_validate_rmsd_angle.auth_comp_id_2 
_pdbx_validate_rmsd_angle.auth_seq_id_2 
_pdbx_validate_rmsd_angle.PDB_ins_code_2 
_pdbx_validate_rmsd_angle.label_alt_id_2 
_pdbx_validate_rmsd_angle.auth_atom_id_3 
_pdbx_validate_rmsd_angle.auth_asym_id_3 
_pdbx_validate_rmsd_angle.auth_comp_id_3 
_pdbx_validate_rmsd_angle.auth_seq_id_3 
_pdbx_validate_rmsd_angle.PDB_ins_code_3 
_pdbx_validate_rmsd_angle.label_alt_id_3 
_pdbx_validate_rmsd_angle.angle_value 
_pdbx_validate_rmsd_angle.angle_target_value 
_pdbx_validate_rmsd_angle.angle_deviation 
_pdbx_validate_rmsd_angle.angle_standard_deviation 
_pdbx_validate_rmsd_angle.linker_flag 
1 1 N  B SER 3 ? ? CA B SER 3 ? ? CB B SER 3 ? ? 97.27  110.50 -13.23 1.50 N 
2 1 CA B SER 3 ? ? CB B SER 3 ? ? OG B SER 3 ? ? 134.78 111.20 23.58  2.70 N 
# 
loop_
_pdbx_validate_torsion.id 
_pdbx_validate_torsion.PDB_model_num 
_pdbx_validate_torsion.auth_comp_id 
_pdbx_validate_torsion.auth_asym_id 
_pdbx_validate_torsion.auth_seq_id 
_pdbx_validate_torsion.PDB_ins_code 
_pdbx_validate_torsion.label_alt_id 
_pdbx_validate_torsion.phi 
_pdbx_validate_torsion.psi 
1 1 ASN B 142 ? ? 47.50   -113.89 
2 1 TYR B 165 ? ? -154.55 -15.11  
3 1 LYS B 170 ? ? 54.79   -133.37 
# 
_pdbx_struct_special_symmetry.id              1 
_pdbx_struct_special_symmetry.PDB_model_num   1 
_pdbx_struct_special_symmetry.auth_asym_id    B 
_pdbx_struct_special_symmetry.auth_comp_id    HOH 
_pdbx_struct_special_symmetry.auth_seq_id     218 
_pdbx_struct_special_symmetry.PDB_ins_code    ? 
_pdbx_struct_special_symmetry.label_asym_id   D 
_pdbx_struct_special_symmetry.label_comp_id   HOH 
_pdbx_struct_special_symmetry.label_seq_id    . 
# 
loop_
_pdbx_unobs_or_zero_occ_residues.id 
_pdbx_unobs_or_zero_occ_residues.PDB_model_num 
_pdbx_unobs_or_zero_occ_residues.polymer_flag 
_pdbx_unobs_or_zero_occ_residues.occupancy_flag 
_pdbx_unobs_or_zero_occ_residues.auth_asym_id 
_pdbx_unobs_or_zero_occ_residues.auth_comp_id 
_pdbx_unobs_or_zero_occ_residues.auth_seq_id 
_pdbx_unobs_or_zero_occ_residues.PDB_ins_code 
_pdbx_unobs_or_zero_occ_residues.label_asym_id 
_pdbx_unobs_or_zero_occ_residues.label_comp_id 
_pdbx_unobs_or_zero_occ_residues.label_seq_id 
1 1 Y 1 B LYS 197 ? A LYS 197 
2 1 Y 1 B LYS 198 ? A LYS 198 
# 
loop_
_chem_comp_atom.comp_id 
_chem_comp_atom.atom_id 
_chem_comp_atom.type_symbol 
_chem_comp_atom.pdbx_aromatic_flag 
_chem_comp_atom.pdbx_stereo_config 
_chem_comp_atom.pdbx_ordinal 
ALA N    N  N N 1   
ALA CA   C  N S 2   
ALA C    C  N N 3   
ALA O    O  N N 4   
ALA CB   C  N N 5   
ALA OXT  O  N N 6   
ALA H    H  N N 7   
ALA H2   H  N N 8   
ALA HA   H  N N 9   
ALA HB1  H  N N 10  
ALA HB2  H  N N 11  
ALA HB3  H  N N 12  
ALA HXT  H  N N 13  
ARG N    N  N N 14  
ARG CA   C  N S 15  
ARG C    C  N N 16  
ARG O    O  N N 17  
ARG CB   C  N N 18  
ARG CG   C  N N 19  
ARG CD   C  N N 20  
ARG NE   N  N N 21  
ARG CZ   C  N N 22  
ARG NH1  N  N N 23  
ARG NH2  N  N N 24  
ARG OXT  O  N N 25  
ARG H    H  N N 26  
ARG H2   H  N N 27  
ARG HA   H  N N 28  
ARG HB2  H  N N 29  
ARG HB3  H  N N 30  
ARG HG2  H  N N 31  
ARG HG3  H  N N 32  
ARG HD2  H  N N 33  
ARG HD3  H  N N 34  
ARG HE   H  N N 35  
ARG HH11 H  N N 36  
ARG HH12 H  N N 37  
ARG HH21 H  N N 38  
ARG HH22 H  N N 39  
ARG HXT  H  N N 40  
ASN N    N  N N 41  
ASN CA   C  N S 42  
ASN C    C  N N 43  
ASN O    O  N N 44  
ASN CB   C  N N 45  
ASN CG   C  N N 46  
ASN OD1  O  N N 47  
ASN ND2  N  N N 48  
ASN OXT  O  N N 49  
ASN H    H  N N 50  
ASN H2   H  N N 51  
ASN HA   H  N N 52  
ASN HB2  H  N N 53  
ASN HB3  H  N N 54  
ASN HD21 H  N N 55  
ASN HD22 H  N N 56  
ASN HXT  H  N N 57  
ASP N    N  N N 58  
ASP CA   C  N S 59  
ASP C    C  N N 60  
ASP O    O  N N 61  
ASP CB   C  N N 62  
ASP CG   C  N N 63  
ASP OD1  O  N N 64  
ASP OD2  O  N N 65  
ASP OXT  O  N N 66  
ASP H    H  N N 67  
ASP H2   H  N N 68  
ASP HA   H  N N 69  
ASP HB2  H  N N 70  
ASP HB3  H  N N 71  
ASP HD2  H  N N 72  
ASP HXT  H  N N 73  
CYS N    N  N N 74  
CYS CA   C  N R 75  
CYS C    C  N N 76  
CYS O    O  N N 77  
CYS CB   C  N N 78  
CYS SG   S  N N 79  
CYS OXT  O  N N 80  
CYS H    H  N N 81  
CYS H2   H  N N 82  
CYS HA   H  N N 83  
CYS HB2  H  N N 84  
CYS HB3  H  N N 85  
CYS HG   H  N N 86  
CYS HXT  H  N N 87  
GLN N    N  N N 88  
GLN CA   C  N S 89  
GLN C    C  N N 90  
GLN O    O  N N 91  
GLN CB   C  N N 92  
GLN CG   C  N N 93  
GLN CD   C  N N 94  
GLN OE1  O  N N 95  
GLN NE2  N  N N 96  
GLN OXT  O  N N 97  
GLN H    H  N N 98  
GLN H2   H  N N 99  
GLN HA   H  N N 100 
GLN HB2  H  N N 101 
GLN HB3  H  N N 102 
GLN HG2  H  N N 103 
GLN HG3  H  N N 104 
GLN HE21 H  N N 105 
GLN HE22 H  N N 106 
GLN HXT  H  N N 107 
GLU N    N  N N 108 
GLU CA   C  N S 109 
GLU C    C  N N 110 
GLU O    O  N N 111 
GLU CB   C  N N 112 
GLU CG   C  N N 113 
GLU CD   C  N N 114 
GLU OE1  O  N N 115 
GLU OE2  O  N N 116 
GLU OXT  O  N N 117 
GLU H    H  N N 118 
GLU H2   H  N N 119 
GLU HA   H  N N 120 
GLU HB2  H  N N 121 
GLU HB3  H  N N 122 
GLU HG2  H  N N 123 
GLU HG3  H  N N 124 
GLU HE2  H  N N 125 
GLU HXT  H  N N 126 
GLY N    N  N N 127 
GLY CA   C  N N 128 
GLY C    C  N N 129 
GLY O    O  N N 130 
GLY OXT  O  N N 131 
GLY H    H  N N 132 
GLY H2   H  N N 133 
GLY HA2  H  N N 134 
GLY HA3  H  N N 135 
GLY HXT  H  N N 136 
HIS N    N  N N 137 
HIS CA   C  N S 138 
HIS C    C  N N 139 
HIS O    O  N N 140 
HIS CB   C  N N 141 
HIS CG   C  Y N 142 
HIS ND1  N  Y N 143 
HIS CD2  C  Y N 144 
HIS CE1  C  Y N 145 
HIS NE2  N  Y N 146 
HIS OXT  O  N N 147 
HIS H    H  N N 148 
HIS H2   H  N N 149 
HIS HA   H  N N 150 
HIS HB2  H  N N 151 
HIS HB3  H  N N 152 
HIS HD1  H  N N 153 
HIS HD2  H  N N 154 
HIS HE1  H  N N 155 
HIS HE2  H  N N 156 
HIS HXT  H  N N 157 
HOH O    O  N N 158 
HOH H1   H  N N 159 
HOH H2   H  N N 160 
ILE N    N  N N 161 
ILE CA   C  N S 162 
ILE C    C  N N 163 
ILE O    O  N N 164 
ILE CB   C  N S 165 
ILE CG1  C  N N 166 
ILE CG2  C  N N 167 
ILE CD1  C  N N 168 
ILE OXT  O  N N 169 
ILE H    H  N N 170 
ILE H2   H  N N 171 
ILE HA   H  N N 172 
ILE HB   H  N N 173 
ILE HG12 H  N N 174 
ILE HG13 H  N N 175 
ILE HG21 H  N N 176 
ILE HG22 H  N N 177 
ILE HG23 H  N N 178 
ILE HD11 H  N N 179 
ILE HD12 H  N N 180 
ILE HD13 H  N N 181 
ILE HXT  H  N N 182 
K   K    K  N N 183 
LEU N    N  N N 184 
LEU CA   C  N S 185 
LEU C    C  N N 186 
LEU O    O  N N 187 
LEU CB   C  N N 188 
LEU CG   C  N N 189 
LEU CD1  C  N N 190 
LEU CD2  C  N N 191 
LEU OXT  O  N N 192 
LEU H    H  N N 193 
LEU H2   H  N N 194 
LEU HA   H  N N 195 
LEU HB2  H  N N 196 
LEU HB3  H  N N 197 
LEU HG   H  N N 198 
LEU HD11 H  N N 199 
LEU HD12 H  N N 200 
LEU HD13 H  N N 201 
LEU HD21 H  N N 202 
LEU HD22 H  N N 203 
LEU HD23 H  N N 204 
LEU HXT  H  N N 205 
LYS N    N  N N 206 
LYS CA   C  N S 207 
LYS C    C  N N 208 
LYS O    O  N N 209 
LYS CB   C  N N 210 
LYS CG   C  N N 211 
LYS CD   C  N N 212 
LYS CE   C  N N 213 
LYS NZ   N  N N 214 
LYS OXT  O  N N 215 
LYS H    H  N N 216 
LYS H2   H  N N 217 
LYS HA   H  N N 218 
LYS HB2  H  N N 219 
LYS HB3  H  N N 220 
LYS HG2  H  N N 221 
LYS HG3  H  N N 222 
LYS HD2  H  N N 223 
LYS HD3  H  N N 224 
LYS HE2  H  N N 225 
LYS HE3  H  N N 226 
LYS HZ1  H  N N 227 
LYS HZ2  H  N N 228 
LYS HZ3  H  N N 229 
LYS HXT  H  N N 230 
MET N    N  N N 231 
MET CA   C  N S 232 
MET C    C  N N 233 
MET O    O  N N 234 
MET CB   C  N N 235 
MET CG   C  N N 236 
MET SD   S  N N 237 
MET CE   C  N N 238 
MET OXT  O  N N 239 
MET H    H  N N 240 
MET H2   H  N N 241 
MET HA   H  N N 242 
MET HB2  H  N N 243 
MET HB3  H  N N 244 
MET HG2  H  N N 245 
MET HG3  H  N N 246 
MET HE1  H  N N 247 
MET HE2  H  N N 248 
MET HE3  H  N N 249 
MET HXT  H  N N 250 
MN  MN   MN N N 251 
PHE N    N  N N 252 
PHE CA   C  N S 253 
PHE C    C  N N 254 
PHE O    O  N N 255 
PHE CB   C  N N 256 
PHE CG   C  Y N 257 
PHE CD1  C  Y N 258 
PHE CD2  C  Y N 259 
PHE CE1  C  Y N 260 
PHE CE2  C  Y N 261 
PHE CZ   C  Y N 262 
PHE OXT  O  N N 263 
PHE H    H  N N 264 
PHE H2   H  N N 265 
PHE HA   H  N N 266 
PHE HB2  H  N N 267 
PHE HB3  H  N N 268 
PHE HD1  H  N N 269 
PHE HD2  H  N N 270 
PHE HE1  H  N N 271 
PHE HE2  H  N N 272 
PHE HZ   H  N N 273 
PHE HXT  H  N N 274 
PRO N    N  N N 275 
PRO CA   C  N S 276 
PRO C    C  N N 277 
PRO O    O  N N 278 
PRO CB   C  N N 279 
PRO CG   C  N N 280 
PRO CD   C  N N 281 
PRO OXT  O  N N 282 
PRO H    H  N N 283 
PRO HA   H  N N 284 
PRO HB2  H  N N 285 
PRO HB3  H  N N 286 
PRO HG2  H  N N 287 
PRO HG3  H  N N 288 
PRO HD2  H  N N 289 
PRO HD3  H  N N 290 
PRO HXT  H  N N 291 
SER N    N  N N 292 
SER CA   C  N S 293 
SER C    C  N N 294 
SER O    O  N N 295 
SER CB   C  N N 296 
SER OG   O  N N 297 
SER OXT  O  N N 298 
SER H    H  N N 299 
SER H2   H  N N 300 
SER HA   H  N N 301 
SER HB2  H  N N 302 
SER HB3  H  N N 303 
SER HG   H  N N 304 
SER HXT  H  N N 305 
THR N    N  N N 306 
THR CA   C  N S 307 
THR C    C  N N 308 
THR O    O  N N 309 
THR CB   C  N R 310 
THR OG1  O  N N 311 
THR CG2  C  N N 312 
THR OXT  O  N N 313 
THR H    H  N N 314 
THR H2   H  N N 315 
THR HA   H  N N 316 
THR HB   H  N N 317 
THR HG1  H  N N 318 
THR HG21 H  N N 319 
THR HG22 H  N N 320 
THR HG23 H  N N 321 
THR HXT  H  N N 322 
TRP N    N  N N 323 
TRP CA   C  N S 324 
TRP C    C  N N 325 
TRP O    O  N N 326 
TRP CB   C  N N 327 
TRP CG   C  Y N 328 
TRP CD1  C  Y N 329 
TRP CD2  C  Y N 330 
TRP NE1  N  Y N 331 
TRP CE2  C  Y N 332 
TRP CE3  C  Y N 333 
TRP CZ2  C  Y N 334 
TRP CZ3  C  Y N 335 
TRP CH2  C  Y N 336 
TRP OXT  O  N N 337 
TRP H    H  N N 338 
TRP H2   H  N N 339 
TRP HA   H  N N 340 
TRP HB2  H  N N 341 
TRP HB3  H  N N 342 
TRP HD1  H  N N 343 
TRP HE1  H  N N 344 
TRP HE3  H  N N 345 
TRP HZ2  H  N N 346 
TRP HZ3  H  N N 347 
TRP HH2  H  N N 348 
TRP HXT  H  N N 349 
TYR N    N  N N 350 
TYR CA   C  N S 351 
TYR C    C  N N 352 
TYR O    O  N N 353 
TYR CB   C  N N 354 
TYR CG   C  Y N 355 
TYR CD1  C  Y N 356 
TYR CD2  C  Y N 357 
TYR CE1  C  Y N 358 
TYR CE2  C  Y N 359 
TYR CZ   C  Y N 360 
TYR OH   O  N N 361 
TYR OXT  O  N N 362 
TYR H    H  N N 363 
TYR H2   H  N N 364 
TYR HA   H  N N 365 
TYR HB2  H  N N 366 
TYR HB3  H  N N 367 
TYR HD1  H  N N 368 
TYR HD2  H  N N 369 
TYR HE1  H  N N 370 
TYR HE2  H  N N 371 
TYR HH   H  N N 372 
TYR HXT  H  N N 373 
VAL N    N  N N 374 
VAL CA   C  N S 375 
VAL C    C  N N 376 
VAL O    O  N N 377 
VAL CB   C  N N 378 
VAL CG1  C  N N 379 
VAL CG2  C  N N 380 
VAL OXT  O  N N 381 
VAL H    H  N N 382 
VAL H2   H  N N 383 
VAL HA   H  N N 384 
VAL HB   H  N N 385 
VAL HG11 H  N N 386 
VAL HG12 H  N N 387 
VAL HG13 H  N N 388 
VAL HG21 H  N N 389 
VAL HG22 H  N N 390 
VAL HG23 H  N N 391 
VAL HXT  H  N N 392 
# 
loop_
_chem_comp_bond.comp_id 
_chem_comp_bond.atom_id_1 
_chem_comp_bond.atom_id_2 
_chem_comp_bond.value_order 
_chem_comp_bond.pdbx_aromatic_flag 
_chem_comp_bond.pdbx_stereo_config 
_chem_comp_bond.pdbx_ordinal 
ALA N   CA   sing N N 1   
ALA N   H    sing N N 2   
ALA N   H2   sing N N 3   
ALA CA  C    sing N N 4   
ALA CA  CB   sing N N 5   
ALA CA  HA   sing N N 6   
ALA C   O    doub N N 7   
ALA C   OXT  sing N N 8   
ALA CB  HB1  sing N N 9   
ALA CB  HB2  sing N N 10  
ALA CB  HB3  sing N N 11  
ALA OXT HXT  sing N N 12  
ARG N   CA   sing N N 13  
ARG N   H    sing N N 14  
ARG N   H2   sing N N 15  
ARG CA  C    sing N N 16  
ARG CA  CB   sing N N 17  
ARG CA  HA   sing N N 18  
ARG C   O    doub N N 19  
ARG C   OXT  sing N N 20  
ARG CB  CG   sing N N 21  
ARG CB  HB2  sing N N 22  
ARG CB  HB3  sing N N 23  
ARG CG  CD   sing N N 24  
ARG CG  HG2  sing N N 25  
ARG CG  HG3  sing N N 26  
ARG CD  NE   sing N N 27  
ARG CD  HD2  sing N N 28  
ARG CD  HD3  sing N N 29  
ARG NE  CZ   sing N N 30  
ARG NE  HE   sing N N 31  
ARG CZ  NH1  sing N N 32  
ARG CZ  NH2  doub N N 33  
ARG NH1 HH11 sing N N 34  
ARG NH1 HH12 sing N N 35  
ARG NH2 HH21 sing N N 36  
ARG NH2 HH22 sing N N 37  
ARG OXT HXT  sing N N 38  
ASN N   CA   sing N N 39  
ASN N   H    sing N N 40  
ASN N   H2   sing N N 41  
ASN CA  C    sing N N 42  
ASN CA  CB   sing N N 43  
ASN CA  HA   sing N N 44  
ASN C   O    doub N N 45  
ASN C   OXT  sing N N 46  
ASN CB  CG   sing N N 47  
ASN CB  HB2  sing N N 48  
ASN CB  HB3  sing N N 49  
ASN CG  OD1  doub N N 50  
ASN CG  ND2  sing N N 51  
ASN ND2 HD21 sing N N 52  
ASN ND2 HD22 sing N N 53  
ASN OXT HXT  sing N N 54  
ASP N   CA   sing N N 55  
ASP N   H    sing N N 56  
ASP N   H2   sing N N 57  
ASP CA  C    sing N N 58  
ASP CA  CB   sing N N 59  
ASP CA  HA   sing N N 60  
ASP C   O    doub N N 61  
ASP C   OXT  sing N N 62  
ASP CB  CG   sing N N 63  
ASP CB  HB2  sing N N 64  
ASP CB  HB3  sing N N 65  
ASP CG  OD1  doub N N 66  
ASP CG  OD2  sing N N 67  
ASP OD2 HD2  sing N N 68  
ASP OXT HXT  sing N N 69  
CYS N   CA   sing N N 70  
CYS N   H    sing N N 71  
CYS N   H2   sing N N 72  
CYS CA  C    sing N N 73  
CYS CA  CB   sing N N 74  
CYS CA  HA   sing N N 75  
CYS C   O    doub N N 76  
CYS C   OXT  sing N N 77  
CYS CB  SG   sing N N 78  
CYS CB  HB2  sing N N 79  
CYS CB  HB3  sing N N 80  
CYS SG  HG   sing N N 81  
CYS OXT HXT  sing N N 82  
GLN N   CA   sing N N 83  
GLN N   H    sing N N 84  
GLN N   H2   sing N N 85  
GLN CA  C    sing N N 86  
GLN CA  CB   sing N N 87  
GLN CA  HA   sing N N 88  
GLN C   O    doub N N 89  
GLN C   OXT  sing N N 90  
GLN CB  CG   sing N N 91  
GLN CB  HB2  sing N N 92  
GLN CB  HB3  sing N N 93  
GLN CG  CD   sing N N 94  
GLN CG  HG2  sing N N 95  
GLN CG  HG3  sing N N 96  
GLN CD  OE1  doub N N 97  
GLN CD  NE2  sing N N 98  
GLN NE2 HE21 sing N N 99  
GLN NE2 HE22 sing N N 100 
GLN OXT HXT  sing N N 101 
GLU N   CA   sing N N 102 
GLU N   H    sing N N 103 
GLU N   H2   sing N N 104 
GLU CA  C    sing N N 105 
GLU CA  CB   sing N N 106 
GLU CA  HA   sing N N 107 
GLU C   O    doub N N 108 
GLU C   OXT  sing N N 109 
GLU CB  CG   sing N N 110 
GLU CB  HB2  sing N N 111 
GLU CB  HB3  sing N N 112 
GLU CG  CD   sing N N 113 
GLU CG  HG2  sing N N 114 
GLU CG  HG3  sing N N 115 
GLU CD  OE1  doub N N 116 
GLU CD  OE2  sing N N 117 
GLU OE2 HE2  sing N N 118 
GLU OXT HXT  sing N N 119 
GLY N   CA   sing N N 120 
GLY N   H    sing N N 121 
GLY N   H2   sing N N 122 
GLY CA  C    sing N N 123 
GLY CA  HA2  sing N N 124 
GLY CA  HA3  sing N N 125 
GLY C   O    doub N N 126 
GLY C   OXT  sing N N 127 
GLY OXT HXT  sing N N 128 
HIS N   CA   sing N N 129 
HIS N   H    sing N N 130 
HIS N   H2   sing N N 131 
HIS CA  C    sing N N 132 
HIS CA  CB   sing N N 133 
HIS CA  HA   sing N N 134 
HIS C   O    doub N N 135 
HIS C   OXT  sing N N 136 
HIS CB  CG   sing N N 137 
HIS CB  HB2  sing N N 138 
HIS CB  HB3  sing N N 139 
HIS CG  ND1  sing Y N 140 
HIS CG  CD2  doub Y N 141 
HIS ND1 CE1  doub Y N 142 
HIS ND1 HD1  sing N N 143 
HIS CD2 NE2  sing Y N 144 
HIS CD2 HD2  sing N N 145 
HIS CE1 NE2  sing Y N 146 
HIS CE1 HE1  sing N N 147 
HIS NE2 HE2  sing N N 148 
HIS OXT HXT  sing N N 149 
HOH O   H1   sing N N 150 
HOH O   H2   sing N N 151 
ILE N   CA   sing N N 152 
ILE N   H    sing N N 153 
ILE N   H2   sing N N 154 
ILE CA  C    sing N N 155 
ILE CA  CB   sing N N 156 
ILE CA  HA   sing N N 157 
ILE C   O    doub N N 158 
ILE C   OXT  sing N N 159 
ILE CB  CG1  sing N N 160 
ILE CB  CG2  sing N N 161 
ILE CB  HB   sing N N 162 
ILE CG1 CD1  sing N N 163 
ILE CG1 HG12 sing N N 164 
ILE CG1 HG13 sing N N 165 
ILE CG2 HG21 sing N N 166 
ILE CG2 HG22 sing N N 167 
ILE CG2 HG23 sing N N 168 
ILE CD1 HD11 sing N N 169 
ILE CD1 HD12 sing N N 170 
ILE CD1 HD13 sing N N 171 
ILE OXT HXT  sing N N 172 
LEU N   CA   sing N N 173 
LEU N   H    sing N N 174 
LEU N   H2   sing N N 175 
LEU CA  C    sing N N 176 
LEU CA  CB   sing N N 177 
LEU CA  HA   sing N N 178 
LEU C   O    doub N N 179 
LEU C   OXT  sing N N 180 
LEU CB  CG   sing N N 181 
LEU CB  HB2  sing N N 182 
LEU CB  HB3  sing N N 183 
LEU CG  CD1  sing N N 184 
LEU CG  CD2  sing N N 185 
LEU CG  HG   sing N N 186 
LEU CD1 HD11 sing N N 187 
LEU CD1 HD12 sing N N 188 
LEU CD1 HD13 sing N N 189 
LEU CD2 HD21 sing N N 190 
LEU CD2 HD22 sing N N 191 
LEU CD2 HD23 sing N N 192 
LEU OXT HXT  sing N N 193 
LYS N   CA   sing N N 194 
LYS N   H    sing N N 195 
LYS N   H2   sing N N 196 
LYS CA  C    sing N N 197 
LYS CA  CB   sing N N 198 
LYS CA  HA   sing N N 199 
LYS C   O    doub N N 200 
LYS C   OXT  sing N N 201 
LYS CB  CG   sing N N 202 
LYS CB  HB2  sing N N 203 
LYS CB  HB3  sing N N 204 
LYS CG  CD   sing N N 205 
LYS CG  HG2  sing N N 206 
LYS CG  HG3  sing N N 207 
LYS CD  CE   sing N N 208 
LYS CD  HD2  sing N N 209 
LYS CD  HD3  sing N N 210 
LYS CE  NZ   sing N N 211 
LYS CE  HE2  sing N N 212 
LYS CE  HE3  sing N N 213 
LYS NZ  HZ1  sing N N 214 
LYS NZ  HZ2  sing N N 215 
LYS NZ  HZ3  sing N N 216 
LYS OXT HXT  sing N N 217 
MET N   CA   sing N N 218 
MET N   H    sing N N 219 
MET N   H2   sing N N 220 
MET CA  C    sing N N 221 
MET CA  CB   sing N N 222 
MET CA  HA   sing N N 223 
MET C   O    doub N N 224 
MET C   OXT  sing N N 225 
MET CB  CG   sing N N 226 
MET CB  HB2  sing N N 227 
MET CB  HB3  sing N N 228 
MET CG  SD   sing N N 229 
MET CG  HG2  sing N N 230 
MET CG  HG3  sing N N 231 
MET SD  CE   sing N N 232 
MET CE  HE1  sing N N 233 
MET CE  HE2  sing N N 234 
MET CE  HE3  sing N N 235 
MET OXT HXT  sing N N 236 
PHE N   CA   sing N N 237 
PHE N   H    sing N N 238 
PHE N   H2   sing N N 239 
PHE CA  C    sing N N 240 
PHE CA  CB   sing N N 241 
PHE CA  HA   sing N N 242 
PHE C   O    doub N N 243 
PHE C   OXT  sing N N 244 
PHE CB  CG   sing N N 245 
PHE CB  HB2  sing N N 246 
PHE CB  HB3  sing N N 247 
PHE CG  CD1  doub Y N 248 
PHE CG  CD2  sing Y N 249 
PHE CD1 CE1  sing Y N 250 
PHE CD1 HD1  sing N N 251 
PHE CD2 CE2  doub Y N 252 
PHE CD2 HD2  sing N N 253 
PHE CE1 CZ   doub Y N 254 
PHE CE1 HE1  sing N N 255 
PHE CE2 CZ   sing Y N 256 
PHE CE2 HE2  sing N N 257 
PHE CZ  HZ   sing N N 258 
PHE OXT HXT  sing N N 259 
PRO N   CA   sing N N 260 
PRO N   CD   sing N N 261 
PRO N   H    sing N N 262 
PRO CA  C    sing N N 263 
PRO CA  CB   sing N N 264 
PRO CA  HA   sing N N 265 
PRO C   O    doub N N 266 
PRO C   OXT  sing N N 267 
PRO CB  CG   sing N N 268 
PRO CB  HB2  sing N N 269 
PRO CB  HB3  sing N N 270 
PRO CG  CD   sing N N 271 
PRO CG  HG2  sing N N 272 
PRO CG  HG3  sing N N 273 
PRO CD  HD2  sing N N 274 
PRO CD  HD3  sing N N 275 
PRO OXT HXT  sing N N 276 
SER N   CA   sing N N 277 
SER N   H    sing N N 278 
SER N   H2   sing N N 279 
SER CA  C    sing N N 280 
SER CA  CB   sing N N 281 
SER CA  HA   sing N N 282 
SER C   O    doub N N 283 
SER C   OXT  sing N N 284 
SER CB  OG   sing N N 285 
SER CB  HB2  sing N N 286 
SER CB  HB3  sing N N 287 
SER OG  HG   sing N N 288 
SER OXT HXT  sing N N 289 
THR N   CA   sing N N 290 
THR N   H    sing N N 291 
THR N   H2   sing N N 292 
THR CA  C    sing N N 293 
THR CA  CB   sing N N 294 
THR CA  HA   sing N N 295 
THR C   O    doub N N 296 
THR C   OXT  sing N N 297 
THR CB  OG1  sing N N 298 
THR CB  CG2  sing N N 299 
THR CB  HB   sing N N 300 
THR OG1 HG1  sing N N 301 
THR CG2 HG21 sing N N 302 
THR CG2 HG22 sing N N 303 
THR CG2 HG23 sing N N 304 
THR OXT HXT  sing N N 305 
TRP N   CA   sing N N 306 
TRP N   H    sing N N 307 
TRP N   H2   sing N N 308 
TRP CA  C    sing N N 309 
TRP CA  CB   sing N N 310 
TRP CA  HA   sing N N 311 
TRP C   O    doub N N 312 
TRP C   OXT  sing N N 313 
TRP CB  CG   sing N N 314 
TRP CB  HB2  sing N N 315 
TRP CB  HB3  sing N N 316 
TRP CG  CD1  doub Y N 317 
TRP CG  CD2  sing Y N 318 
TRP CD1 NE1  sing Y N 319 
TRP CD1 HD1  sing N N 320 
TRP CD2 CE2  doub Y N 321 
TRP CD2 CE3  sing Y N 322 
TRP NE1 CE2  sing Y N 323 
TRP NE1 HE1  sing N N 324 
TRP CE2 CZ2  sing Y N 325 
TRP CE3 CZ3  doub Y N 326 
TRP CE3 HE3  sing N N 327 
TRP CZ2 CH2  doub Y N 328 
TRP CZ2 HZ2  sing N N 329 
TRP CZ3 CH2  sing Y N 330 
TRP CZ3 HZ3  sing N N 331 
TRP CH2 HH2  sing N N 332 
TRP OXT HXT  sing N N 333 
TYR N   CA   sing N N 334 
TYR N   H    sing N N 335 
TYR N   H2   sing N N 336 
TYR CA  C    sing N N 337 
TYR CA  CB   sing N N 338 
TYR CA  HA   sing N N 339 
TYR C   O    doub N N 340 
TYR C   OXT  sing N N 341 
TYR CB  CG   sing N N 342 
TYR CB  HB2  sing N N 343 
TYR CB  HB3  sing N N 344 
TYR CG  CD1  doub Y N 345 
TYR CG  CD2  sing Y N 346 
TYR CD1 CE1  sing Y N 347 
TYR CD1 HD1  sing N N 348 
TYR CD2 CE2  doub Y N 349 
TYR CD2 HD2  sing N N 350 
TYR CE1 CZ   doub Y N 351 
TYR CE1 HE1  sing N N 352 
TYR CE2 CZ   sing Y N 353 
TYR CE2 HE2  sing N N 354 
TYR CZ  OH   sing N N 355 
TYR OH  HH   sing N N 356 
TYR OXT HXT  sing N N 357 
VAL N   CA   sing N N 358 
VAL N   H    sing N N 359 
VAL N   H2   sing N N 360 
VAL CA  C    sing N N 361 
VAL CA  CB   sing N N 362 
VAL CA  HA   sing N N 363 
VAL C   O    doub N N 364 
VAL C   OXT  sing N N 365 
VAL CB  CG1  sing N N 366 
VAL CB  CG2  sing N N 367 
VAL CB  HB   sing N N 368 
VAL CG1 HG11 sing N N 369 
VAL CG1 HG12 sing N N 370 
VAL CG1 HG13 sing N N 371 
VAL CG2 HG21 sing N N 372 
VAL CG2 HG22 sing N N 373 
VAL CG2 HG23 sing N N 374 
VAL OXT HXT  sing N N 375 
# 
_pdbx_initial_refinement_model.accession_code   ? 
_pdbx_initial_refinement_model.id               1 
_pdbx_initial_refinement_model.entity_id_list   ? 
_pdbx_initial_refinement_model.type             'experimental model' 
_pdbx_initial_refinement_model.source_name      Other 
_pdbx_initial_refinement_model.details          'wildtype manganese superoxide dismutase' 
# 
_atom_sites.entry_id                    2ADQ 
_atom_sites.fract_transf_matrix[1][1]   -0.00851130 
_atom_sites.fract_transf_matrix[1][2]   0.01113253 
_atom_sites.fract_transf_matrix[1][3]   0.00245485 
_atom_sites.fract_transf_matrix[2][1]   -0.00337219 
_atom_sites.fract_transf_matrix[2][2]   0.00356745 
_atom_sites.fract_transf_matrix[2][3]   0.01335325 
_atom_sites.fract_transf_matrix[3][1]   0.00329548 
_atom_sites.fract_transf_matrix[3][2]   0.00248193 
_atom_sites.fract_transf_matrix[3][3]   0.00016885 
_atom_sites.fract_transf_vector[1]      0.154824 
_atom_sites.fract_transf_vector[2]      0.518519 
_atom_sites.fract_transf_vector[3]      0.891133 
# 
loop_
_atom_type.symbol 
C  
K  
MN 
N  
O  
S  
# 
loop_
_atom_site.group_PDB 
_atom_site.id 
_atom_site.type_symbol 
_atom_site.label_atom_id 
_atom_site.label_alt_id 
_atom_site.label_comp_id 
_atom_site.label_asym_id 
_atom_site.label_entity_id 
_atom_site.label_seq_id 
_atom_site.pdbx_PDB_ins_code 
_atom_site.Cartn_x 
_atom_site.Cartn_y 
_atom_site.Cartn_z 
_atom_site.occupancy 
_atom_site.B_iso_or_equiv 
_atom_site.pdbx_formal_charge 
_atom_site.auth_seq_id 
_atom_site.auth_comp_id 
_atom_site.auth_asym_id 
_atom_site.auth_atom_id 
_atom_site.pdbx_PDB_model_num 
ATOM   1    N  N   . LYS A 1 1   ? -20.250 -6.999  -0.678  1.00 44.60 ? 1   LYS B N   1 
ATOM   2    C  CA  . LYS A 1 1   ? -19.670 -7.044  0.699   1.00 44.02 ? 1   LYS B CA  1 
ATOM   3    C  C   . LYS A 1 1   ? -18.192 -7.443  0.655   1.00 41.58 ? 1   LYS B C   1 
ATOM   4    O  O   . LYS A 1 1   ? -17.816 -8.423  0.006   1.00 42.86 ? 1   LYS B O   1 
ATOM   5    C  CB  . LYS A 1 1   ? -20.448 -8.033  1.573   1.00 45.94 ? 1   LYS B CB  1 
ATOM   6    C  CG  . LYS A 1 1   ? -20.482 -9.453  1.020   1.00 51.73 ? 1   LYS B CG  1 
ATOM   7    C  CD  . LYS A 1 1   ? -21.341 -9.557  -0.244  1.00 55.08 ? 1   LYS B CD  1 
ATOM   8    C  CE  . LYS A 1 1   ? -21.156 -10.897 -0.946  1.00 56.73 ? 1   LYS B CE  1 
ATOM   9    N  NZ  . LYS A 1 1   ? -19.764 -11.071 -1.474  1.00 57.83 ? 1   LYS B NZ  1 
ATOM   10   N  N   . HIS A 1 2   ? -17.354 -6.666  1.334   1.00 35.99 ? 2   HIS B N   1 
ATOM   11   C  CA  . HIS A 1 2   ? -15.923 -6.939  1.379   1.00 30.64 ? 2   HIS B CA  1 
ATOM   12   C  C   . HIS A 1 2   ? -15.586 -7.488  2.761   1.00 27.69 ? 2   HIS B C   1 
ATOM   13   O  O   . HIS A 1 2   ? -16.375 -7.371  3.694   1.00 25.99 ? 2   HIS B O   1 
ATOM   14   C  CB  . HIS A 1 2   ? -15.122 -5.653  1.114   1.00 28.71 ? 2   HIS B CB  1 
ATOM   15   C  CG  . HIS A 1 2   ? -15.531 -4.932  -0.135  1.00 27.63 ? 2   HIS B CG  1 
ATOM   16   N  ND1 . HIS A 1 2   ? -16.621 -4.087  -0.186  1.00 26.72 ? 2   HIS B ND1 1 
ATOM   17   C  CD2 . HIS A 1 2   ? -15.014 -4.954  -1.387  1.00 27.03 ? 2   HIS B CD2 1 
ATOM   18   C  CE1 . HIS A 1 2   ? -16.756 -3.619  -1.414  1.00 25.92 ? 2   HIS B CE1 1 
ATOM   19   N  NE2 . HIS A 1 2   ? -15.795 -4.131  -2.163  1.00 27.20 ? 2   HIS B NE2 1 
ATOM   20   N  N   . SER A 1 3   ? -14.415 -8.090  2.895   1.00 25.69 ? 3   SER B N   1 
ATOM   21   C  CA  . SER A 1 3   ? -14.020 -8.638  4.186   1.00 25.37 ? 3   SER B CA  1 
ATOM   22   C  C   . SER A 1 3   ? -12.526 -8.549  4.435   1.00 23.51 ? 3   SER B C   1 
ATOM   23   O  O   . SER A 1 3   ? -11.724 -8.481  3.500   1.00 23.45 ? 3   SER B O   1 
ATOM   24   C  CB  . SER A 1 3   ? -14.142 -10.242 3.779   1.00 23.80 ? 3   SER B CB  1 
ATOM   25   O  OG  . SER A 1 3   ? -13.719 -11.030 2.674   1.00 31.32 ? 3   SER B OG  1 
ATOM   26   N  N   . LEU A 1 4   ? -12.167 -8.547  5.712   1.00 21.64 ? 4   LEU B N   1 
ATOM   27   C  CA  . LEU A 1 4   ? -10.785 -8.471  6.127   1.00 20.95 ? 4   LEU B CA  1 
ATOM   28   C  C   . LEU A 1 4   ? -10.060 -9.736  5.692   1.00 22.86 ? 4   LEU B C   1 
ATOM   29   O  O   . LEU A 1 4   ? -10.412 -10.834 6.111   1.00 24.74 ? 4   LEU B O   1 
ATOM   30   C  CB  . LEU A 1 4   ? -10.718 -8.336  7.643   1.00 19.34 ? 4   LEU B CB  1 
ATOM   31   C  CG  . LEU A 1 4   ? -9.315  -8.241  8.239   1.00 18.83 ? 4   LEU B CG  1 
ATOM   32   C  CD1 . LEU A 1 4   ? -8.638  -6.970  7.761   1.00 16.74 ? 4   LEU B CD1 1 
ATOM   33   C  CD2 . LEU A 1 4   ? -9.421  -8.258  9.753   1.00 18.27 ? 4   LEU B CD2 1 
ATOM   34   N  N   . PRO A 1 5   ? -9.041  -9.602  4.835   1.00 23.21 ? 5   PRO B N   1 
ATOM   35   C  CA  . PRO A 1 5   ? -8.325  -10.804 4.402   1.00 24.46 ? 5   PRO B CA  1 
ATOM   36   C  C   . PRO A 1 5   ? -7.445  -11.350 5.522   1.00 25.66 ? 5   PRO B C   1 
ATOM   37   O  O   . PRO A 1 5   ? -6.967  -10.592 6.357   1.00 25.32 ? 5   PRO B O   1 
ATOM   38   C  CB  . PRO A 1 5   ? -7.504  -10.305 3.222   1.00 23.06 ? 5   PRO B CB  1 
ATOM   39   C  CG  . PRO A 1 5   ? -7.174  -8.887  3.640   1.00 24.97 ? 5   PRO B CG  1 
ATOM   40   C  CD  . PRO A 1 5   ? -8.503  -8.393  4.184   1.00 22.43 ? 5   PRO B CD  1 
ATOM   41   N  N   . ASP A 1 6   ? -7.251  -12.664 5.549   1.00 27.72 ? 6   ASP B N   1 
ATOM   42   C  CA  . ASP A 1 6   ? -6.396  -13.274 6.560   1.00 29.52 ? 6   ASP B CA  1 
ATOM   43   C  C   . ASP A 1 6   ? -4.964  -12.920 6.199   1.00 29.64 ? 6   ASP B C   1 
ATOM   44   O  O   . ASP A 1 6   ? -4.648  -12.714 5.030   1.00 29.47 ? 6   ASP B O   1 
ATOM   45   C  CB  . ASP A 1 6   ? -6.528  -14.803 6.569   1.00 31.72 ? 6   ASP B CB  1 
ATOM   46   C  CG  . ASP A 1 6   ? -7.751  -15.282 7.310   1.00 34.71 ? 6   ASP B CG  1 
ATOM   47   O  OD1 . ASP A 1 6   ? -8.129  -14.643 8.314   1.00 37.20 ? 6   ASP B OD1 1 
ATOM   48   O  OD2 . ASP A 1 6   ? -8.323  -16.313 6.903   1.00 38.23 ? 6   ASP B OD2 1 
ATOM   49   N  N   . LEU A 1 7   ? -4.103  -12.848 7.204   1.00 30.14 ? 7   LEU B N   1 
ATOM   50   C  CA  . LEU A 1 7   ? -2.702  -12.540 6.982   1.00 31.10 ? 7   LEU B CA  1 
ATOM   51   C  C   . LEU A 1 7   ? -2.056  -13.857 6.533   1.00 32.19 ? 7   LEU B C   1 
ATOM   52   O  O   . LEU A 1 7   ? -2.298  -14.908 7.135   1.00 33.71 ? 7   LEU B O   1 
ATOM   53   C  CB  . LEU A 1 7   ? -2.084  -12.044 8.287   1.00 30.85 ? 7   LEU B CB  1 
ATOM   54   C  CG  . LEU A 1 7   ? -1.067  -10.907 8.214   1.00 33.41 ? 7   LEU B CG  1 
ATOM   55   C  CD1 . LEU A 1 7   ? -1.661  -9.735  7.437   1.00 32.74 ? 7   LEU B CD1 1 
ATOM   56   C  CD2 . LEU A 1 7   ? -0.680  -10.486 9.626   1.00 31.05 ? 7   LEU B CD2 1 
ATOM   57   N  N   . PRO A 1 8   ? -1.244  -13.827 5.457   1.00 32.23 ? 8   PRO B N   1 
ATOM   58   C  CA  . PRO A 1 8   ? -0.594  -15.056 4.972   1.00 31.23 ? 8   PRO B CA  1 
ATOM   59   C  C   . PRO A 1 8   ? 0.505   -15.592 5.895   1.00 30.89 ? 8   PRO B C   1 
ATOM   60   O  O   . PRO A 1 8   ? 1.128   -16.615 5.605   1.00 31.54 ? 8   PRO B O   1 
ATOM   61   C  CB  . PRO A 1 8   ? -0.061  -14.647 3.600   1.00 31.48 ? 8   PRO B CB  1 
ATOM   62   C  CG  . PRO A 1 8   ? 0.263   -13.194 3.782   1.00 32.01 ? 8   PRO B CG  1 
ATOM   63   C  CD  . PRO A 1 8   ? -0.899  -12.669 4.608   1.00 32.12 ? 8   PRO B CD  1 
ATOM   64   N  N   . TYR A 1 9   ? 0.731   -14.896 7.005   1.00 28.67 ? 9   TYR B N   1 
ATOM   65   C  CA  . TYR A 1 9   ? 1.745   -15.285 7.977   1.00 28.23 ? 9   TYR B CA  1 
ATOM   66   C  C   . TYR A 1 9   ? 1.365   -14.838 9.391   1.00 28.47 ? 9   TYR B C   1 
ATOM   67   O  O   . TYR A 1 9   ? 0.399   -14.106 9.593   1.00 29.95 ? 9   TYR B O   1 
ATOM   68   C  CB  . TYR A 1 9   ? 3.107   -14.691 7.577   1.00 25.48 ? 9   TYR B CB  1 
ATOM   69   C  CG  . TYR A 1 9   ? 2.999   -13.282 7.065   1.00 23.91 ? 9   TYR B CG  1 
ATOM   70   C  CD1 . TYR A 1 9   ? 2.710   -12.228 7.932   1.00 23.56 ? 9   TYR B CD1 1 
ATOM   71   C  CD2 . TYR A 1 9   ? 3.088   -13.010 5.699   1.00 23.61 ? 9   TYR B CD2 1 
ATOM   72   C  CE1 . TYR A 1 9   ? 2.502   -10.936 7.453   1.00 24.07 ? 9   TYR B CE1 1 
ATOM   73   C  CE2 . TYR A 1 9   ? 2.881   -11.722 5.206   1.00 23.50 ? 9   TYR B CE2 1 
ATOM   74   C  CZ  . TYR A 1 9   ? 2.584   -10.692 6.090   1.00 24.30 ? 9   TYR B CZ  1 
ATOM   75   O  OH  . TYR A 1 9   ? 2.350   -9.424  5.616   1.00 23.64 ? 9   TYR B OH  1 
ATOM   76   N  N   . ASP A 1 10  ? 2.141   -15.298 10.362  1.00 28.12 ? 10  ASP B N   1 
ATOM   77   C  CA  . ASP A 1 10  ? 1.937   -14.986 11.767  1.00 28.86 ? 10  ASP B CA  1 
ATOM   78   C  C   . ASP A 1 10  ? 2.225   -13.500 12.028  1.00 27.21 ? 10  ASP B C   1 
ATOM   79   O  O   . ASP A 1 10  ? 3.058   -12.902 11.343  1.00 26.96 ? 10  ASP B O   1 
ATOM   80   C  CB  . ASP A 1 10  ? 2.884   -15.868 12.588  1.00 33.05 ? 10  ASP B CB  1 
ATOM   81   C  CG  . ASP A 1 10  ? 2.702   -15.693 14.071  1.00 40.03 ? 10  ASP B CG  1 
ATOM   82   O  OD1 . ASP A 1 10  ? 1.579   -15.959 14.557  1.00 45.02 ? 10  ASP B OD1 1 
ATOM   83   O  OD2 . ASP A 1 10  ? 3.678   -15.293 14.748  1.00 42.14 ? 10  ASP B OD2 1 
ATOM   84   N  N   . TYR A 1 11  ? 1.546   -12.901 13.008  1.00 24.07 ? 11  TYR B N   1 
ATOM   85   C  CA  . TYR A 1 11  ? 1.765   -11.487 13.325  1.00 22.39 ? 11  TYR B CA  1 
ATOM   86   C  C   . TYR A 1 11  ? 3.227   -11.155 13.656  1.00 21.70 ? 11  TYR B C   1 
ATOM   87   O  O   . TYR A 1 11  ? 3.703   -10.059 13.358  1.00 19.18 ? 11  TYR B O   1 
ATOM   88   C  CB  . TYR A 1 11  ? 0.883   -11.040 14.494  1.00 21.91 ? 11  TYR B CB  1 
ATOM   89   C  CG  . TYR A 1 11  ? -0.569  -10.803 14.138  1.00 23.63 ? 11  TYR B CG  1 
ATOM   90   C  CD1 . TYR A 1 11  ? -0.922  -10.108 12.981  1.00 23.75 ? 11  TYR B CD1 1 
ATOM   91   C  CD2 . TYR A 1 11  ? -1.595  -11.252 14.973  1.00 23.81 ? 11  TYR B CD2 1 
ATOM   92   C  CE1 . TYR A 1 11  ? -2.257  -9.867  12.658  1.00 23.14 ? 11  TYR B CE1 1 
ATOM   93   C  CE2 . TYR A 1 11  ? -2.934  -11.015 14.663  1.00 24.52 ? 11  TYR B CE2 1 
ATOM   94   C  CZ  . TYR A 1 11  ? -3.258  -10.324 13.504  1.00 25.60 ? 11  TYR B CZ  1 
ATOM   95   O  OH  . TYR A 1 11  ? -4.581  -10.093 13.189  1.00 26.04 ? 11  TYR B OH  1 
ATOM   96   N  N   . GLY A 1 12  ? 3.936   -12.100 14.267  1.00 21.14 ? 12  GLY B N   1 
ATOM   97   C  CA  . GLY A 1 12  ? 5.327   -11.862 14.615  1.00 21.23 ? 12  GLY B CA  1 
ATOM   98   C  C   . GLY A 1 12  ? 6.333   -12.369 13.591  1.00 21.86 ? 12  GLY B C   1 
ATOM   99   O  O   . GLY A 1 12  ? 7.537   -12.384 13.855  1.00 21.87 ? 12  GLY B O   1 
ATOM   100  N  N   . ALA A 1 13  ? 5.851   -12.760 12.415  1.00 21.10 ? 13  ALA B N   1 
ATOM   101  C  CA  . ALA A 1 13  ? 6.718   -13.287 11.363  1.00 20.98 ? 13  ALA B CA  1 
ATOM   102  C  C   . ALA A 1 13  ? 7.715   -12.296 10.771  1.00 21.78 ? 13  ALA B C   1 
ATOM   103  O  O   . ALA A 1 13  ? 8.722   -12.708 10.187  1.00 23.48 ? 13  ALA B O   1 
ATOM   104  C  CB  . ALA A 1 13  ? 5.870   -13.885 10.235  1.00 18.56 ? 13  ALA B CB  1 
ATOM   105  N  N   . LEU A 1 14  ? 7.453   -10.999 10.902  1.00 21.59 ? 14  LEU B N   1 
ATOM   106  C  CA  . LEU A 1 14  ? 8.365   -10.021 10.322  1.00 22.04 ? 14  LEU B CA  1 
ATOM   107  C  C   . LEU A 1 14  ? 9.377   -9.469  11.319  1.00 23.91 ? 14  LEU B C   1 
ATOM   108  O  O   . LEU A 1 14  ? 10.046  -8.471  11.054  1.00 24.30 ? 14  LEU B O   1 
ATOM   109  C  CB  . LEU A 1 14  ? 7.567   -8.891  9.673   1.00 20.76 ? 14  LEU B CB  1 
ATOM   110  C  CG  . LEU A 1 14  ? 6.506   -9.358  8.662   1.00 22.02 ? 14  LEU B CG  1 
ATOM   111  C  CD1 . LEU A 1 14  ? 5.806   -8.149  8.049   1.00 20.72 ? 14  LEU B CD1 1 
ATOM   112  C  CD2 . LEU A 1 14  ? 7.156   -10.204 7.568   1.00 19.68 ? 14  LEU B CD2 1 
ATOM   113  N  N   . GLU A 1 15  ? 9.492   -10.132 12.466  1.00 26.34 ? 15  GLU B N   1 
ATOM   114  C  CA  . GLU A 1 15  ? 10.443  -9.734  13.506  1.00 28.75 ? 15  GLU B CA  1 
ATOM   115  C  C   . GLU A 1 15  ? 11.867  -9.947  12.990  1.00 28.44 ? 15  GLU B C   1 
ATOM   116  O  O   . GLU A 1 15  ? 12.132  -10.925 12.290  1.00 30.44 ? 15  GLU B O   1 
ATOM   117  C  CB  . GLU A 1 15  ? 10.225  -10.586 14.752  1.00 29.27 ? 15  GLU B CB  1 
ATOM   118  C  CG  . GLU A 1 15  ? 8.869   -10.399 15.383  1.00 33.83 ? 15  GLU B CG  1 
ATOM   119  C  CD  . GLU A 1 15  ? 8.864   -9.280  16.384  1.00 35.39 ? 15  GLU B CD  1 
ATOM   120  O  OE1 . GLU A 1 15  ? 9.622   -8.310  16.182  1.00 39.57 ? 15  GLU B OE1 1 
ATOM   121  O  OE2 . GLU A 1 15  ? 8.100   -9.365  17.366  1.00 36.19 ? 15  GLU B OE2 1 
ATOM   122  N  N   . PRO A 1 16  ? 12.808  -9.052  13.341  1.00 27.62 ? 16  PRO B N   1 
ATOM   123  C  CA  . PRO A 1 16  ? 12.659  -7.858  14.179  1.00 26.43 ? 16  PRO B CA  1 
ATOM   124  C  C   . PRO A 1 16  ? 12.414  -6.575  13.382  1.00 24.64 ? 16  PRO B C   1 
ATOM   125  O  O   . PRO A 1 16  ? 12.364  -5.489  13.946  1.00 25.10 ? 16  PRO B O   1 
ATOM   126  C  CB  . PRO A 1 16  ? 13.987  -7.813  14.919  1.00 25.38 ? 16  PRO B CB  1 
ATOM   127  C  CG  . PRO A 1 16  ? 14.939  -8.185  13.836  1.00 26.53 ? 16  PRO B CG  1 
ATOM   128  C  CD  . PRO A 1 16  ? 14.237  -9.344  13.118  1.00 27.30 ? 16  PRO B CD  1 
ATOM   129  N  N   . HIS A 1 17  ? 12.255  -6.704  12.073  1.00 23.89 ? 17  HIS B N   1 
ATOM   130  C  CA  . HIS A 1 17  ? 12.042  -5.552  11.201  1.00 23.22 ? 17  HIS B CA  1 
ATOM   131  C  C   . HIS A 1 17  ? 10.752  -4.783  11.498  1.00 23.06 ? 17  HIS B C   1 
ATOM   132  O  O   . HIS A 1 17  ? 10.753  -3.557  11.541  1.00 22.53 ? 17  HIS B O   1 
ATOM   133  C  CB  . HIS A 1 17  ? 12.098  -6.041  9.762   1.00 25.36 ? 17  HIS B CB  1 
ATOM   134  C  CG  . HIS A 1 17  ? 13.290  -6.905  9.492   1.00 27.82 ? 17  HIS B CG  1 
ATOM   135  N  ND1 . HIS A 1 17  ? 14.581  -6.420  9.524   1.00 27.77 ? 17  HIS B ND1 1 
ATOM   136  C  CD2 . HIS A 1 17  ? 13.394  -8.237  9.270   1.00 28.76 ? 17  HIS B CD2 1 
ATOM   137  C  CE1 . HIS A 1 17  ? 15.428  -7.415  9.335   1.00 27.05 ? 17  HIS B CE1 1 
ATOM   138  N  NE2 . HIS A 1 17  ? 14.735  -8.529  9.178   1.00 28.78 ? 17  HIS B NE2 1 
ATOM   139  N  N   . ILE A 1 18  ? 9.654   -5.502  11.696  1.00 22.72 ? 18  ILE B N   1 
ATOM   140  C  CA  . ILE A 1 18  ? 8.384   -4.884  12.055  1.00 22.96 ? 18  ILE B CA  1 
ATOM   141  C  C   . ILE A 1 18  ? 7.845   -5.752  13.191  1.00 24.33 ? 18  ILE B C   1 
ATOM   142  O  O   . ILE A 1 18  ? 7.473   -6.904  12.973  1.00 25.75 ? 18  ILE B O   1 
ATOM   143  C  CB  . ILE A 1 18  ? 7.394   -4.876  10.878  1.00 20.41 ? 18  ILE B CB  1 
ATOM   144  C  CG1 . ILE A 1 18  ? 7.958   -4.042  9.724   1.00 19.41 ? 18  ILE B CG1 1 
ATOM   145  C  CG2 . ILE A 1 18  ? 6.075   -4.281  11.329  1.00 19.94 ? 18  ILE B CG2 1 
ATOM   146  C  CD1 . ILE A 1 18  ? 7.049   -3.970  8.522   1.00 19.20 ? 18  ILE B CD1 1 
ATOM   147  N  N   . ASN A 1 19  ? 7.805   -5.217  14.407  1.00 25.58 ? 19  ASN B N   1 
ATOM   148  C  CA  . ASN A 1 19  ? 7.355   -6.032  15.525  1.00 27.56 ? 19  ASN B CA  1 
ATOM   149  C  C   . ASN A 1 19  ? 5.894   -6.484  15.490  1.00 26.46 ? 19  ASN B C   1 
ATOM   150  O  O   . ASN A 1 19  ? 5.041   -5.877  14.840  1.00 26.69 ? 19  ASN B O   1 
ATOM   151  C  CB  . ASN A 1 19  ? 7.693   -5.361  16.867  1.00 31.60 ? 19  ASN B CB  1 
ATOM   152  C  CG  . ASN A 1 19  ? 6.864   -4.138  17.143  1.00 37.34 ? 19  ASN B CG  1 
ATOM   153  O  OD1 . ASN A 1 19  ? 5.636   -4.170  17.056  1.00 40.68 ? 19  ASN B OD1 1 
ATOM   154  N  ND2 . ASN A 1 19  ? 7.531   -3.042  17.503  1.00 41.68 ? 19  ASN B ND2 1 
ATOM   155  N  N   . ALA A 1 20  ? 5.638   -7.581  16.194  1.00 24.22 ? 20  ALA B N   1 
ATOM   156  C  CA  . ALA A 1 20  ? 4.327   -8.199  16.265  1.00 23.09 ? 20  ALA B CA  1 
ATOM   157  C  C   . ALA A 1 20  ? 3.201   -7.280  16.715  1.00 22.69 ? 20  ALA B C   1 
ATOM   158  O  O   . ALA A 1 20  ? 2.064   -7.426  16.263  1.00 22.97 ? 20  ALA B O   1 
ATOM   159  C  CB  . ALA A 1 20  ? 4.392   -9.419  17.179  1.00 20.29 ? 20  ALA B CB  1 
ATOM   160  N  N   . GLN A 1 21  ? 3.505   -6.340  17.601  1.00 22.12 ? 21  GLN B N   1 
ATOM   161  C  CA  . GLN A 1 21  ? 2.474   -5.442  18.103  1.00 24.49 ? 21  GLN B CA  1 
ATOM   162  C  C   . GLN A 1 21  ? 1.892   -4.558  17.010  1.00 22.71 ? 21  GLN B C   1 
ATOM   163  O  O   . GLN A 1 21  ? 0.679   -4.378  16.939  1.00 22.93 ? 21  GLN B O   1 
ATOM   164  C  CB  . GLN A 1 21  ? 3.022   -4.571  19.237  1.00 27.23 ? 21  GLN B CB  1 
ATOM   165  C  CG  . GLN A 1 21  ? 1.928   -3.859  20.006  1.00 33.40 ? 21  GLN B CG  1 
ATOM   166  C  CD  . GLN A 1 21  ? 2.462   -3.010  21.140  1.00 37.65 ? 21  GLN B CD  1 
ATOM   167  O  OE1 . GLN A 1 21  ? 1.693   -2.484  21.951  1.00 39.92 ? 21  GLN B OE1 1 
ATOM   168  N  NE2 . GLN A 1 21  ? 3.785   -2.869  21.206  1.00 39.21 ? 21  GLN B NE2 1 
ATOM   169  N  N   . ILE A 1 22  ? 2.759   -4.010  16.162  1.00 21.87 ? 22  ILE B N   1 
ATOM   170  C  CA  . ILE A 1 22  ? 2.325   -3.151  15.064  1.00 20.74 ? 22  ILE B CA  1 
ATOM   171  C  C   . ILE A 1 22  ? 1.515   -3.970  14.068  1.00 20.36 ? 22  ILE B C   1 
ATOM   172  O  O   . ILE A 1 22  ? 0.436   -3.552  13.661  1.00 19.58 ? 22  ILE B O   1 
ATOM   173  C  CB  . ILE A 1 22  ? 3.536   -2.502  14.325  1.00 20.81 ? 22  ILE B CB  1 
ATOM   174  C  CG1 . ILE A 1 22  ? 4.216   -1.467  15.231  1.00 20.42 ? 22  ILE B CG1 1 
ATOM   175  C  CG2 . ILE A 1 22  ? 3.078   -1.854  13.029  1.00 15.31 ? 22  ILE B CG2 1 
ATOM   176  C  CD1 . ILE A 1 22  ? 5.484   -0.883  14.638  1.00 17.97 ? 22  ILE B CD1 1 
ATOM   177  N  N   . MET A 1 23  ? 2.031   -5.137  13.684  1.00 18.88 ? 23  MET B N   1 
ATOM   178  C  CA  . MET A 1 23  ? 1.327   -5.991  12.734  1.00 18.32 ? 23  MET B CA  1 
ATOM   179  C  C   . MET A 1 23  ? -0.059  -6.345  13.249  1.00 18.22 ? 23  MET B C   1 
ATOM   180  O  O   . MET A 1 23  ? -1.029  -6.289  12.499  1.00 19.27 ? 23  MET B O   1 
ATOM   181  C  CB  . MET A 1 23  ? 2.112   -7.277  12.460  1.00 17.63 ? 23  MET B CB  1 
ATOM   182  C  CG  . MET A 1 23  ? 3.401   -7.086  11.656  1.00 17.01 ? 23  MET B CG  1 
ATOM   183  S  SD  . MET A 1 23  ? 3.155   -6.344  10.016  1.00 19.72 ? 23  MET B SD  1 
ATOM   184  C  CE  . MET A 1 23  ? 2.220   -7.593  9.167   1.00 16.83 ? 23  MET B CE  1 
ATOM   185  N  N   . GLN A 1 24  ? -0.161  -6.696  14.527  1.00 18.63 ? 24  GLN B N   1 
ATOM   186  C  CA  . GLN A 1 24  ? -1.457  -7.051  15.096  1.00 20.30 ? 24  GLN B CA  1 
ATOM   187  C  C   . GLN A 1 24  ? -2.437  -5.866  15.085  1.00 20.27 ? 24  GLN B C   1 
ATOM   188  O  O   . GLN A 1 24  ? -3.601  -6.015  14.701  1.00 18.97 ? 24  GLN B O   1 
ATOM   189  C  CB  . GLN A 1 24  ? -1.300  -7.569  16.526  1.00 22.66 ? 24  GLN B CB  1 
ATOM   190  C  CG  . GLN A 1 24  ? -2.601  -8.127  17.090  1.00 29.30 ? 24  GLN B CG  1 
ATOM   191  C  CD  . GLN A 1 24  ? -2.425  -8.798  18.441  1.00 32.96 ? 24  GLN B CD  1 
ATOM   192  O  OE1 . GLN A 1 24  ? -1.529  -9.624  18.625  1.00 35.88 ? 24  GLN B OE1 1 
ATOM   193  N  NE2 . GLN A 1 24  ? -3.291  -8.456  19.391  1.00 33.50 ? 24  GLN B NE2 1 
ATOM   194  N  N   . LEU A 1 25  ? -1.968  -4.695  15.507  1.00 16.93 ? 25  LEU B N   1 
ATOM   195  C  CA  . LEU A 1 25  ? -2.817  -3.509  15.519  1.00 17.67 ? 25  LEU B CA  1 
ATOM   196  C  C   . LEU A 1 25  ? -3.199  -3.080  14.104  1.00 17.06 ? 25  LEU B C   1 
ATOM   197  O  O   . LEU A 1 25  ? -4.368  -2.822  13.808  1.00 16.16 ? 25  LEU B O   1 
ATOM   198  C  CB  . LEU A 1 25  ? -2.098  -2.350  16.220  1.00 16.71 ? 25  LEU B CB  1 
ATOM   199  C  CG  . LEU A 1 25  ? -2.053  -2.422  17.745  1.00 15.48 ? 25  LEU B CG  1 
ATOM   200  C  CD1 . LEU A 1 25  ? -1.117  -1.367  18.300  1.00 15.99 ? 25  LEU B CD1 1 
ATOM   201  C  CD2 . LEU A 1 25  ? -3.459  -2.228  18.276  1.00 15.70 ? 25  LEU B CD2 1 
ATOM   202  N  N   . HIS A 1 26  ? -2.196  -3.013  13.238  1.00 16.81 ? 26  HIS B N   1 
ATOM   203  C  CA  . HIS A 1 26  ? -2.377  -2.590  11.858  1.00 16.55 ? 26  HIS B CA  1 
ATOM   204  C  C   . HIS A 1 26  ? -3.428  -3.427  11.129  1.00 17.39 ? 26  HIS B C   1 
ATOM   205  O  O   . HIS A 1 26  ? -4.281  -2.892  10.421  1.00 17.16 ? 26  HIS B O   1 
ATOM   206  C  CB  . HIS A 1 26  ? -1.036  -2.675  11.124  1.00 15.03 ? 26  HIS B CB  1 
ATOM   207  C  CG  . HIS A 1 26  ? -0.912  -1.723  9.975   1.00 13.91 ? 26  HIS B CG  1 
ATOM   208  N  ND1 . HIS A 1 26  ? 0.252   -1.584  9.253   1.00 12.82 ? 26  HIS B ND1 1 
ATOM   209  C  CD2 . HIS A 1 26  ? -1.787  -0.831  9.456   1.00 12.45 ? 26  HIS B CD2 1 
ATOM   210  C  CE1 . HIS A 1 26  ? 0.091   -0.643  8.341   1.00 13.62 ? 26  HIS B CE1 1 
ATOM   211  N  NE2 . HIS A 1 26  ? -1.137  -0.169  8.443   1.00 14.26 ? 26  HIS B NE2 1 
ATOM   212  N  N   . HIS A 1 27  ? -3.374  -4.737  11.328  1.00 17.76 ? 27  HIS B N   1 
ATOM   213  C  CA  . HIS A 1 27  ? -4.301  -5.663  10.683  1.00 18.18 ? 27  HIS B CA  1 
ATOM   214  C  C   . HIS A 1 27  ? -5.672  -5.803  11.356  1.00 19.25 ? 27  HIS B C   1 
ATOM   215  O  O   . HIS A 1 27  ? -6.705  -5.531  10.733  1.00 18.24 ? 27  HIS B O   1 
ATOM   216  C  CB  . HIS A 1 27  ? -3.644  -7.046  10.584  1.00 17.43 ? 27  HIS B CB  1 
ATOM   217  C  CG  . HIS A 1 27  ? -4.535  -8.112  10.024  1.00 18.38 ? 27  HIS B CG  1 
ATOM   218  N  ND1 . HIS A 1 27  ? -4.913  -8.152  8.698   1.00 20.60 ? 27  HIS B ND1 1 
ATOM   219  C  CD2 . HIS A 1 27  ? -5.107  -9.192  10.609  1.00 16.92 ? 27  HIS B CD2 1 
ATOM   220  C  CE1 . HIS A 1 27  ? -5.678  -9.209  8.489   1.00 18.14 ? 27  HIS B CE1 1 
ATOM   221  N  NE2 . HIS A 1 27  ? -5.812  -9.857  9.633   1.00 19.37 ? 27  HIS B NE2 1 
ATOM   222  N  N   . SER A 1 28  ? -5.682  -6.215  12.624  1.00 19.94 ? 28  SER B N   1 
ATOM   223  C  CA  . SER A 1 28  ? -6.941  -6.451  13.334  1.00 21.46 ? 28  SER B CA  1 
ATOM   224  C  C   . SER A 1 28  ? -7.715  -5.229  13.802  1.00 22.07 ? 28  SER B C   1 
ATOM   225  O  O   . SER A 1 28  ? -8.893  -5.346  14.145  1.00 23.12 ? 28  SER B O   1 
ATOM   226  C  CB  . SER A 1 28  ? -6.713  -7.382  14.531  1.00 21.15 ? 28  SER B CB  1 
ATOM   227  O  OG  . SER A 1 28  ? -6.137  -6.687  15.624  1.00 24.90 ? 28  SER B OG  1 
ATOM   228  N  N   . LYS A 1 29  ? -7.071  -4.065  13.835  1.00 22.25 ? 29  LYS B N   1 
ATOM   229  C  CA  . LYS A 1 29  ? -7.759  -2.847  14.262  1.00 21.85 ? 29  LYS B CA  1 
ATOM   230  C  C   . LYS A 1 29  ? -7.929  -1.869  13.103  1.00 20.15 ? 29  LYS B C   1 
ATOM   231  O  O   . LYS A 1 29  ? -9.049  -1.572  12.697  1.00 21.94 ? 29  LYS B O   1 
ATOM   232  C  CB  . LYS A 1 29  ? -6.993  -2.151  15.388  1.00 24.09 ? 29  LYS B CB  1 
ATOM   233  C  CG  . LYS A 1 29  ? -6.711  -3.015  16.597  1.00 30.50 ? 29  LYS B CG  1 
ATOM   234  C  CD  . LYS A 1 29  ? -7.933  -3.252  17.464  1.00 33.27 ? 29  LYS B CD  1 
ATOM   235  C  CE  . LYS A 1 29  ? -7.510  -3.990  18.733  1.00 38.12 ? 29  LYS B CE  1 
ATOM   236  N  NZ  . LYS A 1 29  ? -8.591  -4.087  19.756  1.00 43.83 ? 29  LYS B NZ  1 
ATOM   237  N  N   . HIS A 1 30  ? -6.819  -1.373  12.566  1.00 18.01 ? 30  HIS B N   1 
ATOM   238  C  CA  . HIS A 1 30  ? -6.873  -0.408  11.471  1.00 16.48 ? 30  HIS B CA  1 
ATOM   239  C  C   . HIS A 1 30  ? -7.533  -0.930  10.200  1.00 16.32 ? 30  HIS B C   1 
ATOM   240  O  O   . HIS A 1 30  ? -8.492  -0.336  9.714   1.00 16.19 ? 30  HIS B O   1 
ATOM   241  C  CB  . HIS A 1 30  ? -5.470  0.108   11.149  1.00 14.63 ? 30  HIS B CB  1 
ATOM   242  C  CG  . HIS A 1 30  ? -4.862  0.914   12.254  1.00 15.35 ? 30  HIS B CG  1 
ATOM   243  N  ND1 . HIS A 1 30  ? -5.238  2.213   12.520  1.00 16.42 ? 30  HIS B ND1 1 
ATOM   244  C  CD2 . HIS A 1 30  ? -3.924  0.597   13.176  1.00 14.49 ? 30  HIS B CD2 1 
ATOM   245  C  CE1 . HIS A 1 30  ? -4.554  2.663   13.558  1.00 17.15 ? 30  HIS B CE1 1 
ATOM   246  N  NE2 . HIS A 1 30  ? -3.750  1.701   13.975  1.00 17.77 ? 30  HIS B NE2 1 
ATOM   247  N  N   . HIS A 1 31  ? -7.037  -2.043  9.667   1.00 16.49 ? 31  HIS B N   1 
ATOM   248  C  CA  . HIS A 1 31  ? -7.609  -2.595  8.441   1.00 16.23 ? 31  HIS B CA  1 
ATOM   249  C  C   . HIS A 1 31  ? -9.068  -3.020  8.635   1.00 16.46 ? 31  HIS B C   1 
ATOM   250  O  O   . HIS A 1 31  ? -9.912  -2.777  7.774   1.00 16.27 ? 31  HIS B O   1 
ATOM   251  C  CB  . HIS A 1 31  ? -6.774  -3.782  7.951   1.00 14.18 ? 31  HIS B CB  1 
ATOM   252  C  CG  . HIS A 1 31  ? -7.051  -4.173  6.533   1.00 13.92 ? 31  HIS B CG  1 
ATOM   253  N  ND1 . HIS A 1 31  ? -8.106  -3.660  5.809   1.00 13.88 ? 31  HIS B ND1 1 
ATOM   254  C  CD2 . HIS A 1 31  ? -6.428  -5.053  5.713   1.00 11.57 ? 31  HIS B CD2 1 
ATOM   255  C  CE1 . HIS A 1 31  ? -8.123  -4.206  4.606   1.00 11.90 ? 31  HIS B CE1 1 
ATOM   256  N  NE2 . HIS A 1 31  ? -7.114  -5.055  4.523   1.00 13.08 ? 31  HIS B NE2 1 
ATOM   257  N  N   . ALA A 1 32  ? -9.364  -3.643  9.770   1.00 16.01 ? 32  ALA B N   1 
ATOM   258  C  CA  . ALA A 1 32  ? -10.720 -4.094  10.054  1.00 17.17 ? 32  ALA B CA  1 
ATOM   259  C  C   . ALA A 1 32  ? -11.698 -2.918  10.037  1.00 17.69 ? 32  ALA B C   1 
ATOM   260  O  O   . ALA A 1 32  ? -12.808 -3.032  9.511   1.00 17.39 ? 32  ALA B O   1 
ATOM   261  C  CB  . ALA A 1 32  ? -10.769 -4.801  11.420  1.00 16.36 ? 32  ALA B CB  1 
ATOM   262  N  N   . ALA A 1 33  ? -11.283 -1.793  10.616  1.00 16.42 ? 33  ALA B N   1 
ATOM   263  C  CA  . ALA A 1 33  ? -12.131 -0.610  10.653  1.00 17.41 ? 33  ALA B CA  1 
ATOM   264  C  C   . ALA A 1 33  ? -12.435 -0.118  9.240   1.00 17.71 ? 33  ALA B C   1 
ATOM   265  O  O   . ALA A 1 33  ? -13.568 0.263   8.949   1.00 19.87 ? 33  ALA B O   1 
ATOM   266  C  CB  . ALA A 1 33  ? -11.462 0.502   11.469  1.00 16.40 ? 33  ALA B CB  1 
ATOM   267  N  N   . TYR A 1 34  ? -11.432 -0.131  8.363   1.00 17.42 ? 34  TYR B N   1 
ATOM   268  C  CA  . TYR A 1 34  ? -11.621 0.315   6.982   1.00 18.88 ? 34  TYR B CA  1 
ATOM   269  C  C   . TYR A 1 34  ? -12.647 -0.546  6.253   1.00 20.11 ? 34  TYR B C   1 
ATOM   270  O  O   . TYR A 1 34  ? -13.523 -0.022  5.563   1.00 21.31 ? 34  TYR B O   1 
ATOM   271  C  CB  . TYR A 1 34  ? -10.294 0.280   6.219   1.00 19.05 ? 34  TYR B CB  1 
ATOM   272  C  CG  . TYR A 1 34  ? -9.286  1.295   6.704   1.00 21.09 ? 34  TYR B CG  1 
ATOM   273  C  CD1 . TYR A 1 34  ? -7.940  0.954   6.858   1.00 20.12 ? 34  TYR B CD1 1 
ATOM   274  C  CD2 . TYR A 1 34  ? -9.677  2.600   7.003   1.00 21.31 ? 34  TYR B CD2 1 
ATOM   275  C  CE1 . TYR A 1 34  ? -7.013  1.886   7.303   1.00 21.52 ? 34  TYR B CE1 1 
ATOM   276  C  CE2 . TYR A 1 34  ? -8.759  3.541   7.440   1.00 21.39 ? 34  TYR B CE2 1 
ATOM   277  C  CZ  . TYR A 1 34  ? -7.431  3.180   7.591   1.00 23.36 ? 34  TYR B CZ  1 
ATOM   278  O  OH  . TYR A 1 34  ? -6.525  4.118   8.037   1.00 25.64 ? 34  TYR B OH  1 
ATOM   279  N  N   . VAL A 1 35  ? -12.535 -1.864  6.404   1.00 20.02 ? 35  VAL B N   1 
ATOM   280  C  CA  . VAL A 1 35  ? -13.455 -2.797  5.760   1.00 20.88 ? 35  VAL B CA  1 
ATOM   281  C  C   . VAL A 1 35  ? -14.892 -2.586  6.238   1.00 21.18 ? 35  VAL B C   1 
ATOM   282  O  O   . VAL A 1 35  ? -15.817 -2.467  5.431   1.00 21.13 ? 35  VAL B O   1 
ATOM   283  C  CB  . VAL A 1 35  ? -13.056 -4.261  6.047   1.00 22.45 ? 35  VAL B CB  1 
ATOM   284  C  CG1 . VAL A 1 35  ? -14.029 -5.211  5.359   1.00 23.03 ? 35  VAL B CG1 1 
ATOM   285  C  CG2 . VAL A 1 35  ? -11.641 -4.516  5.560   1.00 22.43 ? 35  VAL B CG2 1 
ATOM   286  N  N   . ASN A 1 36  ? -15.083 -2.541  7.551   1.00 20.41 ? 36  ASN B N   1 
ATOM   287  C  CA  . ASN A 1 36  ? -16.418 -2.341  8.100   1.00 21.09 ? 36  ASN B CA  1 
ATOM   288  C  C   . ASN A 1 36  ? -17.043 -1.027  7.627   1.00 21.27 ? 36  ASN B C   1 
ATOM   289  O  O   . ASN A 1 36  ? -18.216 -0.996  7.245   1.00 21.35 ? 36  ASN B O   1 
ATOM   290  C  CB  . ASN A 1 36  ? -16.382 -2.376  9.628   1.00 22.37 ? 36  ASN B CB  1 
ATOM   291  C  CG  . ASN A 1 36  ? -15.948 -3.729  10.168  1.00 25.57 ? 36  ASN B CG  1 
ATOM   292  O  OD1 . ASN A 1 36  ? -16.310 -4.784  9.625   1.00 23.89 ? 36  ASN B OD1 1 
ATOM   293  N  ND2 . ASN A 1 36  ? -15.179 -3.708  11.253  1.00 28.66 ? 36  ASN B ND2 1 
ATOM   294  N  N   . ASN A 1 37  ? -16.266 0.053   7.661   1.00 18.92 ? 37  ASN B N   1 
ATOM   295  C  CA  . ASN A 1 37  ? -16.762 1.349   7.225   1.00 18.88 ? 37  ASN B CA  1 
ATOM   296  C  C   . ASN A 1 37  ? -17.019 1.337   5.723   1.00 19.40 ? 37  ASN B C   1 
ATOM   297  O  O   . ASN A 1 37  ? -17.955 1.976   5.245   1.00 19.05 ? 37  ASN B O   1 
ATOM   298  C  CB  . ASN A 1 37  ? -15.766 2.444   7.593   1.00 20.16 ? 37  ASN B CB  1 
ATOM   299  C  CG  . ASN A 1 37  ? -15.757 2.738   9.084   1.00 22.72 ? 37  ASN B CG  1 
ATOM   300  O  OD1 . ASN A 1 37  ? -14.770 3.232   9.623   1.00 25.18 ? 37  ASN B OD1 1 
ATOM   301  N  ND2 . ASN A 1 37  ? -16.867 2.443   9.755   1.00 23.87 ? 37  ASN B ND2 1 
ATOM   302  N  N   . LEU A 1 38  ? -16.196 0.599   4.978   1.00 19.08 ? 38  LEU B N   1 
ATOM   303  C  CA  . LEU A 1 38  ? -16.384 0.501   3.537   1.00 18.75 ? 38  LEU B CA  1 
ATOM   304  C  C   . LEU A 1 38  ? -17.754 -0.135  3.266   1.00 19.94 ? 38  LEU B C   1 
ATOM   305  O  O   . LEU A 1 38  ? -18.544 0.393   2.480   1.00 20.42 ? 38  LEU B O   1 
ATOM   306  C  CB  . LEU A 1 38  ? -15.276 -0.350  2.900   1.00 17.35 ? 38  LEU B CB  1 
ATOM   307  C  CG  . LEU A 1 38  ? -15.543 -0.797  1.458   1.00 17.49 ? 38  LEU B CG  1 
ATOM   308  C  CD1 . LEU A 1 38  ? -15.767 0.417   0.568   1.00 16.45 ? 38  LEU B CD1 1 
ATOM   309  C  CD2 . LEU A 1 38  ? -14.378 -1.625  0.949   1.00 15.98 ? 38  LEU B CD2 1 
ATOM   310  N  N   . ASN A 1 39  ? -18.036 -1.256  3.928   1.00 18.46 ? 39  ASN B N   1 
ATOM   311  C  CA  . ASN A 1 39  ? -19.315 -1.936  3.737   1.00 19.14 ? 39  ASN B CA  1 
ATOM   312  C  C   . ASN A 1 39  ? -20.493 -1.038  4.078   1.00 17.71 ? 39  ASN B C   1 
ATOM   313  O  O   . ASN A 1 39  ? -21.470 -0.986  3.338   1.00 17.61 ? 39  ASN B O   1 
ATOM   314  C  CB  . ASN A 1 39  ? -19.370 -3.230  4.554   1.00 18.33 ? 39  ASN B CB  1 
ATOM   315  C  CG  . ASN A 1 39  ? -18.481 -4.314  3.968   1.00 21.72 ? 39  ASN B CG  1 
ATOM   316  O  OD1 . ASN A 1 39  ? -18.467 -4.517  2.755   1.00 21.08 ? 39  ASN B OD1 1 
ATOM   317  N  ND2 . ASN A 1 39  ? -17.738 -5.016  4.819   1.00 20.53 ? 39  ASN B ND2 1 
ATOM   318  N  N   . VAL A 1 40  ? -20.395 -0.317  5.189   1.00 17.96 ? 40  VAL B N   1 
ATOM   319  C  CA  . VAL A 1 40  ? -21.464 0.590   5.590   1.00 19.12 ? 40  VAL B CA  1 
ATOM   320  C  C   . VAL A 1 40  ? -21.641 1.692   4.552   1.00 20.05 ? 40  VAL B C   1 
ATOM   321  O  O   . VAL A 1 40  ? -22.764 2.062   4.215   1.00 21.87 ? 40  VAL B O   1 
ATOM   322  C  CB  . VAL A 1 40  ? -21.166 1.242   6.965   1.00 19.99 ? 40  VAL B CB  1 
ATOM   323  C  CG1 . VAL A 1 40  ? -22.061 2.460   7.180   1.00 19.48 ? 40  VAL B CG1 1 
ATOM   324  C  CG2 . VAL A 1 40  ? -21.392 0.225   8.079   1.00 16.79 ? 40  VAL B CG2 1 
ATOM   325  N  N   . THR A 1 41  ? -20.530 2.208   4.037   1.00 20.42 ? 41  THR B N   1 
ATOM   326  C  CA  . THR A 1 41  ? -20.577 3.276   3.049   1.00 20.10 ? 41  THR B CA  1 
ATOM   327  C  C   . THR A 1 41  ? -21.141 2.822   1.701   1.00 19.98 ? 41  THR B C   1 
ATOM   328  O  O   . THR A 1 41  ? -21.892 3.562   1.068   1.00 18.58 ? 41  THR B O   1 
ATOM   329  C  CB  . THR A 1 41  ? -19.177 3.908   2.850   1.00 20.19 ? 41  THR B CB  1 
ATOM   330  O  OG1 . THR A 1 41  ? -18.714 4.430   4.101   1.00 19.90 ? 41  THR B OG1 1 
ATOM   331  C  CG2 . THR A 1 41  ? -19.237 5.048   1.841   1.00 19.00 ? 41  THR B CG2 1 
ATOM   332  N  N   . GLU A 1 42  ? -20.787 1.619   1.255   1.00 20.67 ? 42  GLU B N   1 
ATOM   333  C  CA  . GLU A 1 42  ? -21.305 1.123   -0.019  1.00 22.99 ? 42  GLU B CA  1 
ATOM   334  C  C   . GLU A 1 42  ? -22.803 0.901   0.118   1.00 24.80 ? 42  GLU B C   1 
ATOM   335  O  O   . GLU A 1 42  ? -23.558 1.052   -0.837  1.00 26.18 ? 42  GLU B O   1 
ATOM   336  C  CB  . GLU A 1 42  ? -20.653 -0.196  -0.416  1.00 23.03 ? 42  GLU B CB  1 
ATOM   337  C  CG  . GLU A 1 42  ? -19.279 -0.080  -1.026  1.00 25.27 ? 42  GLU B CG  1 
ATOM   338  C  CD  . GLU A 1 42  ? -18.929 -1.318  -1.829  1.00 28.01 ? 42  GLU B CD  1 
ATOM   339  O  OE1 . GLU A 1 42  ? -19.328 -2.420  -1.404  1.00 29.60 ? 42  GLU B OE1 1 
ATOM   340  O  OE2 . GLU A 1 42  ? -18.260 -1.200  -2.876  1.00 28.74 ? 42  GLU B OE2 1 
ATOM   341  N  N   . GLU A 1 43  ? -23.212 0.528   1.323   1.00 26.28 ? 43  GLU B N   1 
ATOM   342  C  CA  . GLU A 1 43  ? -24.609 0.291   1.651   1.00 27.39 ? 43  GLU B CA  1 
ATOM   343  C  C   . GLU A 1 43  ? -25.413 1.581   1.428   1.00 26.62 ? 43  GLU B C   1 
ATOM   344  O  O   . GLU A 1 43  ? -26.428 1.579   0.727   1.00 24.84 ? 43  GLU B O   1 
ATOM   345  C  CB  . GLU A 1 43  ? -24.686 -0.171  3.113   1.00 32.00 ? 43  GLU B CB  1 
ATOM   346  C  CG  . GLU A 1 43  ? -26.005 0.046   3.823   1.00 37.66 ? 43  GLU B CG  1 
ATOM   347  C  CD  . GLU A 1 43  ? -27.137 -0.672  3.157   1.00 42.61 ? 43  GLU B CD  1 
ATOM   348  O  OE1 . GLU A 1 43  ? -26.864 -1.679  2.465   1.00 46.43 ? 43  GLU B OE1 1 
ATOM   349  O  OE2 . GLU A 1 43  ? -28.298 -0.240  3.337   1.00 45.32 ? 43  GLU B OE2 1 
ATOM   350  N  N   . LYS A 1 44  ? -24.947 2.681   2.016   1.00 24.76 ? 44  LYS B N   1 
ATOM   351  C  CA  . LYS A 1 44  ? -25.615 3.969   1.874   1.00 25.57 ? 44  LYS B CA  1 
ATOM   352  C  C   . LYS A 1 44  ? -25.575 4.471   0.434   1.00 26.37 ? 44  LYS B C   1 
ATOM   353  O  O   . LYS A 1 44  ? -26.512 5.122   -0.035  1.00 24.97 ? 44  LYS B O   1 
ATOM   354  C  CB  . LYS A 1 44  ? -24.956 5.011   2.773   1.00 26.63 ? 44  LYS B CB  1 
ATOM   355  C  CG  . LYS A 1 44  ? -25.179 4.798   4.251   1.00 31.83 ? 44  LYS B CG  1 
ATOM   356  C  CD  . LYS A 1 44  ? -24.384 5.813   5.043   1.00 36.63 ? 44  LYS B CD  1 
ATOM   357  C  CE  . LYS A 1 44  ? -24.674 5.711   6.530   1.00 40.18 ? 44  LYS B CE  1 
ATOM   358  N  NZ  . LYS A 1 44  ? -23.773 6.606   7.317   1.00 43.68 ? 44  LYS B NZ  1 
ATOM   359  N  N   . TYR A 1 45  ? -24.491 4.172   -0.269  1.00 25.16 ? 45  TYR B N   1 
ATOM   360  C  CA  . TYR A 1 45  ? -24.368 4.631   -1.637  1.00 27.82 ? 45  TYR B CA  1 
ATOM   361  C  C   . TYR A 1 45  ? -25.355 3.926   -2.566  1.00 29.20 ? 45  TYR B C   1 
ATOM   362  O  O   . TYR A 1 45  ? -25.848 4.525   -3.520  1.00 28.77 ? 45  TYR B O   1 
ATOM   363  C  CB  . TYR A 1 45  ? -22.928 4.459   -2.130  1.00 27.84 ? 45  TYR B CB  1 
ATOM   364  C  CG  . TYR A 1 45  ? -22.599 5.372   -3.281  1.00 29.16 ? 45  TYR B CG  1 
ATOM   365  C  CD1 . TYR A 1 45  ? -23.128 5.130   -4.546  1.00 32.02 ? 45  TYR B CD1 1 
ATOM   366  C  CD2 . TYR A 1 45  ? -21.804 6.509   -3.100  1.00 29.68 ? 45  TYR B CD2 1 
ATOM   367  C  CE1 . TYR A 1 45  ? -22.880 5.991   -5.613  1.00 32.45 ? 45  TYR B CE1 1 
ATOM   368  C  CE2 . TYR A 1 45  ? -21.547 7.386   -4.165  1.00 29.79 ? 45  TYR B CE2 1 
ATOM   369  C  CZ  . TYR A 1 45  ? -22.092 7.117   -5.424  1.00 32.21 ? 45  TYR B CZ  1 
ATOM   370  O  OH  . TYR A 1 45  ? -21.859 7.942   -6.513  1.00 29.78 ? 45  TYR B OH  1 
ATOM   371  N  N   . GLN A 1 46  ? -25.662 2.666   -2.286  1.00 31.70 ? 46  GLN B N   1 
ATOM   372  C  CA  . GLN A 1 46  ? -26.610 1.939   -3.128  1.00 34.02 ? 46  GLN B CA  1 
ATOM   373  C  C   . GLN A 1 46  ? -27.998 2.551   -2.971  1.00 33.57 ? 46  GLN B C   1 
ATOM   374  O  O   . GLN A 1 46  ? -28.778 2.592   -3.918  1.00 34.59 ? 46  GLN B O   1 
ATOM   375  C  CB  . GLN A 1 46  ? -26.667 0.459   -2.747  1.00 37.05 ? 46  GLN B CB  1 
ATOM   376  C  CG  . GLN A 1 46  ? -27.528 -0.371  -3.693  1.00 41.49 ? 46  GLN B CG  1 
ATOM   377  C  CD  . GLN A 1 46  ? -26.935 -0.454  -5.096  1.00 46.54 ? 46  GLN B CD  1 
ATOM   378  O  OE1 . GLN A 1 46  ? -25.920 -1.120  -5.315  1.00 49.13 ? 46  GLN B OE1 1 
ATOM   379  N  NE2 . GLN A 1 46  ? -27.562 0.233   -6.051  1.00 47.11 ? 46  GLN B NE2 1 
ATOM   380  N  N   . GLU A 1 47  ? -28.307 3.021   -1.772  1.00 33.06 ? 47  GLU B N   1 
ATOM   381  C  CA  . GLU A 1 47  ? -29.600 3.633   -1.526  1.00 33.49 ? 47  GLU B CA  1 
ATOM   382  C  C   . GLU A 1 47  ? -29.720 4.969   -2.246  1.00 31.22 ? 47  GLU B C   1 
ATOM   383  O  O   . GLU A 1 47  ? -30.722 5.237   -2.901  1.00 32.14 ? 47  GLU B O   1 
ATOM   384  C  CB  . GLU A 1 47  ? -29.814 3.832   -0.028  1.00 36.86 ? 47  GLU B CB  1 
ATOM   385  C  CG  . GLU A 1 47  ? -30.279 2.579   0.691   1.00 45.92 ? 47  GLU B CG  1 
ATOM   386  C  CD  . GLU A 1 47  ? -30.313 2.750   2.203   1.00 51.18 ? 47  GLU B CD  1 
ATOM   387  O  OE1 . GLU A 1 47  ? -30.750 3.825   2.676   1.00 53.41 ? 47  GLU B OE1 1 
ATOM   388  O  OE2 . GLU A 1 47  ? -29.911 1.801   2.916   1.00 53.42 ? 47  GLU B OE2 1 
ATOM   389  N  N   . ALA A 1 48  ? -28.693 5.803   -2.125  1.00 27.72 ? 48  ALA B N   1 
ATOM   390  C  CA  . ALA A 1 48  ? -28.686 7.115   -2.759  1.00 26.09 ? 48  ALA B CA  1 
ATOM   391  C  C   . ALA A 1 48  ? -28.734 7.001   -4.279  1.00 26.15 ? 48  ALA B C   1 
ATOM   392  O  O   . ALA A 1 48  ? -29.372 7.808   -4.957  1.00 25.89 ? 48  ALA B O   1 
ATOM   393  C  CB  . ALA A 1 48  ? -27.439 7.884   -2.339  1.00 25.93 ? 48  ALA B CB  1 
ATOM   394  N  N   . LEU A 1 49  ? -28.048 5.995   -4.808  1.00 25.30 ? 49  LEU B N   1 
ATOM   395  C  CA  . LEU A 1 49  ? -27.997 5.776   -6.241  1.00 26.13 ? 49  LEU B CA  1 
ATOM   396  C  C   . LEU A 1 49  ? -29.349 5.292   -6.757  1.00 28.90 ? 49  LEU B C   1 
ATOM   397  O  O   . LEU A 1 49  ? -29.800 5.710   -7.824  1.00 30.34 ? 49  LEU B O   1 
ATOM   398  C  CB  . LEU A 1 49  ? -26.908 4.750   -6.561  1.00 25.03 ? 49  LEU B CB  1 
ATOM   399  C  CG  . LEU A 1 49  ? -26.535 4.509   -8.022  1.00 24.16 ? 49  LEU B CG  1 
ATOM   400  C  CD1 . LEU A 1 49  ? -26.115 5.809   -8.682  1.00 23.76 ? 49  LEU B CD1 1 
ATOM   401  C  CD2 . LEU A 1 49  ? -25.402 3.502   -8.079  1.00 25.78 ? 49  LEU B CD2 1 
ATOM   402  N  N   . ALA A 1 50  ? -30.000 4.425   -5.988  1.00 29.83 ? 50  ALA B N   1 
ATOM   403  C  CA  . ALA A 1 50  ? -31.296 3.878   -6.377  1.00 30.78 ? 50  ALA B CA  1 
ATOM   404  C  C   . ALA A 1 50  ? -32.368 4.951   -6.512  1.00 32.21 ? 50  ALA B C   1 
ATOM   405  O  O   . ALA A 1 50  ? -33.233 4.851   -7.380  1.00 33.34 ? 50  ALA B O   1 
ATOM   406  C  CB  . ALA A 1 50  ? -31.748 2.816   -5.372  1.00 28.00 ? 50  ALA B CB  1 
ATOM   407  N  N   . LYS A 1 51  ? -32.332 5.971   -5.659  1.00 32.19 ? 51  LYS B N   1 
ATOM   408  C  CA  . LYS A 1 51  ? -33.334 7.022   -5.759  1.00 34.38 ? 51  LYS B CA  1 
ATOM   409  C  C   . LYS A 1 51  ? -32.793 8.305   -6.376  1.00 33.16 ? 51  LYS B C   1 
ATOM   410  O  O   . LYS A 1 51  ? -33.365 9.378   -6.207  1.00 34.03 ? 51  LYS B O   1 
ATOM   411  C  CB  . LYS A 1 51  ? -33.977 7.300   -4.396  1.00 37.51 ? 51  LYS B CB  1 
ATOM   412  C  CG  . LYS A 1 51  ? -33.037 7.655   -3.266  1.00 42.80 ? 51  LYS B CG  1 
ATOM   413  C  CD  . LYS A 1 51  ? -33.819 7.730   -1.953  1.00 46.40 ? 51  LYS B CD  1 
ATOM   414  C  CE  . LYS A 1 51  ? -32.931 8.144   -0.784  1.00 50.93 ? 51  LYS B CE  1 
ATOM   415  N  NZ  . LYS A 1 51  ? -33.698 8.278   0.497   1.00 51.86 ? 51  LYS B NZ  1 
ATOM   416  N  N   . GLY A 1 52  ? -31.689 8.172   -7.103  1.00 30.88 ? 52  GLY B N   1 
ATOM   417  C  CA  . GLY A 1 52  ? -31.084 9.306   -7.778  1.00 28.44 ? 52  GLY B CA  1 
ATOM   418  C  C   . GLY A 1 52  ? -30.699 10.508  -6.937  1.00 27.44 ? 52  GLY B C   1 
ATOM   419  O  O   . GLY A 1 52  ? -30.712 11.634  -7.437  1.00 28.81 ? 52  GLY B O   1 
ATOM   420  N  N   . ASP A 1 53  ? -30.352 10.285  -5.674  1.00 25.43 ? 53  ASP B N   1 
ATOM   421  C  CA  . ASP A 1 53  ? -29.947 11.380  -4.789  1.00 24.55 ? 53  ASP B CA  1 
ATOM   422  C  C   . ASP A 1 53  ? -28.481 11.743  -5.088  1.00 24.59 ? 53  ASP B C   1 
ATOM   423  O  O   . ASP A 1 53  ? -27.550 11.156  -4.512  1.00 24.68 ? 53  ASP B O   1 
ATOM   424  C  CB  . ASP A 1 53  ? -30.087 10.948  -3.327  1.00 23.78 ? 53  ASP B CB  1 
ATOM   425  C  CG  . ASP A 1 53  ? -30.042 12.115  -2.364  1.00 23.73 ? 53  ASP B CG  1 
ATOM   426  O  OD1 . ASP A 1 53  ? -29.498 13.180  -2.731  1.00 24.98 ? 53  ASP B OD1 1 
ATOM   427  O  OD2 . ASP A 1 53  ? -30.541 11.963  -1.230  1.00 23.38 ? 53  ASP B OD2 1 
ATOM   428  N  N   . VAL A 1 54  ? -28.281 12.705  -5.989  1.00 21.80 ? 54  VAL B N   1 
ATOM   429  C  CA  . VAL A 1 54  ? -26.939 13.121  -6.383  1.00 20.87 ? 54  VAL B CA  1 
ATOM   430  C  C   . VAL A 1 54  ? -26.175 13.788  -5.244  1.00 20.42 ? 54  VAL B C   1 
ATOM   431  O  O   . VAL A 1 54  ? -24.957 13.642  -5.132  1.00 20.10 ? 54  VAL B O   1 
ATOM   432  C  CB  . VAL A 1 54  ? -26.980 14.084  -7.591  1.00 21.47 ? 54  VAL B CB  1 
ATOM   433  C  CG1 . VAL A 1 54  ? -25.565 14.387  -8.063  1.00 20.90 ? 54  VAL B CG1 1 
ATOM   434  C  CG2 . VAL A 1 54  ? -27.784 13.463  -8.728  1.00 22.13 ? 54  VAL B CG2 1 
ATOM   435  N  N   . THR A 1 55  ? -26.889 14.527  -4.405  1.00 19.84 ? 55  THR B N   1 
ATOM   436  C  CA  . THR A 1 55  ? -26.271 15.198  -3.272  1.00 19.18 ? 55  THR B CA  1 
ATOM   437  C  C   . THR A 1 55  ? -25.760 14.157  -2.281  1.00 19.42 ? 55  THR B C   1 
ATOM   438  O  O   . THR A 1 55  ? -24.669 14.298  -1.733  1.00 17.23 ? 55  THR B O   1 
ATOM   439  C  CB  . THR A 1 55  ? -27.278 16.150  -2.579  1.00 19.17 ? 55  THR B CB  1 
ATOM   440  O  OG1 . THR A 1 55  ? -27.487 17.293  -3.420  1.00 20.42 ? 55  THR B OG1 1 
ATOM   441  C  CG2 . THR A 1 55  ? -26.768 16.605  -1.207  1.00 16.74 ? 55  THR B CG2 1 
ATOM   442  N  N   . ALA A 1 56  ? -26.543 13.104  -2.062  1.00 19.46 ? 56  ALA B N   1 
ATOM   443  C  CA  . ALA A 1 56  ? -26.133 12.049  -1.143  1.00 20.20 ? 56  ALA B CA  1 
ATOM   444  C  C   . ALA A 1 56  ? -24.874 11.359  -1.668  1.00 19.74 ? 56  ALA B C   1 
ATOM   445  O  O   . ALA A 1 56  ? -23.933 11.111  -0.912  1.00 20.74 ? 56  ALA B O   1 
ATOM   446  C  CB  . ALA A 1 56  ? -27.259 11.032  -0.967  1.00 20.12 ? 56  ALA B CB  1 
ATOM   447  N  N   . GLN A 1 57  ? -24.855 11.055  -2.964  1.00 18.59 ? 57  GLN B N   1 
ATOM   448  C  CA  . GLN A 1 57  ? -23.703 10.402  -3.579  1.00 18.55 ? 57  GLN B CA  1 
ATOM   449  C  C   . GLN A 1 57  ? -22.423 11.231  -3.448  1.00 18.55 ? 57  GLN B C   1 
ATOM   450  O  O   . GLN A 1 57  ? -21.354 10.689  -3.206  1.00 20.40 ? 57  GLN B O   1 
ATOM   451  C  CB  . GLN A 1 57  ? -23.966 10.127  -5.059  1.00 17.51 ? 57  GLN B CB  1 
ATOM   452  C  CG  . GLN A 1 57  ? -25.047 9.100   -5.330  1.00 18.14 ? 57  GLN B CG  1 
ATOM   453  C  CD  . GLN A 1 57  ? -25.357 8.986   -6.803  1.00 19.77 ? 57  GLN B CD  1 
ATOM   454  O  OE1 . GLN A 1 57  ? -24.473 8.700   -7.612  1.00 21.15 ? 57  GLN B OE1 1 
ATOM   455  N  NE2 . GLN A 1 57  ? -26.615 9.217   -7.165  1.00 21.11 ? 57  GLN B NE2 1 
ATOM   456  N  N   . ILE A 1 58  ? -22.526 12.544  -3.609  1.00 18.89 ? 58  ILE B N   1 
ATOM   457  C  CA  . ILE A 1 58  ? -21.346 13.397  -3.507  1.00 17.30 ? 58  ILE B CA  1 
ATOM   458  C  C   . ILE A 1 58  ? -20.894 13.554  -2.053  1.00 18.06 ? 58  ILE B C   1 
ATOM   459  O  O   . ILE A 1 58  ? -19.697 13.604  -1.773  1.00 19.10 ? 58  ILE B O   1 
ATOM   460  C  CB  . ILE A 1 58  ? -21.617 14.772  -4.141  1.00 16.58 ? 58  ILE B CB  1 
ATOM   461  C  CG1 . ILE A 1 58  ? -21.828 14.593  -5.649  1.00 16.22 ? 58  ILE B CG1 1 
ATOM   462  C  CG2 . ILE A 1 58  ? -20.464 15.723  -3.865  1.00 15.02 ? 58  ILE B CG2 1 
ATOM   463  C  CD1 . ILE A 1 58  ? -22.318 15.845  -6.358  1.00 17.41 ? 58  ILE B CD1 1 
ATOM   464  N  N   . ALA A 1 59  ? -21.851 13.607  -1.130  1.00 16.82 ? 59  ALA B N   1 
ATOM   465  C  CA  . ALA A 1 59  ? -21.531 13.744  0.284   1.00 17.10 ? 59  ALA B CA  1 
ATOM   466  C  C   . ALA A 1 59  ? -20.791 12.502  0.798   1.00 18.36 ? 59  ALA B C   1 
ATOM   467  O  O   . ALA A 1 59  ? -19.986 12.589  1.726   1.00 17.09 ? 59  ALA B O   1 
ATOM   468  C  CB  . ALA A 1 59  ? -22.810 13.972  1.095   1.00 13.19 ? 59  ALA B CB  1 
ATOM   469  N  N   . LEU A 1 60  ? -21.060 11.353  0.181   1.00 20.29 ? 60  LEU B N   1 
ATOM   470  C  CA  . LEU A 1 60  ? -20.426 10.096  0.583   1.00 19.99 ? 60  LEU B CA  1 
ATOM   471  C  C   . LEU A 1 60  ? -19.043 9.843   -0.014  1.00 19.31 ? 60  LEU B C   1 
ATOM   472  O  O   . LEU A 1 60  ? -18.343 8.926   0.417   1.00 19.98 ? 60  LEU B O   1 
ATOM   473  C  CB  . LEU A 1 60  ? -21.335 8.914   0.225   1.00 18.64 ? 60  LEU B CB  1 
ATOM   474  C  CG  . LEU A 1 60  ? -22.668 8.816   0.974   1.00 21.06 ? 60  LEU B CG  1 
ATOM   475  C  CD1 . LEU A 1 60  ? -23.504 7.683   0.389   1.00 18.71 ? 60  LEU B CD1 1 
ATOM   476  C  CD2 . LEU A 1 60  ? -22.408 8.596   2.459   1.00 19.21 ? 60  LEU B CD2 1 
ATOM   477  N  N   . GLN A 1 61  ? -18.638 10.644  -0.993  1.00 18.76 ? 61  GLN B N   1 
ATOM   478  C  CA  . GLN A 1 61  ? -17.344 10.420  -1.634  1.00 20.03 ? 61  GLN B CA  1 
ATOM   479  C  C   . GLN A 1 61  ? -16.129 10.366  -0.707  1.00 20.25 ? 61  GLN B C   1 
ATOM   480  O  O   . GLN A 1 61  ? -15.296 9.470   -0.834  1.00 21.45 ? 61  GLN B O   1 
ATOM   481  C  CB  . GLN A 1 61  ? -17.114 11.445  -2.747  1.00 18.23 ? 61  GLN B CB  1 
ATOM   482  C  CG  . GLN A 1 61  ? -18.132 11.327  -3.866  1.00 17.75 ? 61  GLN B CG  1 
ATOM   483  C  CD  . GLN A 1 61  ? -17.751 12.110  -5.109  1.00 17.16 ? 61  GLN B CD  1 
ATOM   484  O  OE1 . GLN A 1 61  ? -17.137 13.172  -5.025  1.00 17.05 ? 61  GLN B OE1 1 
ATOM   485  N  NE2 . GLN A 1 61  ? -18.133 11.594  -6.269  1.00 13.13 ? 61  GLN B NE2 1 
ATOM   486  N  N   . PRO A 1 62  ? -16.001 11.315  0.231   1.00 19.76 ? 62  PRO B N   1 
ATOM   487  C  CA  . PRO A 1 62  ? -14.834 11.261  1.121   1.00 19.61 ? 62  PRO B CA  1 
ATOM   488  C  C   . PRO A 1 62  ? -14.713 9.944   1.892   1.00 20.00 ? 62  PRO B C   1 
ATOM   489  O  O   . PRO A 1 62  ? -13.626 9.370   1.996   1.00 20.06 ? 62  PRO B O   1 
ATOM   490  C  CB  . PRO A 1 62  ? -15.051 12.458  2.044   1.00 19.78 ? 62  PRO B CB  1 
ATOM   491  C  CG  . PRO A 1 62  ? -15.739 13.448  1.139   1.00 19.49 ? 62  PRO B CG  1 
ATOM   492  C  CD  . PRO A 1 62  ? -16.749 12.572  0.413   1.00 20.25 ? 62  PRO B CD  1 
ATOM   493  N  N   . ALA A 1 63  ? -15.834 9.464   2.421   1.00 19.89 ? 63  ALA B N   1 
ATOM   494  C  CA  . ALA A 1 63  ? -15.853 8.224   3.196   1.00 18.99 ? 63  ALA B CA  1 
ATOM   495  C  C   . ALA A 1 63  ? -15.548 7.001   2.349   1.00 18.83 ? 63  ALA B C   1 
ATOM   496  O  O   . ALA A 1 63  ? -14.803 6.119   2.774   1.00 20.87 ? 63  ALA B O   1 
ATOM   497  C  CB  . ALA A 1 63  ? -17.206 8.049   3.873   1.00 14.80 ? 63  ALA B CB  1 
ATOM   498  N  N   . LEU A 1 64  ? -16.128 6.943   1.156   1.00 18.18 ? 64  LEU B N   1 
ATOM   499  C  CA  . LEU A 1 64  ? -15.913 5.808   0.271   1.00 17.24 ? 64  LEU B CA  1 
ATOM   500  C  C   . LEU A 1 64  ? -14.475 5.755   -0.210  1.00 17.23 ? 64  LEU B C   1 
ATOM   501  O  O   . LEU A 1 64  ? -13.890 4.673   -0.301  1.00 18.30 ? 64  LEU B O   1 
ATOM   502  C  CB  . LEU A 1 64  ? -16.858 5.864   -0.932  1.00 17.04 ? 64  LEU B CB  1 
ATOM   503  C  CG  . LEU A 1 64  ? -17.021 4.507   -1.627  1.00 20.46 ? 64  LEU B CG  1 
ATOM   504  C  CD1 . LEU A 1 64  ? -18.373 4.455   -2.304  1.00 25.34 ? 64  LEU B CD1 1 
ATOM   505  C  CD2 . LEU A 1 64  ? -15.901 4.273   -2.625  1.00 18.85 ? 64  LEU B CD2 1 
ATOM   506  N  N   . LYS A 1 65  ? -13.900 6.915   -0.520  1.00 14.27 ? 65  LYS B N   1 
ATOM   507  C  CA  . LYS A 1 65  ? -12.517 6.944   -0.972  1.00 14.77 ? 65  LYS B CA  1 
ATOM   508  C  C   . LYS A 1 65  ? -11.566 6.561   0.154   1.00 14.61 ? 65  LYS B C   1 
ATOM   509  O  O   . LYS A 1 65  ? -10.684 5.727   -0.032  1.00 15.49 ? 65  LYS B O   1 
ATOM   510  C  CB  . LYS A 1 65  ? -12.131 8.328   -1.501  1.00 14.71 ? 65  LYS B CB  1 
ATOM   511  C  CG  . LYS A 1 65  ? -10.673 8.384   -1.916  1.00 15.58 ? 65  LYS B CG  1 
ATOM   512  C  CD  . LYS A 1 65  ? -10.376 9.490   -2.909  1.00 20.09 ? 65  LYS B CD  1 
ATOM   513  C  CE  . LYS A 1 65  ? -10.345 10.854  -2.255  1.00 23.50 ? 65  LYS B CE  1 
ATOM   514  N  NZ  . LYS A 1 65  ? -9.848  11.855  -3.243  1.00 30.32 ? 65  LYS B NZ  1 
ATOM   515  N  N   . PHE A 1 66  ? -11.753 7.177   1.317   1.00 15.00 ? 66  PHE B N   1 
ATOM   516  C  CA  . PHE A 1 66  ? -10.910 6.924   2.483   1.00 15.34 ? 66  PHE B CA  1 
ATOM   517  C  C   . PHE A 1 66  ? -10.949 5.453   2.931   1.00 17.16 ? 66  PHE B C   1 
ATOM   518  O  O   . PHE A 1 66  ? -9.905  4.808   3.055   1.00 14.67 ? 66  PHE B O   1 
ATOM   519  C  CB  . PHE A 1 66  ? -11.346 7.835   3.636   1.00 14.97 ? 66  PHE B CB  1 
ATOM   520  C  CG  . PHE A 1 66  ? -10.482 7.727   4.861   1.00 18.53 ? 66  PHE B CG  1 
ATOM   521  C  CD1 . PHE A 1 66  ? -9.169  8.188   4.847   1.00 17.64 ? 66  PHE B CD1 1 
ATOM   522  C  CD2 . PHE A 1 66  ? -10.981 7.152   6.034   1.00 20.29 ? 66  PHE B CD2 1 
ATOM   523  C  CE1 . PHE A 1 66  ? -8.357  8.075   5.989   1.00 20.37 ? 66  PHE B CE1 1 
ATOM   524  C  CE2 . PHE A 1 66  ? -10.178 7.033   7.183   1.00 20.63 ? 66  PHE B CE2 1 
ATOM   525  C  CZ  . PHE A 1 66  ? -8.864  7.497   7.159   1.00 19.04 ? 66  PHE B CZ  1 
ATOM   526  N  N   . ASN A 1 67  ? -12.149 4.920   3.164   1.00 16.00 ? 67  ASN B N   1 
ATOM   527  C  CA  . ASN A 1 67  ? -12.280 3.533   3.602   1.00 16.09 ? 67  ASN B CA  1 
ATOM   528  C  C   . ASN A 1 67  ? -12.040 2.516   2.491   1.00 16.19 ? 67  ASN B C   1 
ATOM   529  O  O   . ASN A 1 67  ? -11.463 1.456   2.733   1.00 15.68 ? 67  ASN B O   1 
ATOM   530  C  CB  . ASN A 1 67  ? -13.650 3.322   4.239   1.00 16.73 ? 67  ASN B CB  1 
ATOM   531  C  CG  . ASN A 1 67  ? -13.820 4.142   5.500   1.00 19.61 ? 67  ASN B CG  1 
ATOM   532  O  OD1 . ASN A 1 67  ? -13.114 3.933   6.485   1.00 20.85 ? 67  ASN B OD1 1 
ATOM   533  N  ND2 . ASN A 1 67  ? -14.748 5.093   5.469   1.00 20.92 ? 67  ASN B ND2 1 
ATOM   534  N  N   . GLY A 1 68  ? -12.479 2.832   1.277   1.00 16.00 ? 68  GLY B N   1 
ATOM   535  C  CA  . GLY A 1 68  ? -12.245 1.928   0.166   1.00 15.86 ? 68  GLY B CA  1 
ATOM   536  C  C   . GLY A 1 68  ? -10.750 1.889   -0.100  1.00 16.43 ? 68  GLY B C   1 
ATOM   537  O  O   . GLY A 1 68  ? -10.162 0.819   -0.317  1.00 17.34 ? 68  GLY B O   1 
ATOM   538  N  N   . GLY A 1 69  ? -10.127 3.067   -0.077  1.00 15.72 ? 69  GLY B N   1 
ATOM   539  C  CA  . GLY A 1 69  ? -8.694  3.153   -0.297  1.00 14.49 ? 69  GLY B CA  1 
ATOM   540  C  C   . GLY A 1 69  ? -7.966  2.381   0.794   1.00 16.08 ? 69  GLY B C   1 
ATOM   541  O  O   . GLY A 1 69  ? -7.047  1.610   0.515   1.00 15.77 ? 69  GLY B O   1 
ATOM   542  N  N   . GLY A 1 70  ? -8.390  2.575   2.041   1.00 15.40 ? 70  GLY B N   1 
ATOM   543  C  CA  . GLY A 1 70  ? -7.770  1.876   3.150   1.00 14.88 ? 70  GLY B CA  1 
ATOM   544  C  C   . GLY A 1 70  ? -7.784  0.361   2.971   1.00 17.37 ? 70  GLY B C   1 
ATOM   545  O  O   . GLY A 1 70  ? -6.798  -0.318  3.272   1.00 17.65 ? 70  GLY B O   1 
ATOM   546  N  N   . HIS A 1 71  ? -8.901  -0.172  2.483   1.00 17.38 ? 71  HIS B N   1 
ATOM   547  C  CA  . HIS A 1 71  ? -9.030  -1.610  2.274   1.00 15.74 ? 71  HIS B CA  1 
ATOM   548  C  C   . HIS A 1 71  ? -8.098  -2.051  1.143   1.00 17.06 ? 71  HIS B C   1 
ATOM   549  O  O   . HIS A 1 71  ? -7.298  -2.976  1.306   1.00 15.53 ? 71  HIS B O   1 
ATOM   550  C  CB  . HIS A 1 71  ? -10.487 -1.953  1.947   1.00 14.31 ? 71  HIS B CB  1 
ATOM   551  C  CG  . HIS A 1 71  ? -10.723 -3.406  1.676   1.00 15.36 ? 71  HIS B CG  1 
ATOM   552  N  ND1 . HIS A 1 71  ? -10.169 -4.407  2.444   1.00 16.33 ? 71  HIS B ND1 1 
ATOM   553  C  CD2 . HIS A 1 71  ? -11.467 -4.027  0.729   1.00 14.41 ? 71  HIS B CD2 1 
ATOM   554  C  CE1 . HIS A 1 71  ? -10.560 -5.583  1.983   1.00 14.92 ? 71  HIS B CE1 1 
ATOM   555  N  NE2 . HIS A 1 71  ? -11.349 -5.380  0.943   1.00 17.32 ? 71  HIS B NE2 1 
ATOM   556  N  N   . ILE A 1 72  ? -8.194  -1.370  0.005   1.00 16.88 ? 72  ILE B N   1 
ATOM   557  C  CA  . ILE A 1 72  ? -7.353  -1.676  -1.145  1.00 17.17 ? 72  ILE B CA  1 
ATOM   558  C  C   . ILE A 1 72  ? -5.866  -1.626  -0.808  1.00 17.52 ? 72  ILE B C   1 
ATOM   559  O  O   . ILE A 1 72  ? -5.136  -2.586  -1.054  1.00 18.72 ? 72  ILE B O   1 
ATOM   560  C  CB  . ILE A 1 72  ? -7.602  -0.680  -2.294  1.00 17.89 ? 72  ILE B CB  1 
ATOM   561  C  CG1 . ILE A 1 72  ? -8.993  -0.907  -2.886  1.00 18.82 ? 72  ILE B CG1 1 
ATOM   562  C  CG2 . ILE A 1 72  ? -6.543  -0.836  -3.366  1.00 13.91 ? 72  ILE B CG2 1 
ATOM   563  C  CD1 . ILE A 1 72  ? -9.345  0.096   -3.968  1.00 21.24 ? 72  ILE B CD1 1 
ATOM   564  N  N   . ASN A 1 73  ? -5.421  -0.504  -0.247  1.00 16.72 ? 73  ASN B N   1 
ATOM   565  C  CA  . ASN A 1 73  ? -4.011  -0.318  0.085   1.00 15.71 ? 73  ASN B CA  1 
ATOM   566  C  C   . ASN A 1 73  ? -3.437  -1.356  1.035   1.00 15.77 ? 73  ASN B C   1 
ATOM   567  O  O   . ASN A 1 73  ? -2.355  -1.890  0.801   1.00 15.31 ? 73  ASN B O   1 
ATOM   568  C  CB  . ASN A 1 73  ? -3.774  1.067   0.685   1.00 15.90 ? 73  ASN B CB  1 
ATOM   569  C  CG  . ASN A 1 73  ? -4.213  2.185   -0.234  1.00 17.50 ? 73  ASN B CG  1 
ATOM   570  O  OD1 . ASN A 1 73  ? -4.187  2.049   -1.456  1.00 13.92 ? 73  ASN B OD1 1 
ATOM   571  N  ND2 . ASN A 1 73  ? -4.605  3.313   0.355   1.00 20.18 ? 73  ASN B ND2 1 
ATOM   572  N  N   . HIS A 1 74  ? -4.148  -1.641  2.115   1.00 15.40 ? 74  HIS B N   1 
ATOM   573  C  CA  . HIS A 1 74  ? -3.639  -2.604  3.070   1.00 16.18 ? 74  HIS B CA  1 
ATOM   574  C  C   . HIS A 1 74  ? -3.665  -4.033  2.548   1.00 16.89 ? 74  HIS B C   1 
ATOM   575  O  O   . HIS A 1 74  ? -2.734  -4.804  2.804   1.00 16.24 ? 74  HIS B O   1 
ATOM   576  C  CB  . HIS A 1 74  ? -4.389  -2.475  4.398   1.00 16.63 ? 74  HIS B CB  1 
ATOM   577  C  CG  . HIS A 1 74  ? -4.103  -1.192  5.119   1.00 16.06 ? 74  HIS B CG  1 
ATOM   578  N  ND1 . HIS A 1 74  ? -4.725  -0.003  4.801   1.00 16.02 ? 74  HIS B ND1 1 
ATOM   579  C  CD2 . HIS A 1 74  ? -3.208  -0.898  6.092   1.00 15.42 ? 74  HIS B CD2 1 
ATOM   580  C  CE1 . HIS A 1 74  ? -4.225  0.968   5.545   1.00 15.46 ? 74  HIS B CE1 1 
ATOM   581  N  NE2 . HIS A 1 74  ? -3.304  0.452   6.336   1.00 15.90 ? 74  HIS B NE2 1 
ATOM   582  N  N   . SER A 1 75  ? -4.708  -4.384  1.802   1.00 15.36 ? 75  SER B N   1 
ATOM   583  C  CA  . SER A 1 75  ? -4.799  -5.730  1.253   1.00 17.08 ? 75  SER B CA  1 
ATOM   584  C  C   . SER A 1 75  ? -3.563  -6.007  0.404   1.00 17.79 ? 75  SER B C   1 
ATOM   585  O  O   . SER A 1 75  ? -2.988  -7.095  0.475   1.00 18.99 ? 75  SER B O   1 
ATOM   586  C  CB  . SER A 1 75  ? -6.071  -5.891  0.416   1.00 15.08 ? 75  SER B CB  1 
ATOM   587  O  OG  . SER A 1 75  ? -7.219  -5.815  1.246   1.00 16.61 ? 75  SER B OG  1 
ATOM   588  N  N   . ILE A 1 76  ? -3.156  -5.021  -0.392  1.00 17.74 ? 76  ILE B N   1 
ATOM   589  C  CA  . ILE A 1 76  ? -1.970  -5.154  -1.237  1.00 17.31 ? 76  ILE B CA  1 
ATOM   590  C  C   . ILE A 1 76  ? -0.708  -5.186  -0.366  1.00 16.50 ? 76  ILE B C   1 
ATOM   591  O  O   . ILE A 1 76  ? 0.191   -5.992  -0.588  1.00 16.75 ? 76  ILE B O   1 
ATOM   592  C  CB  . ILE A 1 76  ? -1.848  -3.968  -2.240  1.00 17.34 ? 76  ILE B CB  1 
ATOM   593  C  CG1 . ILE A 1 76  ? -2.982  -4.025  -3.266  1.00 17.00 ? 76  ILE B CG1 1 
ATOM   594  C  CG2 . ILE A 1 76  ? -0.496  -4.010  -2.950  1.00 15.98 ? 76  ILE B CG2 1 
ATOM   595  C  CD1 . ILE A 1 76  ? -3.031  -2.817  -4.191  1.00 15.69 ? 76  ILE B CD1 1 
ATOM   596  N  N   . PHE A 1 77  ? -0.654  -4.307  0.631   1.00 15.69 ? 77  PHE B N   1 
ATOM   597  C  CA  . PHE A 1 77  ? 0.495   -4.218  1.530   1.00 15.82 ? 77  PHE B CA  1 
ATOM   598  C  C   . PHE A 1 77  ? 0.833   -5.577  2.176   1.00 16.71 ? 77  PHE B C   1 
ATOM   599  O  O   . PHE A 1 77  ? 1.980   -6.016  2.134   1.00 15.33 ? 77  PHE B O   1 
ATOM   600  C  CB  . PHE A 1 77  ? 0.214   -3.151  2.608   1.00 13.20 ? 77  PHE B CB  1 
ATOM   601  C  CG  . PHE A 1 77  ? 1.419   -2.772  3.440   1.00 13.28 ? 77  PHE B CG  1 
ATOM   602  C  CD1 . PHE A 1 77  ? 2.590   -2.315  2.836   1.00 11.58 ? 77  PHE B CD1 1 
ATOM   603  C  CD2 . PHE A 1 77  ? 1.363   -2.829  4.836   1.00 12.15 ? 77  PHE B CD2 1 
ATOM   604  C  CE1 . PHE A 1 77  ? 3.684   -1.916  3.608   1.00 12.87 ? 77  PHE B CE1 1 
ATOM   605  C  CE2 . PHE A 1 77  ? 2.452   -2.432  5.620   1.00 9.48  ? 77  PHE B CE2 1 
ATOM   606  C  CZ  . PHE A 1 77  ? 3.611   -1.974  5.007   1.00 12.64 ? 77  PHE B CZ  1 
ATOM   607  N  N   . TRP A 1 78  ? -0.161  -6.244  2.760   1.00 17.07 ? 78  TRP B N   1 
ATOM   608  C  CA  . TRP A 1 78  ? 0.078   -7.534  3.406   1.00 19.23 ? 78  TRP B CA  1 
ATOM   609  C  C   . TRP A 1 78  ? 0.768   -8.521  2.467   1.00 19.97 ? 78  TRP B C   1 
ATOM   610  O  O   . TRP A 1 78  ? 1.638   -9.278  2.901   1.00 20.73 ? 78  TRP B O   1 
ATOM   611  C  CB  . TRP A 1 78  ? -1.231  -8.159  3.905   1.00 17.95 ? 78  TRP B CB  1 
ATOM   612  C  CG  . TRP A 1 78  ? -2.088  -7.253  4.757   1.00 17.39 ? 78  TRP B CG  1 
ATOM   613  C  CD1 . TRP A 1 78  ? -3.449  -7.160  4.724   1.00 15.37 ? 78  TRP B CD1 1 
ATOM   614  C  CD2 . TRP A 1 78  ? -1.648  -6.328  5.762   1.00 17.06 ? 78  TRP B CD2 1 
ATOM   615  N  NE1 . TRP A 1 78  ? -3.884  -6.238  5.640   1.00 15.81 ? 78  TRP B NE1 1 
ATOM   616  C  CE2 . TRP A 1 78  ? -2.802  -5.712  6.293   1.00 16.90 ? 78  TRP B CE2 1 
ATOM   617  C  CE3 . TRP A 1 78  ? -0.393  -5.962  6.267   1.00 18.62 ? 78  TRP B CE3 1 
ATOM   618  C  CZ2 . TRP A 1 78  ? -2.742  -4.747  7.305   1.00 17.23 ? 78  TRP B CZ2 1 
ATOM   619  C  CZ3 . TRP A 1 78  ? -0.331  -5.003  7.276   1.00 18.68 ? 78  TRP B CZ3 1 
ATOM   620  C  CH2 . TRP A 1 78  ? -1.501  -4.407  7.783   1.00 18.17 ? 78  TRP B CH2 1 
ATOM   621  N  N   . THR A 1 79  ? 0.388   -8.517  1.189   1.00 19.44 ? 79  THR B N   1 
ATOM   622  C  CA  . THR A 1 79  ? 0.996   -9.440  0.226   1.00 19.81 ? 79  THR B CA  1 
ATOM   623  C  C   . THR A 1 79  ? 2.379   -8.983  -0.243  1.00 20.45 ? 79  THR B C   1 
ATOM   624  O  O   . THR A 1 79  ? 3.151   -9.788  -0.754  1.00 21.59 ? 79  THR B O   1 
ATOM   625  C  CB  . THR A 1 79  ? 0.089   -9.668  -1.029  1.00 20.21 ? 79  THR B CB  1 
ATOM   626  O  OG1 . THR A 1 79  ? 0.002   -8.463  -1.806  1.00 18.68 ? 79  THR B OG1 1 
ATOM   627  C  CG2 . THR A 1 79  ? -1.316  -10.105 -0.599  1.00 18.47 ? 79  THR B CG2 1 
ATOM   628  N  N   . ASN A 1 80  ? 2.683   -7.697  -0.070  1.00 20.35 ? 80  ASN B N   1 
ATOM   629  C  CA  . ASN A 1 80  ? 3.981   -7.139  -0.460  1.00 20.17 ? 80  ASN B CA  1 
ATOM   630  C  C   . ASN A 1 80  ? 5.075   -7.492  0.554   1.00 21.91 ? 80  ASN B C   1 
ATOM   631  O  O   . ASN A 1 80  ? 6.256   -7.253  0.305   1.00 22.07 ? 80  ASN B O   1 
ATOM   632  C  CB  . ASN A 1 80  ? 3.908   -5.612  -0.557  1.00 18.27 ? 80  ASN B CB  1 
ATOM   633  C  CG  . ASN A 1 80  ? 3.291   -5.124  -1.849  1.00 18.42 ? 80  ASN B CG  1 
ATOM   634  O  OD1 . ASN A 1 80  ? 2.988   -3.936  -1.983  1.00 17.51 ? 80  ASN B OD1 1 
ATOM   635  N  ND2 . ASN A 1 80  ? 3.115   -6.024  -2.809  1.00 16.64 ? 80  ASN B ND2 1 
ATOM   636  N  N   . LEU A 1 81  ? 4.680   -8.036  1.704   1.00 22.38 ? 81  LEU B N   1 
ATOM   637  C  CA  . LEU A 1 81  ? 5.640   -8.393  2.746   1.00 23.83 ? 81  LEU B CA  1 
ATOM   638  C  C   . LEU A 1 81  ? 5.668   -9.904  2.964   1.00 25.24 ? 81  LEU B C   1 
ATOM   639  O  O   . LEU A 1 81  ? 4.684   -10.602 2.713   1.00 25.45 ? 81  LEU B O   1 
ATOM   640  C  CB  . LEU A 1 81  ? 5.274   -7.694  4.060   1.00 21.74 ? 81  LEU B CB  1 
ATOM   641  C  CG  . LEU A 1 81  ? 4.972   -6.194  3.982   1.00 21.04 ? 81  LEU B CG  1 
ATOM   642  C  CD1 . LEU A 1 81  ? 4.299   -5.740  5.263   1.00 18.61 ? 81  LEU B CD1 1 
ATOM   643  C  CD2 . LEU A 1 81  ? 6.254   -5.419  3.733   1.00 21.45 ? 81  LEU B CD2 1 
ATOM   644  N  N   . SER A 1 82  ? 6.801   -10.407 3.433   1.00 26.91 ? 82  SER B N   1 
ATOM   645  C  CA  . SER A 1 82  ? 6.946   -11.836 3.688   1.00 27.79 ? 82  SER B CA  1 
ATOM   646  C  C   . SER A 1 82  ? 8.135   -12.137 4.581   1.00 27.70 ? 82  SER B C   1 
ATOM   647  O  O   . SER A 1 82  ? 9.189   -11.512 4.455   1.00 25.96 ? 82  SER B O   1 
ATOM   648  C  CB  . SER A 1 82  ? 7.111   -12.601 2.374   1.00 27.75 ? 82  SER B CB  1 
ATOM   649  O  OG  . SER A 1 82  ? 7.660   -13.886 2.623   1.00 28.82 ? 82  SER B OG  1 
ATOM   650  N  N   . PRO A 1 83  ? 7.981   -13.099 5.503   1.00 29.44 ? 83  PRO B N   1 
ATOM   651  C  CA  . PRO A 1 83  ? 9.100   -13.435 6.385   1.00 30.86 ? 83  PRO B CA  1 
ATOM   652  C  C   . PRO A 1 83  ? 10.275  -13.972 5.569   1.00 33.58 ? 83  PRO B C   1 
ATOM   653  O  O   . PRO A 1 83  ? 11.412  -13.978 6.035   1.00 36.17 ? 83  PRO B O   1 
ATOM   654  C  CB  . PRO A 1 83  ? 8.496   -14.469 7.334   1.00 30.36 ? 83  PRO B CB  1 
ATOM   655  C  CG  . PRO A 1 83  ? 7.385   -15.077 6.528   1.00 28.58 ? 83  PRO B CG  1 
ATOM   656  C  CD  . PRO A 1 83  ? 6.786   -13.890 5.838   1.00 27.71 ? 83  PRO B CD  1 
ATOM   657  N  N   . ASN A 1 84  ? 9.993   -14.404 4.341   1.00 35.86 ? 84  ASN B N   1 
ATOM   658  C  CA  . ASN A 1 84  ? 11.025  -14.925 3.442   1.00 38.15 ? 84  ASN B CA  1 
ATOM   659  C  C   . ASN A 1 84  ? 11.388  -13.918 2.365   1.00 37.70 ? 84  ASN B C   1 
ATOM   660  O  O   . ASN A 1 84  ? 12.048  -14.260 1.386   1.00 37.71 ? 84  ASN B O   1 
ATOM   661  C  CB  . ASN A 1 84  ? 10.554  -16.210 2.766   1.00 41.84 ? 84  ASN B CB  1 
ATOM   662  C  CG  . ASN A 1 84  ? 10.422  -17.348 3.736   1.00 44.51 ? 84  ASN B CG  1 
ATOM   663  O  OD1 . ASN A 1 84  ? 11.395  -17.729 4.388   1.00 48.67 ? 84  ASN B OD1 1 
ATOM   664  N  ND2 . ASN A 1 84  ? 9.219   -17.901 3.847   1.00 46.13 ? 84  ASN B ND2 1 
ATOM   665  N  N   . GLY A 1 85  ? 10.947  -12.680 2.544   1.00 38.08 ? 85  GLY B N   1 
ATOM   666  C  CA  . GLY A 1 85  ? 11.243  -11.648 1.570   1.00 37.06 ? 85  GLY B CA  1 
ATOM   667  C  C   . GLY A 1 85  ? 12.629  -11.065 1.758   1.00 36.37 ? 85  GLY B C   1 
ATOM   668  O  O   . GLY A 1 85  ? 13.483  -11.667 2.415   1.00 34.35 ? 85  GLY B O   1 
ATOM   669  N  N   . GLY A 1 86  ? 12.846  -9.887  1.181   1.00 35.28 ? 86  GLY B N   1 
ATOM   670  C  CA  . GLY A 1 86  ? 14.135  -9.232  1.289   1.00 35.79 ? 86  GLY B CA  1 
ATOM   671  C  C   . GLY A 1 86  ? 14.975  -9.464  0.049   1.00 36.61 ? 86  GLY B C   1 
ATOM   672  O  O   . GLY A 1 86  ? 14.495  -10.021 -0.939  1.00 35.23 ? 86  GLY B O   1 
ATOM   673  N  N   . GLY A 1 87  ? 16.231  -9.034  0.094   1.00 37.84 ? 87  GLY B N   1 
ATOM   674  C  CA  . GLY A 1 87  ? 17.107  -9.220  -1.045  1.00 39.44 ? 87  GLY B CA  1 
ATOM   675  C  C   . GLY A 1 87  ? 16.722  -8.364  -2.234  1.00 40.67 ? 87  GLY B C   1 
ATOM   676  O  O   . GLY A 1 87  ? 16.149  -7.289  -2.075  1.00 40.91 ? 87  GLY B O   1 
ATOM   677  N  N   . GLU A 1 88  ? 17.036  -8.845  -3.431  1.00 41.43 ? 88  GLU B N   1 
ATOM   678  C  CA  . GLU A 1 88  ? 16.726  -8.112  -4.648  1.00 42.60 ? 88  GLU B CA  1 
ATOM   679  C  C   . GLU A 1 88  ? 15.846  -8.940  -5.563  1.00 42.17 ? 88  GLU B C   1 
ATOM   680  O  O   . GLU A 1 88  ? 15.821  -10.164 -5.471  1.00 42.36 ? 88  GLU B O   1 
ATOM   681  C  CB  . GLU A 1 88  ? 18.009  -7.771  -5.406  1.00 45.48 ? 88  GLU B CB  1 
ATOM   682  C  CG  . GLU A 1 88  ? 19.006  -6.922  -4.638  1.00 50.59 ? 88  GLU B CG  1 
ATOM   683  C  CD  . GLU A 1 88  ? 20.236  -6.580  -5.470  1.00 52.92 ? 88  GLU B CD  1 
ATOM   684  O  OE1 . GLU A 1 88  ? 21.077  -5.786  -4.989  1.00 53.36 ? 88  GLU B OE1 1 
ATOM   685  O  OE2 . GLU A 1 88  ? 20.356  -7.110  -6.601  1.00 53.60 ? 88  GLU B OE2 1 
ATOM   686  N  N   . PRO A 1 89  ? 15.094  -8.276  -6.450  1.00 42.62 ? 89  PRO B N   1 
ATOM   687  C  CA  . PRO A 1 89  ? 14.236  -9.021  -7.372  1.00 43.27 ? 89  PRO B CA  1 
ATOM   688  C  C   . PRO A 1 89  ? 15.129  -9.575  -8.482  1.00 44.44 ? 89  PRO B C   1 
ATOM   689  O  O   . PRO A 1 89  ? 16.277  -9.149  -8.641  1.00 43.94 ? 89  PRO B O   1 
ATOM   690  C  CB  . PRO A 1 89  ? 13.266  -7.959  -7.877  1.00 41.71 ? 89  PRO B CB  1 
ATOM   691  C  CG  . PRO A 1 89  ? 14.107  -6.719  -7.868  1.00 41.53 ? 89  PRO B CG  1 
ATOM   692  C  CD  . PRO A 1 89  ? 14.830  -6.829  -6.542  1.00 41.96 ? 89  PRO B CD  1 
ATOM   693  N  N   . LYS A 1 90  ? 14.599  -10.524 -9.240  1.00 46.16 ? 90  LYS B N   1 
ATOM   694  C  CA  . LYS A 1 90  ? 15.337  -11.151 -10.329 1.00 47.67 ? 90  LYS B CA  1 
ATOM   695  C  C   . LYS A 1 90  ? 14.436  -11.243 -11.546 1.00 47.30 ? 90  LYS B C   1 
ATOM   696  O  O   . LYS A 1 90  ? 13.221  -11.068 -11.441 1.00 48.75 ? 90  LYS B O   1 
ATOM   697  C  CB  . LYS A 1 90  ? 15.797  -12.558 -9.915  1.00 49.37 ? 90  LYS B CB  1 
ATOM   698  C  CG  . LYS A 1 90  ? 14.749  -13.349 -9.130  1.00 52.45 ? 90  LYS B CG  1 
ATOM   699  C  CD  . LYS A 1 90  ? 14.626  -12.832 -7.685  1.00 55.57 ? 90  LYS B CD  1 
ATOM   700  C  CE  . LYS A 1 90  ? 13.220  -13.037 -7.089  1.00 56.27 ? 90  LYS B CE  1 
ATOM   701  N  NZ  . LYS A 1 90  ? 12.186  -12.133 -7.688  1.00 54.53 ? 90  LYS B NZ  1 
ATOM   702  N  N   . GLY A 1 91  ? 15.037  -11.501 -12.702 1.00 46.41 ? 91  GLY B N   1 
ATOM   703  C  CA  . GLY A 1 91  ? 14.261  -11.632 -13.919 1.00 45.45 ? 91  GLY B CA  1 
ATOM   704  C  C   . GLY A 1 91  ? 13.880  -10.332 -14.595 1.00 46.00 ? 91  GLY B C   1 
ATOM   705  O  O   . GLY A 1 91  ? 14.629  -9.354  -14.565 1.00 44.80 ? 91  GLY B O   1 
ATOM   706  N  N   . GLU A 1 92  ? 12.702  -10.331 -15.214 1.00 46.24 ? 92  GLU B N   1 
ATOM   707  C  CA  . GLU A 1 92  ? 12.207  -9.162  -15.922 1.00 46.86 ? 92  GLU B CA  1 
ATOM   708  C  C   . GLU A 1 92  ? 11.992  -7.946  -15.039 1.00 45.58 ? 92  GLU B C   1 
ATOM   709  O  O   . GLU A 1 92  ? 12.172  -6.819  -15.500 1.00 45.69 ? 92  GLU B O   1 
ATOM   710  C  CB  . GLU A 1 92  ? 10.908  -9.493  -16.647 1.00 49.83 ? 92  GLU B CB  1 
ATOM   711  C  CG  . GLU A 1 92  ? 11.107  -10.339 -17.882 1.00 54.92 ? 92  GLU B CG  1 
ATOM   712  C  CD  . GLU A 1 92  ? 9.811   -10.610 -18.609 1.00 58.22 ? 92  GLU B CD  1 
ATOM   713  O  OE1 . GLU A 1 92  ? 9.084   -9.637  -18.908 1.00 59.29 ? 92  GLU B OE1 1 
ATOM   714  O  OE2 . GLU A 1 92  ? 9.527   -11.797 -18.884 1.00 60.81 ? 92  GLU B OE2 1 
ATOM   715  N  N   . LEU A 1 93  ? 11.607  -8.161  -13.782 1.00 43.22 ? 93  LEU B N   1 
ATOM   716  C  CA  . LEU A 1 93  ? 11.384  -7.031  -12.887 1.00 41.39 ? 93  LEU B CA  1 
ATOM   717  C  C   . LEU A 1 93  ? 12.692  -6.286  -12.624 1.00 41.00 ? 93  LEU B C   1 
ATOM   718  O  O   . LEU A 1 93  ? 12.719  -5.053  -12.626 1.00 40.29 ? 93  LEU B O   1 
ATOM   719  C  CB  . LEU A 1 93  ? 10.758  -7.489  -11.562 1.00 38.75 ? 93  LEU B CB  1 
ATOM   720  C  CG  . LEU A 1 93  ? 10.477  -6.368  -10.547 1.00 36.65 ? 93  LEU B CG  1 
ATOM   721  C  CD1 . LEU A 1 93  ? 9.632   -5.277  -11.191 1.00 32.53 ? 93  LEU B CD1 1 
ATOM   722  C  CD2 . LEU A 1 93  ? 9.781   -6.943  -9.320  1.00 34.93 ? 93  LEU B CD2 1 
ATOM   723  N  N   . LEU A 1 94  ? 13.775  -7.031  -12.409 1.00 40.39 ? 94  LEU B N   1 
ATOM   724  C  CA  . LEU A 1 94  ? 15.073  -6.409  -12.159 1.00 39.10 ? 94  LEU B CA  1 
ATOM   725  C  C   . LEU A 1 94  ? 15.556  -5.655  -13.390 1.00 39.14 ? 94  LEU B C   1 
ATOM   726  O  O   . LEU A 1 94  ? 16.206  -4.618  -13.267 1.00 39.44 ? 94  LEU B O   1 
ATOM   727  C  CB  . LEU A 1 94  ? 16.117  -7.453  -11.758 1.00 36.87 ? 94  LEU B CB  1 
ATOM   728  C  CG  . LEU A 1 94  ? 17.496  -6.869  -11.423 1.00 36.87 ? 94  LEU B CG  1 
ATOM   729  C  CD1 . LEU A 1 94  ? 17.374  -5.850  -10.289 1.00 33.69 ? 94  LEU B CD1 1 
ATOM   730  C  CD2 . LEU A 1 94  ? 18.450  -7.996  -11.034 1.00 34.99 ? 94  LEU B CD2 1 
ATOM   731  N  N   . GLU A 1 95  ? 15.241  -6.175  -14.574 1.00 39.78 ? 95  GLU B N   1 
ATOM   732  C  CA  . GLU A 1 95  ? 15.638  -5.517  -15.817 1.00 41.84 ? 95  GLU B CA  1 
ATOM   733  C  C   . GLU A 1 95  ? 14.841  -4.233  -16.003 1.00 40.68 ? 95  GLU B C   1 
ATOM   734  O  O   . GLU A 1 95  ? 15.390  -3.194  -16.376 1.00 41.21 ? 95  GLU B O   1 
ATOM   735  C  CB  . GLU A 1 95  ? 15.400  -6.433  -17.021 1.00 45.60 ? 95  GLU B CB  1 
ATOM   736  C  CG  . GLU A 1 95  ? 16.414  -7.550  -17.180 1.00 53.10 ? 95  GLU B CG  1 
ATOM   737  C  CD  . GLU A 1 95  ? 16.123  -8.425  -18.389 1.00 58.72 ? 95  GLU B CD  1 
ATOM   738  O  OE1 . GLU A 1 95  ? 15.069  -9.103  -18.399 1.00 60.46 ? 95  GLU B OE1 1 
ATOM   739  O  OE2 . GLU A 1 95  ? 16.944  -8.428  -19.335 1.00 62.07 ? 95  GLU B OE2 1 
ATOM   740  N  N   . ALA A 1 96  ? 13.538  -4.313  -15.743 1.00 39.25 ? 96  ALA B N   1 
ATOM   741  C  CA  . ALA A 1 96  ? 12.658  -3.160  -15.878 1.00 36.21 ? 96  ALA B CA  1 
ATOM   742  C  C   . ALA A 1 96  ? 13.083  -2.066  -14.905 1.00 35.34 ? 96  ALA B C   1 
ATOM   743  O  O   . ALA A 1 96  ? 12.978  -0.877  -15.211 1.00 34.21 ? 96  ALA B O   1 
ATOM   744  C  CB  . ALA A 1 96  ? 11.219  -3.575  -15.617 1.00 35.52 ? 96  ALA B CB  1 
ATOM   745  N  N   . ILE A 1 97  ? 13.571  -2.473  -13.736 1.00 34.44 ? 97  ILE B N   1 
ATOM   746  C  CA  . ILE A 1 97  ? 14.013  -1.522  -12.726 1.00 35.08 ? 97  ILE B CA  1 
ATOM   747  C  C   . ILE A 1 97  ? 15.322  -0.841  -13.130 1.00 36.79 ? 97  ILE B C   1 
ATOM   748  O  O   . ILE A 1 97  ? 15.448  0.382   -13.018 1.00 35.89 ? 97  ILE B O   1 
ATOM   749  C  CB  . ILE A 1 97  ? 14.165  -2.212  -11.343 1.00 33.42 ? 97  ILE B CB  1 
ATOM   750  C  CG1 . ILE A 1 97  ? 12.774  -2.525  -10.780 1.00 32.54 ? 97  ILE B CG1 1 
ATOM   751  C  CG2 . ILE A 1 97  ? 14.960  -1.327  -10.387 1.00 32.03 ? 97  ILE B CG2 1 
ATOM   752  C  CD1 . ILE A 1 97  ? 12.779  -3.201  -9.418  1.00 31.85 ? 97  ILE B CD1 1 
ATOM   753  N  N   . LYS A 1 98  ? 16.296  -1.621  -13.598 1.00 38.75 ? 98  LYS B N   1 
ATOM   754  C  CA  . LYS A 1 98  ? 17.572  -1.047  -14.026 1.00 39.54 ? 98  LYS B CA  1 
ATOM   755  C  C   . LYS A 1 98  ? 17.333  -0.102  -15.201 1.00 39.14 ? 98  LYS B C   1 
ATOM   756  O  O   . LYS A 1 98  ? 17.939  0.965   -15.290 1.00 38.86 ? 98  LYS B O   1 
ATOM   757  C  CB  . LYS A 1 98  ? 18.547  -2.136  -14.479 1.00 41.13 ? 98  LYS B CB  1 
ATOM   758  C  CG  . LYS A 1 98  ? 19.046  -3.087  -13.405 1.00 44.41 ? 98  LYS B CG  1 
ATOM   759  C  CD  . LYS A 1 98  ? 20.450  -3.561  -13.777 1.00 48.14 ? 98  LYS B CD  1 
ATOM   760  C  CE  . LYS A 1 98  ? 20.905  -4.770  -12.980 1.00 50.67 ? 98  LYS B CE  1 
ATOM   761  N  NZ  . LYS A 1 98  ? 20.318  -6.031  -13.514 1.00 54.14 ? 98  LYS B NZ  1 
ATOM   762  N  N   . ARG A 1 99  ? 16.435  -0.512  -16.092 1.00 38.67 ? 99  ARG B N   1 
ATOM   763  C  CA  . ARG A 1 99  ? 16.096  0.252   -17.285 1.00 39.37 ? 99  ARG B CA  1 
ATOM   764  C  C   . ARG A 1 99  ? 15.421  1.595   -16.999 1.00 39.48 ? 99  ARG B C   1 
ATOM   765  O  O   . ARG A 1 99  ? 15.726  2.595   -17.647 1.00 39.69 ? 99  ARG B O   1 
ATOM   766  C  CB  . ARG A 1 99  ? 15.202  -0.604  -18.190 1.00 41.31 ? 99  ARG B CB  1 
ATOM   767  C  CG  . ARG A 1 99  ? 14.922  -0.028  -19.573 1.00 45.82 ? 99  ARG B CG  1 
ATOM   768  C  CD  . ARG A 1 99  ? 13.495  0.485   -19.686 1.00 51.16 ? 99  ARG B CD  1 
ATOM   769  N  NE  . ARG A 1 99  ? 12.517  -0.525  -19.275 1.00 56.48 ? 99  ARG B NE  1 
ATOM   770  C  CZ  . ARG A 1 99  ? 11.199  -0.333  -19.243 1.00 58.68 ? 99  ARG B CZ  1 
ATOM   771  N  NH1 . ARG A 1 99  ? 10.679  0.837   -19.603 1.00 59.48 ? 99  ARG B NH1 1 
ATOM   772  N  NH2 . ARG A 1 99  ? 10.396  -1.310  -18.837 1.00 58.96 ? 99  ARG B NH2 1 
ATOM   773  N  N   . ASP A 1 100 ? 14.512  1.625   -16.027 1.00 38.64 ? 100 ASP B N   1 
ATOM   774  C  CA  . ASP A 1 100 ? 13.806  2.862   -15.705 1.00 38.12 ? 100 ASP B CA  1 
ATOM   775  C  C   . ASP A 1 100 ? 14.392  3.688   -14.565 1.00 36.88 ? 100 ASP B C   1 
ATOM   776  O  O   . ASP A 1 100 ? 14.082  4.875   -14.440 1.00 36.60 ? 100 ASP B O   1 
ATOM   777  C  CB  . ASP A 1 100 ? 12.333  2.570   -15.401 1.00 38.91 ? 100 ASP B CB  1 
ATOM   778  C  CG  . ASP A 1 100 ? 11.579  2.066   -16.613 1.00 41.21 ? 100 ASP B CG  1 
ATOM   779  O  OD1 . ASP A 1 100 ? 11.824  2.593   -17.720 1.00 43.21 ? 100 ASP B OD1 1 
ATOM   780  O  OD2 . ASP A 1 100 ? 10.736  1.154   -16.462 1.00 41.04 ? 100 ASP B OD2 1 
ATOM   781  N  N   . PHE A 1 101 ? 15.242  3.078   -13.743 1.00 35.30 ? 101 PHE B N   1 
ATOM   782  C  CA  . PHE A 1 101 ? 15.828  3.795   -12.618 1.00 34.78 ? 101 PHE B CA  1 
ATOM   783  C  C   . PHE A 1 101 ? 17.356  3.809   -12.592 1.00 35.90 ? 101 PHE B C   1 
ATOM   784  O  O   . PHE A 1 101 ? 17.953  4.441   -11.719 1.00 37.36 ? 101 PHE B O   1 
ATOM   785  C  CB  . PHE A 1 101 ? 15.284  3.219   -11.305 1.00 32.40 ? 101 PHE B CB  1 
ATOM   786  C  CG  . PHE A 1 101 ? 13.794  3.372   -11.156 1.00 31.16 ? 101 PHE B CG  1 
ATOM   787  C  CD1 . PHE A 1 101 ? 13.228  4.628   -10.942 1.00 30.53 ? 101 PHE B CD1 1 
ATOM   788  C  CD2 . PHE A 1 101 ? 12.954  2.272   -11.274 1.00 29.27 ? 101 PHE B CD2 1 
ATOM   789  C  CE1 . PHE A 1 101 ? 11.846  4.783   -10.850 1.00 31.34 ? 101 PHE B CE1 1 
ATOM   790  C  CE2 . PHE A 1 101 ? 11.569  2.417   -11.184 1.00 30.04 ? 101 PHE B CE2 1 
ATOM   791  C  CZ  . PHE A 1 101 ? 11.014  3.675   -10.972 1.00 30.33 ? 101 PHE B CZ  1 
ATOM   792  N  N   . GLY A 1 102 ? 17.986  3.124   -13.543 1.00 36.04 ? 102 GLY B N   1 
ATOM   793  C  CA  . GLY A 1 102 ? 19.440  3.101   -13.593 1.00 36.77 ? 102 GLY B CA  1 
ATOM   794  C  C   . GLY A 1 102 ? 20.044  1.881   -12.922 1.00 37.84 ? 102 GLY B C   1 
ATOM   795  O  O   . GLY A 1 102 ? 20.915  1.218   -13.480 1.00 38.49 ? 102 GLY B O   1 
ATOM   796  N  N   . SER A 1 103 ? 19.580  1.591   -11.712 1.00 37.21 ? 103 SER B N   1 
ATOM   797  C  CA  . SER A 1 103 ? 20.057  0.440   -10.960 1.00 36.27 ? 103 SER B CA  1 
ATOM   798  C  C   . SER A 1 103 ? 19.070  0.175   -9.830  1.00 36.29 ? 103 SER B C   1 
ATOM   799  O  O   . SER A 1 103 ? 18.196  1.001   -9.558  1.00 34.85 ? 103 SER B O   1 
ATOM   800  C  CB  . SER A 1 103 ? 21.446  0.715   -10.384 1.00 35.62 ? 103 SER B CB  1 
ATOM   801  O  OG  . SER A 1 103 ? 21.415  1.799   -9.475  1.00 36.44 ? 103 SER B OG  1 
ATOM   802  N  N   . PHE A 1 104 ? 19.209  -0.973  -9.175  1.00 35.33 ? 104 PHE B N   1 
ATOM   803  C  CA  . PHE A 1 104 ? 18.312  -1.318  -8.084  1.00 35.63 ? 104 PHE B CA  1 
ATOM   804  C  C   . PHE A 1 104 ? 18.453  -0.353  -6.914  1.00 36.15 ? 104 PHE B C   1 
ATOM   805  O  O   . PHE A 1 104 ? 17.462  0.011   -6.282  1.00 35.90 ? 104 PHE B O   1 
ATOM   806  C  CB  . PHE A 1 104 ? 18.582  -2.740  -7.594  1.00 35.51 ? 104 PHE B CB  1 
ATOM   807  C  CG  . PHE A 1 104 ? 17.705  -3.156  -6.447  1.00 35.52 ? 104 PHE B CG  1 
ATOM   808  C  CD1 . PHE A 1 104 ? 16.328  -3.259  -6.610  1.00 35.27 ? 104 PHE B CD1 1 
ATOM   809  C  CD2 . PHE A 1 104 ? 18.255  -3.442  -5.204  1.00 35.22 ? 104 PHE B CD2 1 
ATOM   810  C  CE1 . PHE A 1 104 ? 15.511  -3.643  -5.551  1.00 35.35 ? 104 PHE B CE1 1 
ATOM   811  C  CE2 . PHE A 1 104 ? 17.446  -3.827  -4.138  1.00 35.81 ? 104 PHE B CE2 1 
ATOM   812  C  CZ  . PHE A 1 104 ? 16.071  -3.927  -4.313  1.00 34.86 ? 104 PHE B CZ  1 
ATOM   813  N  N   . ASP A 1 105 ? 19.683  0.062   -6.628  1.00 35.91 ? 105 ASP B N   1 
ATOM   814  C  CA  . ASP A 1 105 ? 19.923  0.974   -5.520  1.00 36.26 ? 105 ASP B CA  1 
ATOM   815  C  C   . ASP A 1 105 ? 19.386  2.376   -5.760  1.00 35.42 ? 105 ASP B C   1 
ATOM   816  O  O   . ASP A 1 105 ? 18.925  3.024   -4.824  1.00 34.64 ? 105 ASP B O   1 
ATOM   817  C  CB  . ASP A 1 105 ? 21.411  1.009   -5.188  1.00 39.86 ? 105 ASP B CB  1 
ATOM   818  C  CG  . ASP A 1 105 ? 21.892  -0.300  -4.594  1.00 44.61 ? 105 ASP B CG  1 
ATOM   819  O  OD1 . ASP A 1 105 ? 21.398  -0.665  -3.507  1.00 47.03 ? 105 ASP B OD1 1 
ATOM   820  O  OD2 . ASP A 1 105 ? 22.749  -0.972  -5.212  1.00 48.64 ? 105 ASP B OD2 1 
ATOM   821  N  N   . LYS A 1 106 ? 19.439  2.854   -7.001  1.00 34.40 ? 106 LYS B N   1 
ATOM   822  C  CA  . LYS A 1 106 ? 18.898  4.179   -7.290  1.00 34.12 ? 106 LYS B CA  1 
ATOM   823  C  C   . LYS A 1 106 ? 17.383  4.108   -7.129  1.00 32.07 ? 106 LYS B C   1 
ATOM   824  O  O   . LYS A 1 106 ? 16.741  5.099   -6.778  1.00 30.72 ? 106 LYS B O   1 
ATOM   825  C  CB  . LYS A 1 106 ? 19.267  4.633   -8.706  1.00 36.02 ? 106 LYS B CB  1 
ATOM   826  C  CG  . LYS A 1 106 ? 20.718  5.078   -8.830  1.00 41.74 ? 106 LYS B CG  1 
ATOM   827  C  CD  . LYS A 1 106 ? 21.045  5.610   -10.216 1.00 45.65 ? 106 LYS B CD  1 
ATOM   828  C  CE  . LYS A 1 106 ? 22.472  6.147   -10.266 1.00 48.82 ? 106 LYS B CE  1 
ATOM   829  N  NZ  . LYS A 1 106 ? 22.805  6.754   -11.589 1.00 51.89 ? 106 LYS B NZ  1 
ATOM   830  N  N   . PHE A 1 107 ? 16.823  2.926   -7.384  1.00 30.04 ? 107 PHE B N   1 
ATOM   831  C  CA  . PHE A 1 107 ? 15.390  2.696   -7.236  1.00 29.77 ? 107 PHE B CA  1 
ATOM   832  C  C   . PHE A 1 107 ? 15.020  2.757   -5.751  1.00 28.99 ? 107 PHE B C   1 
ATOM   833  O  O   . PHE A 1 107 ? 14.038  3.398   -5.385  1.00 27.07 ? 107 PHE B O   1 
ATOM   834  C  CB  . PHE A 1 107 ? 14.993  1.327   -7.813  1.00 29.35 ? 107 PHE B CB  1 
ATOM   835  C  CG  . PHE A 1 107 ? 13.721  0.767   -7.228  1.00 29.06 ? 107 PHE B CG  1 
ATOM   836  C  CD1 . PHE A 1 107 ? 12.509  1.439   -7.379  1.00 28.12 ? 107 PHE B CD1 1 
ATOM   837  C  CD2 . PHE A 1 107 ? 13.744  -0.418  -6.491  1.00 29.15 ? 107 PHE B CD2 1 
ATOM   838  C  CE1 . PHE A 1 107 ? 11.338  0.943   -6.801  1.00 28.79 ? 107 PHE B CE1 1 
ATOM   839  C  CE2 . PHE A 1 107 ? 12.575  -0.927  -5.905  1.00 30.02 ? 107 PHE B CE2 1 
ATOM   840  C  CZ  . PHE A 1 107 ? 11.372  -0.244  -6.059  1.00 29.57 ? 107 PHE B CZ  1 
ATOM   841  N  N   . LYS A 1 108 ? 15.808  2.087   -4.907  1.00 29.50 ? 108 LYS B N   1 
ATOM   842  C  CA  . LYS A 1 108 ? 15.563  2.084   -3.466  1.00 31.49 ? 108 LYS B CA  1 
ATOM   843  C  C   . LYS A 1 108 ? 15.576  3.510   -2.961  1.00 31.71 ? 108 LYS B C   1 
ATOM   844  O  O   . LYS A 1 108 ? 14.709  3.916   -2.190  1.00 31.81 ? 108 LYS B O   1 
ATOM   845  C  CB  . LYS A 1 108 ? 16.640  1.293   -2.710  1.00 33.53 ? 108 LYS B CB  1 
ATOM   846  C  CG  . LYS A 1 108 ? 16.521  -0.216  -2.811  1.00 37.58 ? 108 LYS B CG  1 
ATOM   847  C  CD  . LYS A 1 108 ? 17.548  -0.913  -1.924  1.00 40.45 ? 108 LYS B CD  1 
ATOM   848  C  CE  . LYS A 1 108 ? 17.277  -0.649  -0.447  1.00 41.88 ? 108 LYS B CE  1 
ATOM   849  N  NZ  . LYS A 1 108 ? 18.248  -1.349  0.445   1.00 42.32 ? 108 LYS B NZ  1 
ATOM   850  N  N   . GLU A 1 109 ? 16.568  4.270   -3.410  1.00 31.70 ? 109 GLU B N   1 
ATOM   851  C  CA  . GLU A 1 109 ? 16.712  5.660   -3.005  1.00 32.80 ? 109 GLU B CA  1 
ATOM   852  C  C   . GLU A 1 109 ? 15.513  6.510   -3.412  1.00 30.79 ? 109 GLU B C   1 
ATOM   853  O  O   . GLU A 1 109 ? 14.998  7.282   -2.609  1.00 31.42 ? 109 GLU B O   1 
ATOM   854  C  CB  . GLU A 1 109 ? 17.987  6.247   -3.606  1.00 36.16 ? 109 GLU B CB  1 
ATOM   855  C  CG  . GLU A 1 109 ? 18.303  7.635   -3.111  1.00 44.48 ? 109 GLU B CG  1 
ATOM   856  C  CD  . GLU A 1 109 ? 19.510  8.235   -3.802  1.00 50.70 ? 109 GLU B CD  1 
ATOM   857  O  OE1 . GLU A 1 109 ? 19.429  8.483   -5.027  1.00 53.43 ? 109 GLU B OE1 1 
ATOM   858  O  OE2 . GLU A 1 109 ? 20.539  8.452   -3.118  1.00 53.40 ? 109 GLU B OE2 1 
ATOM   859  N  N   . LYS A 1 110 ? 15.076  6.375   -4.662  1.00 28.98 ? 110 LYS B N   1 
ATOM   860  C  CA  . LYS A 1 110 ? 13.936  7.138   -5.156  1.00 28.36 ? 110 LYS B CA  1 
ATOM   861  C  C   . LYS A 1 110 ? 12.647  6.806   -4.393  1.00 27.69 ? 110 LYS B C   1 
ATOM   862  O  O   . LYS A 1 110 ? 11.915  7.710   -3.978  1.00 25.24 ? 110 LYS B O   1 
ATOM   863  C  CB  . LYS A 1 110 ? 13.725  6.870   -6.646  1.00 30.78 ? 110 LYS B CB  1 
ATOM   864  C  CG  . LYS A 1 110 ? 14.810  7.425   -7.565  1.00 35.53 ? 110 LYS B CG  1 
ATOM   865  C  CD  . LYS A 1 110 ? 14.647  8.919   -7.795  1.00 37.98 ? 110 LYS B CD  1 
ATOM   866  C  CE  . LYS A 1 110 ? 15.704  9.448   -8.757  1.00 41.50 ? 110 LYS B CE  1 
ATOM   867  N  NZ  . LYS A 1 110 ? 17.085  9.295   -8.206  1.00 43.72 ? 110 LYS B NZ  1 
ATOM   868  N  N   . LEU A 1 111 ? 12.365  5.516   -4.212  1.00 24.65 ? 111 LEU B N   1 
ATOM   869  C  CA  . LEU A 1 111 ? 11.158  5.114   -3.500  1.00 24.21 ? 111 LEU B CA  1 
ATOM   870  C  C   . LEU A 1 111 ? 11.223  5.538   -2.032  1.00 24.80 ? 111 LEU B C   1 
ATOM   871  O  O   . LEU A 1 111 ? 10.205  5.920   -1.447  1.00 23.58 ? 111 LEU B O   1 
ATOM   872  C  CB  . LEU A 1 111 ? 10.940  3.600   -3.604  1.00 22.07 ? 111 LEU B CB  1 
ATOM   873  C  CG  . LEU A 1 111 ? 9.681   3.046   -2.919  1.00 22.21 ? 111 LEU B CG  1 
ATOM   874  C  CD1 . LEU A 1 111 ? 8.455   3.872   -3.299  1.00 20.57 ? 111 LEU B CD1 1 
ATOM   875  C  CD2 . LEU A 1 111 ? 9.486   1.584   -3.324  1.00 22.01 ? 111 LEU B CD2 1 
ATOM   876  N  N   . THR A 1 112 ? 12.417  5.484   -1.441  1.00 24.06 ? 112 THR B N   1 
ATOM   877  C  CA  . THR A 1 112 ? 12.583  5.883   -0.047  1.00 24.46 ? 112 THR B CA  1 
ATOM   878  C  C   . THR A 1 112 ? 12.374  7.390   0.122   1.00 25.78 ? 112 THR B C   1 
ATOM   879  O  O   . THR A 1 112 ? 11.768  7.840   1.100   1.00 27.42 ? 112 THR B O   1 
ATOM   880  C  CB  . THR A 1 112 ? 13.984  5.531   0.487   1.00 23.13 ? 112 THR B CB  1 
ATOM   881  O  OG1 . THR A 1 112 ? 14.158  4.111   0.484   1.00 24.91 ? 112 THR B OG1 1 
ATOM   882  C  CG2 . THR A 1 112 ? 14.152  6.050   1.909   1.00 22.35 ? 112 THR B CG2 1 
ATOM   883  N  N   . ALA A 1 113 ? 12.872  8.167   -0.832  1.00 24.58 ? 113 ALA B N   1 
ATOM   884  C  CA  . ALA A 1 113 ? 12.733  9.614   -0.769  1.00 24.97 ? 113 ALA B CA  1 
ATOM   885  C  C   . ALA A 1 113 ? 11.267  10.003  -0.884  1.00 24.31 ? 113 ALA B C   1 
ATOM   886  O  O   . ALA A 1 113 ? 10.784  10.857  -0.140  1.00 25.63 ? 113 ALA B O   1 
ATOM   887  C  CB  . ALA A 1 113 ? 13.544  10.273  -1.884  1.00 24.22 ? 113 ALA B CB  1 
ATOM   888  N  N   . ALA A 1 114 ? 10.560  9.372   -1.816  1.00 22.97 ? 114 ALA B N   1 
ATOM   889  C  CA  . ALA A 1 114 ? 9.149   9.670   -2.020  1.00 22.76 ? 114 ALA B CA  1 
ATOM   890  C  C   . ALA A 1 114 ? 8.330   9.304   -0.787  1.00 23.32 ? 114 ALA B C   1 
ATOM   891  O  O   . ALA A 1 114 ? 7.363   9.981   -0.458  1.00 24.44 ? 114 ALA B O   1 
ATOM   892  C  CB  . ALA A 1 114 ? 8.623   8.925   -3.233  1.00 19.28 ? 114 ALA B CB  1 
ATOM   893  N  N   . SER A 1 115 ? 8.726   8.238   -0.101  1.00 22.89 ? 115 SER B N   1 
ATOM   894  C  CA  . SER A 1 115 ? 8.006   7.792   1.088   1.00 23.83 ? 115 SER B CA  1 
ATOM   895  C  C   . SER A 1 115 ? 8.293   8.656   2.313   1.00 24.40 ? 115 SER B C   1 
ATOM   896  O  O   . SER A 1 115 ? 7.388   8.981   3.074   1.00 26.27 ? 115 SER B O   1 
ATOM   897  C  CB  . SER A 1 115 ? 8.346   6.330   1.388   1.00 23.38 ? 115 SER B CB  1 
ATOM   898  O  OG  . SER A 1 115 ? 7.954   5.496   0.310   1.00 21.55 ? 115 SER B OG  1 
ATOM   899  N  N   . VAL A 1 116 ? 9.552   9.024   2.505   1.00 25.05 ? 116 VAL B N   1 
ATOM   900  C  CA  . VAL A 1 116 ? 9.928   9.869   3.631   1.00 25.73 ? 116 VAL B CA  1 
ATOM   901  C  C   . VAL A 1 116 ? 9.377   11.285  3.421   1.00 25.91 ? 116 VAL B C   1 
ATOM   902  O  O   . VAL A 1 116 ? 8.993   11.961  4.371   1.00 26.58 ? 116 VAL B O   1 
ATOM   903  C  CB  . VAL A 1 116 ? 11.483  9.928   3.785   1.00 27.40 ? 116 VAL B CB  1 
ATOM   904  C  CG1 . VAL A 1 116 ? 11.885  11.030  4.758   1.00 26.59 ? 116 VAL B CG1 1 
ATOM   905  C  CG2 . VAL A 1 116 ? 12.005  8.589   4.278   1.00 24.12 ? 116 VAL B CG2 1 
ATOM   906  N  N   . GLY A 1 117 ? 9.320   11.714  2.163   1.00 26.52 ? 117 GLY B N   1 
ATOM   907  C  CA  . GLY A 1 117 ? 8.838   13.047  1.844   1.00 26.77 ? 117 GLY B CA  1 
ATOM   908  C  C   . GLY A 1 117 ? 7.344   13.311  1.948   1.00 26.89 ? 117 GLY B C   1 
ATOM   909  O  O   . GLY A 1 117 ? 6.911   14.448  1.757   1.00 28.35 ? 117 GLY B O   1 
ATOM   910  N  N   . VAL A 1 118 ? 6.549   12.285  2.234   1.00 25.34 ? 118 VAL B N   1 
ATOM   911  C  CA  . VAL A 1 118 ? 5.110   12.481  2.361   1.00 23.74 ? 118 VAL B CA  1 
ATOM   912  C  C   . VAL A 1 118 ? 4.814   13.362  3.575   1.00 23.97 ? 118 VAL B C   1 
ATOM   913  O  O   . VAL A 1 118 ? 5.181   13.029  4.706   1.00 24.13 ? 118 VAL B O   1 
ATOM   914  C  CB  . VAL A 1 118 ? 4.368   11.137  2.530   1.00 22.93 ? 118 VAL B CB  1 
ATOM   915  C  CG1 . VAL A 1 118 ? 2.904   11.393  2.867   1.00 23.84 ? 118 VAL B CG1 1 
ATOM   916  C  CG2 . VAL A 1 118 ? 4.471   10.323  1.253   1.00 21.63 ? 118 VAL B CG2 1 
ATOM   917  N  N   . GLN A 1 119 ? 4.158   14.492  3.337   1.00 23.79 ? 119 GLN B N   1 
ATOM   918  C  CA  . GLN A 1 119 ? 3.816   15.408  4.418   1.00 25.89 ? 119 GLN B CA  1 
ATOM   919  C  C   . GLN A 1 119 ? 2.471   15.004  4.994   1.00 25.11 ? 119 GLN B C   1 
ATOM   920  O  O   . GLN A 1 119 ? 1.425   15.224  4.380   1.00 27.16 ? 119 GLN B O   1 
ATOM   921  C  CB  . GLN A 1 119 ? 3.786   16.845  3.893   1.00 27.01 ? 119 GLN B CB  1 
ATOM   922  C  CG  . GLN A 1 119 ? 5.162   17.317  3.455   1.00 29.44 ? 119 GLN B CG  1 
ATOM   923  C  CD  . GLN A 1 119 ? 5.156   18.704  2.862   1.00 32.57 ? 119 GLN B CD  1 
ATOM   924  O  OE1 . GLN A 1 119 ? 6.215   19.277  2.603   1.00 35.01 ? 119 GLN B OE1 1 
ATOM   925  N  NE2 . GLN A 1 119 ? 3.963   19.255  2.638   1.00 31.81 ? 119 GLN B NE2 1 
ATOM   926  N  N   . GLY A 1 120 ? 2.508   14.408  6.181   1.00 22.83 ? 120 GLY B N   1 
ATOM   927  C  CA  . GLY A 1 120 ? 1.290   13.935  6.805   1.00 19.36 ? 120 GLY B CA  1 
ATOM   928  C  C   . GLY A 1 120 ? 1.237   12.439  6.555   1.00 18.46 ? 120 GLY B C   1 
ATOM   929  O  O   . GLY A 1 120 ? 2.284   11.796  6.418   1.00 17.92 ? 120 GLY B O   1 
ATOM   930  N  N   . SER A 1 121 ? 0.036   11.879  6.474   1.00 17.49 ? 121 SER B N   1 
ATOM   931  C  CA  . SER A 1 121 ? -0.110  10.445  6.244   1.00 16.58 ? 121 SER B CA  1 
ATOM   932  C  C   . SER A 1 121 ? -0.247  10.146  4.757   1.00 17.75 ? 121 SER B C   1 
ATOM   933  O  O   . SER A 1 121 ? -0.796  10.946  3.997   1.00 16.76 ? 121 SER B O   1 
ATOM   934  C  CB  . SER A 1 121 ? -1.321  9.918   7.001   1.00 17.78 ? 121 SER B CB  1 
ATOM   935  N  N   . GLY A 1 122 ? 0.262   8.993   4.338   1.00 18.33 ? 122 GLY B N   1 
ATOM   936  C  CA  . GLY A 1 122 ? 0.183   8.632   2.937   1.00 17.29 ? 122 GLY B CA  1 
ATOM   937  C  C   . GLY A 1 122 ? 0.916   7.351   2.601   1.00 17.10 ? 122 GLY B C   1 
ATOM   938  O  O   . GLY A 1 122 ? 1.269   6.571   3.486   1.00 15.84 ? 122 GLY B O   1 
ATOM   939  N  N   . TRP A 1 123 ? 1.149   7.141   1.310   1.00 18.01 ? 123 TRP B N   1 
ATOM   940  C  CA  . TRP A 1 123 ? 1.825   5.945   0.828   1.00 16.85 ? 123 TRP B CA  1 
ATOM   941  C  C   . TRP A 1 123 ? 2.837   6.243   -0.260  1.00 18.23 ? 123 TRP B C   1 
ATOM   942  O  O   . TRP A 1 123 ? 2.670   7.181   -1.043  1.00 19.94 ? 123 TRP B O   1 
ATOM   943  C  CB  . TRP A 1 123 ? 0.815   4.948   0.247   1.00 14.16 ? 123 TRP B CB  1 
ATOM   944  C  CG  . TRP A 1 123 ? -0.141  4.365   1.229   1.00 15.85 ? 123 TRP B CG  1 
ATOM   945  C  CD1 . TRP A 1 123 ? -1.168  5.007   1.863   1.00 15.52 ? 123 TRP B CD1 1 
ATOM   946  C  CD2 . TRP A 1 123 ? -0.184  3.001   1.673   1.00 17.26 ? 123 TRP B CD2 1 
ATOM   947  N  NE1 . TRP A 1 123 ? -1.853  4.125   2.673   1.00 15.90 ? 123 TRP B NE1 1 
ATOM   948  C  CE2 . TRP A 1 123 ? -1.271  2.888   2.574   1.00 17.35 ? 123 TRP B CE2 1 
ATOM   949  C  CE3 . TRP A 1 123 ? 0.588   1.863   1.395   1.00 15.74 ? 123 TRP B CE3 1 
ATOM   950  C  CZ2 . TRP A 1 123 ? -1.603  1.678   3.200   1.00 17.16 ? 123 TRP B CZ2 1 
ATOM   951  C  CZ3 . TRP A 1 123 ? 0.257   0.661   2.018   1.00 16.15 ? 123 TRP B CZ3 1 
ATOM   952  C  CH2 . TRP A 1 123 ? -0.830  0.580   2.909   1.00 16.96 ? 123 TRP B CH2 1 
ATOM   953  N  N   . GLY A 1 124 ? 3.884   5.426   -0.299  1.00 18.39 ? 124 GLY B N   1 
ATOM   954  C  CA  . GLY A 1 124 ? 4.889   5.550   -1.331  1.00 18.50 ? 124 GLY B CA  1 
ATOM   955  C  C   . GLY A 1 124 ? 4.626   4.353   -2.234  1.00 19.84 ? 124 GLY B C   1 
ATOM   956  O  O   . GLY A 1 124 ? 4.490   3.232   -1.743  1.00 19.20 ? 124 GLY B O   1 
ATOM   957  N  N   . TRP A 1 125 ? 4.533   4.570   -3.542  1.00 19.55 ? 125 TRP B N   1 
ATOM   958  C  CA  . TRP A 1 125 ? 4.267   3.459   -4.449  1.00 20.40 ? 125 TRP B CA  1 
ATOM   959  C  C   . TRP A 1 125 ? 5.223   3.288   -5.627  1.00 21.00 ? 125 TRP B C   1 
ATOM   960  O  O   . TRP A 1 125 ? 5.784   4.251   -6.145  1.00 21.45 ? 125 TRP B O   1 
ATOM   961  C  CB  . TRP A 1 125 ? 2.858   3.567   -5.056  1.00 19.22 ? 125 TRP B CB  1 
ATOM   962  C  CG  . TRP A 1 125 ? 1.722   3.323   -4.128  1.00 18.69 ? 125 TRP B CG  1 
ATOM   963  C  CD1 . TRP A 1 125 ? 0.995   4.262   -3.453  1.00 17.48 ? 125 TRP B CD1 1 
ATOM   964  C  CD2 . TRP A 1 125 ? 1.175   2.053   -3.764  1.00 17.49 ? 125 TRP B CD2 1 
ATOM   965  N  NE1 . TRP A 1 125 ? 0.029   3.653   -2.691  1.00 18.18 ? 125 TRP B NE1 1 
ATOM   966  C  CE2 . TRP A 1 125 ? 0.117   2.297   -2.863  1.00 18.04 ? 125 TRP B CE2 1 
ATOM   967  C  CE3 . TRP A 1 125 ? 1.475   0.732   -4.113  1.00 17.88 ? 125 TRP B CE3 1 
ATOM   968  C  CZ2 . TRP A 1 125 ? -0.640  1.268   -2.303  1.00 19.33 ? 125 TRP B CZ2 1 
ATOM   969  C  CZ3 . TRP A 1 125 ? 0.722   -0.294  -3.557  1.00 19.72 ? 125 TRP B CZ3 1 
ATOM   970  C  CH2 . TRP A 1 125 ? -0.324  -0.019  -2.661  1.00 18.61 ? 125 TRP B CH2 1 
ATOM   971  N  N   . LEU A 1 126 ? 5.380   2.035   -6.033  1.00 21.78 ? 126 LEU B N   1 
ATOM   972  C  CA  . LEU A 1 126 ? 6.143   1.665   -7.214  1.00 20.70 ? 126 LEU B CA  1 
ATOM   973  C  C   . LEU A 1 126 ? 4.983   1.144   -8.062  1.00 21.46 ? 126 LEU B C   1 
ATOM   974  O  O   . LEU A 1 126 ? 4.330   0.174   -7.682  1.00 19.31 ? 126 LEU B O   1 
ATOM   975  C  CB  . LEU A 1 126 ? 7.114   0.515   -6.937  1.00 21.24 ? 126 LEU B CB  1 
ATOM   976  C  CG  . LEU A 1 126 ? 7.622   -0.181  -8.210  1.00 22.03 ? 126 LEU B CG  1 
ATOM   977  C  CD1 . LEU A 1 126 ? 8.400   0.804   -9.069  1.00 21.47 ? 126 LEU B CD1 1 
ATOM   978  C  CD2 . LEU A 1 126 ? 8.500   -1.362  -7.838  1.00 23.19 ? 126 LEU B CD2 1 
ATOM   979  N  N   . GLY A 1 127 ? 4.697   1.802   -9.177  1.00 22.19 ? 127 GLY B N   1 
ATOM   980  C  CA  . GLY A 1 127 ? 3.596   1.361   -10.010 1.00 22.67 ? 127 GLY B CA  1 
ATOM   981  C  C   . GLY A 1 127 ? 3.973   1.180   -11.464 1.00 24.04 ? 127 GLY B C   1 
ATOM   982  O  O   . GLY A 1 127 ? 5.084   1.509   -11.873 1.00 24.63 ? 127 GLY B O   1 
ATOM   983  N  N   . PHE A 1 128 ? 3.040   0.653   -12.247 1.00 24.91 ? 128 PHE B N   1 
ATOM   984  C  CA  . PHE A 1 128 ? 3.272   0.426   -13.663 1.00 26.12 ? 128 PHE B CA  1 
ATOM   985  C  C   . PHE A 1 128 ? 2.370   1.333   -14.500 1.00 27.18 ? 128 PHE B C   1 
ATOM   986  O  O   . PHE A 1 128 ? 1.152   1.308   -14.359 1.00 26.00 ? 128 PHE B O   1 
ATOM   987  C  CB  . PHE A 1 128 ? 3.001   -1.045  -14.016 1.00 27.61 ? 128 PHE B CB  1 
ATOM   988  C  CG  . PHE A 1 128 ? 3.286   -1.381  -15.453 1.00 29.48 ? 128 PHE B CG  1 
ATOM   989  C  CD1 . PHE A 1 128 ? 4.597   -1.421  -15.924 1.00 31.27 ? 128 PHE B CD1 1 
ATOM   990  C  CD2 . PHE A 1 128 ? 2.246   -1.599  -16.351 1.00 30.07 ? 128 PHE B CD2 1 
ATOM   991  C  CE1 . PHE A 1 128 ? 4.871   -1.667  -17.273 1.00 32.32 ? 128 PHE B CE1 1 
ATOM   992  C  CE2 . PHE A 1 128 ? 2.506   -1.844  -17.702 1.00 32.28 ? 128 PHE B CE2 1 
ATOM   993  C  CZ  . PHE A 1 128 ? 3.821   -1.877  -18.164 1.00 32.05 ? 128 PHE B CZ  1 
ATOM   994  N  N   . ASN A 1 129 ? 2.980   2.135   -15.366 1.00 28.49 ? 129 ASN B N   1 
ATOM   995  C  CA  . ASN A 1 129 ? 2.237   3.035   -16.239 1.00 31.00 ? 129 ASN B CA  1 
ATOM   996  C  C   . ASN A 1 129 ? 1.907   2.256   -17.519 1.00 33.88 ? 129 ASN B C   1 
ATOM   997  O  O   . ASN A 1 129 ? 2.765   2.076   -18.383 1.00 32.79 ? 129 ASN B O   1 
ATOM   998  C  CB  . ASN A 1 129 ? 3.093   4.263   -16.571 1.00 29.68 ? 129 ASN B CB  1 
ATOM   999  C  CG  . ASN A 1 129 ? 2.306   5.355   -17.271 1.00 31.36 ? 129 ASN B CG  1 
ATOM   1000 O  OD1 . ASN A 1 129 ? 1.482   5.081   -18.145 1.00 30.66 ? 129 ASN B OD1 1 
ATOM   1001 N  ND2 . ASN A 1 129 ? 2.567   6.605   -16.899 1.00 31.67 ? 129 ASN B ND2 1 
ATOM   1002 N  N   . LYS A 1 130 ? 0.667   1.788   -17.633 1.00 38.11 ? 130 LYS B N   1 
ATOM   1003 C  CA  . LYS A 1 130 ? 0.239   1.017   -18.801 1.00 42.64 ? 130 LYS B CA  1 
ATOM   1004 C  C   . LYS A 1 130 ? 0.261   1.773   -20.124 1.00 44.64 ? 130 LYS B C   1 
ATOM   1005 O  O   . LYS A 1 130 ? 0.428   1.171   -21.183 1.00 45.42 ? 130 LYS B O   1 
ATOM   1006 C  CB  . LYS A 1 130 ? -1.169  0.453   -18.588 1.00 44.58 ? 130 LYS B CB  1 
ATOM   1007 C  CG  . LYS A 1 130 ? -1.189  -1.020  -18.229 1.00 49.04 ? 130 LYS B CG  1 
ATOM   1008 C  CD  . LYS A 1 130 ? -2.594  -1.599  -18.314 1.00 53.15 ? 130 LYS B CD  1 
ATOM   1009 C  CE  . LYS A 1 130 ? -2.582  -3.107  -18.074 1.00 55.24 ? 130 LYS B CE  1 
ATOM   1010 N  NZ  . LYS A 1 130 ? -1.703  -3.823  -19.047 1.00 56.26 ? 130 LYS B NZ  1 
ATOM   1011 N  N   . GLU A 1 131 ? 0.091   3.088   -20.071 1.00 46.33 ? 131 GLU B N   1 
ATOM   1012 C  CA  . GLU A 1 131 ? 0.077   3.889   -21.286 1.00 48.56 ? 131 GLU B CA  1 
ATOM   1013 C  C   . GLU A 1 131 ? 1.476   4.133   -21.850 1.00 47.91 ? 131 GLU B C   1 
ATOM   1014 O  O   . GLU A 1 131 ? 1.652   4.216   -23.064 1.00 48.99 ? 131 GLU B O   1 
ATOM   1015 C  CB  . GLU A 1 131 ? -0.609  5.226   -21.011 1.00 52.23 ? 131 GLU B CB  1 
ATOM   1016 C  CG  . GLU A 1 131 ? -0.977  6.012   -22.254 1.00 58.49 ? 131 GLU B CG  1 
ATOM   1017 C  CD  . GLU A 1 131 ? -1.568  7.371   -21.919 1.00 62.08 ? 131 GLU B CD  1 
ATOM   1018 O  OE1 . GLU A 1 131 ? -2.549  7.422   -21.141 1.00 63.44 ? 131 GLU B OE1 1 
ATOM   1019 O  OE2 . GLU A 1 131 ? -1.048  8.385   -22.436 1.00 64.30 ? 131 GLU B OE2 1 
ATOM   1020 N  N   . ARG A 1 132 ? 2.465   4.242   -20.967 1.00 46.70 ? 132 ARG B N   1 
ATOM   1021 C  CA  . ARG A 1 132 ? 3.848   4.487   -21.377 1.00 45.03 ? 132 ARG B CA  1 
ATOM   1022 C  C   . ARG A 1 132 ? 4.710   3.230   -21.337 1.00 42.40 ? 132 ARG B C   1 
ATOM   1023 O  O   . ARG A 1 132 ? 5.837   3.229   -21.825 1.00 42.23 ? 132 ARG B O   1 
ATOM   1024 C  CB  . ARG A 1 132 ? 4.483   5.556   -20.483 1.00 47.25 ? 132 ARG B CB  1 
ATOM   1025 C  CG  . ARG A 1 132 ? 3.809   6.916   -20.541 1.00 50.60 ? 132 ARG B CG  1 
ATOM   1026 C  CD  . ARG A 1 132 ? 3.885   7.516   -21.934 1.00 53.83 ? 132 ARG B CD  1 
ATOM   1027 N  NE  . ARG A 1 132 ? 4.420   8.876   -21.908 1.00 58.29 ? 132 ARG B NE  1 
ATOM   1028 C  CZ  . ARG A 1 132 ? 5.687   9.183   -21.642 1.00 58.49 ? 132 ARG B CZ  1 
ATOM   1029 N  NH1 . ARG A 1 132 ? 6.075   10.451  -21.639 1.00 58.93 ? 132 ARG B NH1 1 
ATOM   1030 N  NH2 . ARG A 1 132 ? 6.572   8.227   -21.390 1.00 59.18 ? 132 ARG B NH2 1 
ATOM   1031 N  N   . GLY A 1 133 ? 4.183   2.167   -20.738 1.00 40.58 ? 133 GLY B N   1 
ATOM   1032 C  CA  . GLY A 1 133 ? 4.918   0.917   -20.654 1.00 37.89 ? 133 GLY B CA  1 
ATOM   1033 C  C   . GLY A 1 133 ? 6.158   0.924   -19.777 1.00 36.53 ? 133 GLY B C   1 
ATOM   1034 O  O   . GLY A 1 133 ? 7.107   0.192   -20.046 1.00 35.61 ? 133 GLY B O   1 
ATOM   1035 N  N   . HIS A 1 134 ? 6.169   1.737   -18.725 1.00 35.61 ? 134 HIS B N   1 
ATOM   1036 C  CA  . HIS A 1 134 ? 7.328   1.776   -17.839 1.00 35.34 ? 134 HIS B CA  1 
ATOM   1037 C  C   . HIS A 1 134 ? 6.959   1.895   -16.356 1.00 32.93 ? 134 HIS B C   1 
ATOM   1038 O  O   . HIS A 1 134 ? 5.828   2.232   -16.016 1.00 30.96 ? 134 HIS B O   1 
ATOM   1039 C  CB  . HIS A 1 134 ? 8.284   2.909   -18.261 1.00 37.37 ? 134 HIS B CB  1 
ATOM   1040 C  CG  . HIS A 1 134 ? 7.692   4.286   -18.184 1.00 41.37 ? 134 HIS B CG  1 
ATOM   1041 N  ND1 . HIS A 1 134 ? 8.058   5.298   -19.048 1.00 43.79 ? 134 HIS B ND1 1 
ATOM   1042 C  CD2 . HIS A 1 134 ? 6.803   4.835   -17.321 1.00 42.96 ? 134 HIS B CD2 1 
ATOM   1043 C  CE1 . HIS A 1 134 ? 7.420   6.409   -18.721 1.00 43.36 ? 134 HIS B CE1 1 
ATOM   1044 N  NE2 . HIS A 1 134 ? 6.654   6.156   -17.676 1.00 44.11 ? 134 HIS B NE2 1 
ATOM   1045 N  N   . LEU A 1 135 ? 7.915   1.585   -15.482 1.00 30.81 ? 135 LEU B N   1 
ATOM   1046 C  CA  . LEU A 1 135 ? 7.697   1.669   -14.043 1.00 28.80 ? 135 LEU B CA  1 
ATOM   1047 C  C   . LEU A 1 135 ? 7.663   3.132   -13.649 1.00 28.09 ? 135 LEU B C   1 
ATOM   1048 O  O   . LEU A 1 135 ? 8.189   3.988   -14.357 1.00 28.15 ? 135 LEU B O   1 
ATOM   1049 C  CB  . LEU A 1 135 ? 8.817   0.961   -13.285 1.00 28.20 ? 135 LEU B CB  1 
ATOM   1050 C  CG  . LEU A 1 135 ? 8.953   -0.530  -13.581 1.00 28.49 ? 135 LEU B CG  1 
ATOM   1051 C  CD1 . LEU A 1 135 ? 10.191  -1.070  -12.890 1.00 28.17 ? 135 LEU B CD1 1 
ATOM   1052 C  CD2 . LEU A 1 135 ? 7.703   -1.262  -13.117 1.00 28.02 ? 135 LEU B CD2 1 
ATOM   1053 N  N   . GLN A 1 136 ? 7.061   3.420   -12.505 1.00 26.73 ? 136 GLN B N   1 
ATOM   1054 C  CA  . GLN A 1 136 ? 6.949   4.797   -12.066 1.00 25.43 ? 136 GLN B CA  1 
ATOM   1055 C  C   . GLN A 1 136 ? 6.732   4.862   -10.565 1.00 24.03 ? 136 GLN B C   1 
ATOM   1056 O  O   . GLN A 1 136 ? 6.053   4.011   -9.995  1.00 24.06 ? 136 GLN B O   1 
ATOM   1057 C  CB  . GLN A 1 136 ? 5.765   5.436   -12.783 1.00 26.93 ? 136 GLN B CB  1 
ATOM   1058 C  CG  . GLN A 1 136 ? 5.741   6.930   -12.768 1.00 28.06 ? 136 GLN B CG  1 
ATOM   1059 C  CD  . GLN A 1 136 ? 4.612   7.465   -13.608 1.00 29.29 ? 136 GLN B CD  1 
ATOM   1060 O  OE1 . GLN A 1 136 ? 4.348   6.960   -14.702 1.00 30.73 ? 136 GLN B OE1 1 
ATOM   1061 N  NE2 . GLN A 1 136 ? 3.942   8.496   -13.112 1.00 30.04 ? 136 GLN B NE2 1 
ATOM   1062 N  N   . ILE A 1 137 ? 7.309   5.871   -9.926  1.00 22.07 ? 137 ILE B N   1 
ATOM   1063 C  CA  . ILE A 1 137 ? 7.151   6.036   -8.491  1.00 20.99 ? 137 ILE B CA  1 
ATOM   1064 C  C   . ILE A 1 137 ? 6.185   7.173   -8.201  1.00 21.66 ? 137 ILE B C   1 
ATOM   1065 O  O   . ILE A 1 137 ? 6.256   8.235   -8.820  1.00 22.82 ? 137 ILE B O   1 
ATOM   1066 C  CB  . ILE A 1 137 ? 8.503   6.324   -7.819  1.00 21.49 ? 137 ILE B CB  1 
ATOM   1067 C  CG1 . ILE A 1 137 ? 9.334   5.043   -7.798  1.00 20.51 ? 137 ILE B CG1 1 
ATOM   1068 C  CG2 . ILE A 1 137 ? 8.293   6.874   -6.407  1.00 19.41 ? 137 ILE B CG2 1 
ATOM   1069 C  CD1 . ILE A 1 137 ? 10.755  5.254   -7.356  1.00 22.29 ? 137 ILE B CD1 1 
ATOM   1070 N  N   . ALA A 1 138 ? 5.267   6.943   -7.272  1.00 20.15 ? 138 ALA B N   1 
ATOM   1071 C  CA  . ALA A 1 138 ? 4.301   7.965   -6.909  1.00 19.32 ? 138 ALA B CA  1 
ATOM   1072 C  C   . ALA A 1 138 ? 4.033   7.897   -5.421  1.00 18.59 ? 138 ALA B C   1 
ATOM   1073 O  O   . ALA A 1 138 ? 4.315   6.888   -4.777  1.00 20.40 ? 138 ALA B O   1 
ATOM   1074 C  CB  . ALA A 1 138 ? 2.999   7.764   -7.682  1.00 17.22 ? 138 ALA B CB  1 
ATOM   1075 N  N   . ALA A 1 139 ? 3.507   8.984   -4.878  1.00 18.61 ? 139 ALA B N   1 
ATOM   1076 C  CA  . ALA A 1 139 ? 3.158   9.063   -3.466  1.00 18.91 ? 139 ALA B CA  1 
ATOM   1077 C  C   . ALA A 1 139 ? 1.687   9.451   -3.442  1.00 19.51 ? 139 ALA B C   1 
ATOM   1078 O  O   . ALA A 1 139 ? 1.234   10.226  -4.285  1.00 17.83 ? 139 ALA B O   1 
ATOM   1079 C  CB  . ALA A 1 139 ? 3.993   10.125  -2.766  1.00 18.93 ? 139 ALA B CB  1 
ATOM   1080 N  N   . CYS A 1 140 ? 0.938   8.900   -2.499  1.00 18.67 ? 140 CYS B N   1 
ATOM   1081 C  CA  . CYS A 1 140 ? -0.481  9.205   -2.399  1.00 18.46 ? 140 CYS B CA  1 
ATOM   1082 C  C   . CYS A 1 140 ? -0.798  9.662   -0.991  1.00 17.97 ? 140 CYS B C   1 
ATOM   1083 O  O   . CYS A 1 140 ? -0.273  9.123   -0.019  1.00 18.25 ? 140 CYS B O   1 
ATOM   1084 C  CB  . CYS A 1 140 ? -1.322  7.973   -2.737  1.00 19.24 ? 140 CYS B CB  1 
ATOM   1085 S  SG  . CYS A 1 140 ? -1.133  7.399   -4.429  1.00 22.84 ? 140 CYS B SG  1 
ATOM   1086 N  N   . PRO A 1 141 ? -1.666  10.668  -0.865  1.00 16.38 ? 141 PRO B N   1 
ATOM   1087 C  CA  . PRO A 1 141 ? -2.034  11.176  0.458   1.00 15.72 ? 141 PRO B CA  1 
ATOM   1088 C  C   . PRO A 1 141 ? -3.070  10.291  1.138   1.00 15.45 ? 141 PRO B C   1 
ATOM   1089 O  O   . PRO A 1 141 ? -3.894  9.663   0.471   1.00 12.81 ? 141 PRO B O   1 
ATOM   1090 C  CB  . PRO A 1 141 ? -2.593  12.565  0.148   1.00 14.66 ? 141 PRO B CB  1 
ATOM   1091 C  CG  . PRO A 1 141 ? -3.272  12.342  -1.179  1.00 14.69 ? 141 PRO B CG  1 
ATOM   1092 C  CD  . PRO A 1 141 ? -2.270  11.479  -1.940  1.00 15.06 ? 141 PRO B CD  1 
ATOM   1093 N  N   . ASN A 1 142 ? -3.013  10.251  2.466   1.00 14.56 ? 142 ASN B N   1 
ATOM   1094 C  CA  . ASN A 1 142 ? -3.954  9.491   3.270   1.00 13.98 ? 142 ASN B CA  1 
ATOM   1095 C  C   . ASN A 1 142 ? -4.200  8.059   2.810   1.00 13.71 ? 142 ASN B C   1 
ATOM   1096 O  O   . ASN A 1 142 ? -3.295  7.225   2.880   1.00 14.04 ? 142 ASN B O   1 
ATOM   1097 C  CB  . ASN A 1 142 ? -5.263  10.273  3.350   1.00 14.36 ? 142 ASN B CB  1 
ATOM   1098 C  CG  . ASN A 1 142 ? -5.047  11.674  3.880   1.00 17.84 ? 142 ASN B CG  1 
ATOM   1099 O  OD1 . ASN A 1 142 ? -4.311  11.868  4.852   1.00 20.41 ? 142 ASN B OD1 1 
ATOM   1100 N  ND2 . ASN A 1 142 ? -5.677  12.661  3.251   1.00 17.97 ? 142 ASN B ND2 1 
ATOM   1101 N  N   . GLN A 1 143 ? -5.417  7.761   2.361   1.00 12.82 ? 143 GLN B N   1 
ATOM   1102 C  CA  . GLN A 1 143 ? -5.721  6.413   1.895   1.00 14.51 ? 143 GLN B CA  1 
ATOM   1103 C  C   . GLN A 1 143 ? -6.080  6.368   0.415   1.00 16.99 ? 143 GLN B C   1 
ATOM   1104 O  O   . GLN A 1 143 ? -6.609  5.363   -0.066  1.00 16.95 ? 143 GLN B O   1 
ATOM   1105 C  CB  . GLN A 1 143 ? -6.860  5.792   2.710   1.00 12.33 ? 143 GLN B CB  1 
ATOM   1106 C  CG  . GLN A 1 143 ? -6.552  5.605   4.195   1.00 13.43 ? 143 GLN B CG  1 
ATOM   1107 C  CD  . GLN A 1 143 ? -5.374  4.677   4.462   1.00 14.81 ? 143 GLN B CD  1 
ATOM   1108 O  OE1 . GLN A 1 143 ? -4.935  4.544   5.602   1.00 19.17 ? 143 GLN B OE1 1 
ATOM   1109 N  NE2 . GLN A 1 143 ? -4.861  4.035   3.419   1.00 14.47 ? 143 GLN B NE2 1 
ATOM   1110 N  N   . ASP A 1 144 ? -5.802  7.454   -0.306  1.00 16.52 ? 144 ASP B N   1 
ATOM   1111 C  CA  . ASP A 1 144 ? -6.091  7.502   -1.736  1.00 17.25 ? 144 ASP B CA  1 
ATOM   1112 C  C   . ASP A 1 144 ? -5.371  6.339   -2.412  1.00 18.08 ? 144 ASP B C   1 
ATOM   1113 O  O   . ASP A 1 144 ? -4.147  6.251   -2.365  1.00 18.36 ? 144 ASP B O   1 
ATOM   1114 C  CB  . ASP A 1 144 ? -5.618  8.830   -2.326  1.00 18.40 ? 144 ASP B CB  1 
ATOM   1115 C  CG  . ASP A 1 144 ? -6.545  9.986   -1.982  1.00 19.27 ? 144 ASP B CG  1 
ATOM   1116 O  OD1 . ASP A 1 144 ? -7.338  9.871   -1.023  1.00 21.36 ? 144 ASP B OD1 1 
ATOM   1117 O  OD2 . ASP A 1 144 ? -6.472  11.021  -2.669  1.00 21.83 ? 144 ASP B OD2 1 
ATOM   1118 N  N   . PRO A 1 145 ? -6.131  5.421   -3.033  1.00 17.71 ? 145 PRO B N   1 
ATOM   1119 C  CA  . PRO A 1 145 ? -5.557  4.259   -3.713  1.00 18.04 ? 145 PRO B CA  1 
ATOM   1120 C  C   . PRO A 1 145 ? -4.846  4.683   -4.985  1.00 18.66 ? 145 PRO B C   1 
ATOM   1121 O  O   . PRO A 1 145 ? -5.295  5.591   -5.684  1.00 18.73 ? 145 PRO B O   1 
ATOM   1122 C  CB  . PRO A 1 145 ? -6.772  3.375   -3.966  1.00 17.24 ? 145 PRO B CB  1 
ATOM   1123 C  CG  . PRO A 1 145 ? -7.858  4.383   -4.205  1.00 18.17 ? 145 PRO B CG  1 
ATOM   1124 C  CD  . PRO A 1 145 ? -7.603  5.409   -3.123  1.00 17.93 ? 145 PRO B CD  1 
ATOM   1125 N  N   . LEU A 1 146 ? -3.736  4.021   -5.281  1.00 18.77 ? 146 LEU B N   1 
ATOM   1126 C  CA  . LEU A 1 146 ? -2.941  4.363   -6.452  1.00 19.73 ? 146 LEU B CA  1 
ATOM   1127 C  C   . LEU A 1 146 ? -3.686  4.302   -7.780  1.00 20.49 ? 146 LEU B C   1 
ATOM   1128 O  O   . LEU A 1 146 ? -3.770  5.303   -8.492  1.00 22.87 ? 146 LEU B O   1 
ATOM   1129 C  CB  . LEU A 1 146 ? -1.698  3.469   -6.532  1.00 16.62 ? 146 LEU B CB  1 
ATOM   1130 C  CG  . LEU A 1 146 ? -0.703  3.821   -7.645  1.00 17.55 ? 146 LEU B CG  1 
ATOM   1131 C  CD1 . LEU A 1 146 ? -0.079  5.187   -7.356  1.00 14.29 ? 146 LEU B CD1 1 
ATOM   1132 C  CD2 . LEU A 1 146 ? 0.377   2.739   -7.745  1.00 16.36 ? 146 LEU B CD2 1 
ATOM   1133 N  N   . GLN A 1 147 ? -4.232  3.137   -8.110  1.00 21.62 ? 147 GLN B N   1 
ATOM   1134 C  CA  . GLN A 1 147 ? -4.915  2.967   -9.386  1.00 22.00 ? 147 GLN B CA  1 
ATOM   1135 C  C   . GLN A 1 147 ? -6.149  3.832   -9.594  1.00 22.64 ? 147 GLN B C   1 
ATOM   1136 O  O   . GLN A 1 147 ? -6.327  4.425   -10.660 1.00 23.21 ? 147 GLN B O   1 
ATOM   1137 C  CB  . GLN A 1 147 ? -5.278  1.501   -9.601  1.00 21.74 ? 147 GLN B CB  1 
ATOM   1138 C  CG  . GLN A 1 147 ? -5.704  1.216   -11.026 1.00 23.99 ? 147 GLN B CG  1 
ATOM   1139 C  CD  . GLN A 1 147 ? -5.879  -0.257  -11.309 1.00 26.28 ? 147 GLN B CD  1 
ATOM   1140 O  OE1 . GLN A 1 147 ? -6.263  -0.636  -12.409 1.00 29.85 ? 147 GLN B OE1 1 
ATOM   1141 N  NE2 . GLN A 1 147 ? -5.593  -1.096  -10.320 1.00 26.51 ? 147 GLN B NE2 1 
ATOM   1142 N  N   . GLY A 1 148 ? -7.001  3.901   -8.578  1.00 23.17 ? 148 GLY B N   1 
ATOM   1143 C  CA  . GLY A 1 148 ? -8.211  4.690   -8.684  1.00 23.58 ? 148 GLY B CA  1 
ATOM   1144 C  C   . GLY A 1 148 ? -8.004  6.185   -8.851  1.00 24.65 ? 148 GLY B C   1 
ATOM   1145 O  O   . GLY A 1 148 ? -8.861  6.850   -9.427  1.00 26.23 ? 148 GLY B O   1 
ATOM   1146 N  N   . THR A 1 149 ? -6.887  6.726   -8.367  1.00 23.53 ? 149 THR B N   1 
ATOM   1147 C  CA  . THR A 1 149 ? -6.651  8.164   -8.483  1.00 23.57 ? 149 THR B CA  1 
ATOM   1148 C  C   . THR A 1 149 ? -5.580  8.595   -9.489  1.00 24.06 ? 149 THR B C   1 
ATOM   1149 O  O   . THR A 1 149 ? -5.563  9.752   -9.907  1.00 24.58 ? 149 THR B O   1 
ATOM   1150 C  CB  . THR A 1 149 ? -6.297  8.795   -7.114  1.00 23.11 ? 149 THR B CB  1 
ATOM   1151 O  OG1 . THR A 1 149 ? -5.034  8.292   -6.662  1.00 22.90 ? 149 THR B OG1 1 
ATOM   1152 C  CG2 . THR A 1 149 ? -7.361  8.462   -6.088  1.00 22.58 ? 149 THR B CG2 1 
ATOM   1153 N  N   . THR A 1 150 ? -4.685  7.692   -9.880  1.00 22.87 ? 150 THR B N   1 
ATOM   1154 C  CA  . THR A 1 150 ? -3.649  8.066   -10.844 1.00 21.42 ? 150 THR B CA  1 
ATOM   1155 C  C   . THR A 1 150 ? -3.643  7.176   -12.077 1.00 21.61 ? 150 THR B C   1 
ATOM   1156 O  O   . THR A 1 150 ? -3.035  7.530   -13.086 1.00 20.94 ? 150 THR B O   1 
ATOM   1157 C  CB  . THR A 1 150 ? -2.232  7.984   -10.248 1.00 20.91 ? 150 THR B CB  1 
ATOM   1158 O  OG1 . THR A 1 150 ? -1.872  6.607   -10.080 1.00 20.60 ? 150 THR B OG1 1 
ATOM   1159 C  CG2 . THR A 1 150 ? -2.159  8.705   -8.906  1.00 20.41 ? 150 THR B CG2 1 
ATOM   1160 N  N   . GLY A 1 151 ? -4.293  6.017   -11.993 1.00 20.34 ? 151 GLY B N   1 
ATOM   1161 C  CA  . GLY A 1 151 ? -4.316  5.109   -13.130 1.00 19.72 ? 151 GLY B CA  1 
ATOM   1162 C  C   . GLY A 1 151 ? -3.149  4.127   -13.173 1.00 19.46 ? 151 GLY B C   1 
ATOM   1163 O  O   . GLY A 1 151 ? -3.150  3.193   -13.976 1.00 20.85 ? 151 GLY B O   1 
ATOM   1164 N  N   . LEU A 1 152 ? -2.147  4.334   -12.323 1.00 18.34 ? 152 LEU B N   1 
ATOM   1165 C  CA  . LEU A 1 152 ? -0.989  3.445   -12.269 1.00 18.45 ? 152 LEU B CA  1 
ATOM   1166 C  C   . LEU A 1 152 ? -1.377  2.125   -11.602 1.00 19.22 ? 152 LEU B C   1 
ATOM   1167 O  O   . LEU A 1 152 ? -2.151  2.115   -10.643 1.00 18.66 ? 152 LEU B O   1 
ATOM   1168 C  CB  . LEU A 1 152 ? 0.142   4.105   -11.471 1.00 18.95 ? 152 LEU B CB  1 
ATOM   1169 C  CG  . LEU A 1 152 ? 0.708   5.393   -12.081 1.00 19.86 ? 152 LEU B CG  1 
ATOM   1170 C  CD1 . LEU A 1 152 ? 1.637   6.081   -11.099 1.00 16.67 ? 152 LEU B CD1 1 
ATOM   1171 C  CD2 . LEU A 1 152 ? 1.446   5.054   -13.370 1.00 20.05 ? 152 LEU B CD2 1 
ATOM   1172 N  N   . ILE A 1 153 ? -0.859  1.013   -12.118 1.00 18.35 ? 153 ILE B N   1 
ATOM   1173 C  CA  . ILE A 1 153 ? -1.146  -0.296  -11.535 1.00 18.82 ? 153 ILE B CA  1 
ATOM   1174 C  C   . ILE A 1 153 ? -0.159  -0.469  -10.382 1.00 19.84 ? 153 ILE B C   1 
ATOM   1175 O  O   . ILE A 1 153 ? 1.051   -0.386  -10.583 1.00 20.66 ? 153 ILE B O   1 
ATOM   1176 C  CB  . ILE A 1 153 ? -0.909  -1.454  -12.539 1.00 19.93 ? 153 ILE B CB  1 
ATOM   1177 C  CG1 . ILE A 1 153 ? -1.638  -1.186  -13.866 1.00 19.72 ? 153 ILE B CG1 1 
ATOM   1178 C  CG2 . ILE A 1 153 ? -1.384  -2.769  -11.919 1.00 17.27 ? 153 ILE B CG2 1 
ATOM   1179 C  CD1 . ILE A 1 153 ? -3.154  -1.120  -13.752 1.00 20.88 ? 153 ILE B CD1 1 
ATOM   1180 N  N   . PRO A 1 154 ? -0.658  -0.713  -9.159  1.00 19.98 ? 154 PRO B N   1 
ATOM   1181 C  CA  . PRO A 1 154 ? 0.272   -0.877  -8.038  1.00 20.88 ? 154 PRO B CA  1 
ATOM   1182 C  C   . PRO A 1 154 ? 1.091   -2.170  -8.070  1.00 20.96 ? 154 PRO B C   1 
ATOM   1183 O  O   . PRO A 1 154 ? 0.582   -3.232  -8.430  1.00 20.88 ? 154 PRO B O   1 
ATOM   1184 C  CB  . PRO A 1 154 ? -0.648  -0.800  -6.820  1.00 19.62 ? 154 PRO B CB  1 
ATOM   1185 C  CG  . PRO A 1 154 ? -1.907  -1.422  -7.325  1.00 20.58 ? 154 PRO B CG  1 
ATOM   1186 C  CD  . PRO A 1 154 ? -2.057  -0.822  -8.706  1.00 19.57 ? 154 PRO B CD  1 
ATOM   1187 N  N   . LEU A 1 155 ? 2.362   -2.067  -7.695  1.00 19.86 ? 155 LEU B N   1 
ATOM   1188 C  CA  . LEU A 1 155 ? 3.243   -3.228  -7.650  1.00 20.22 ? 155 LEU B CA  1 
ATOM   1189 C  C   . LEU A 1 155 ? 3.787   -3.427  -6.238  1.00 20.09 ? 155 LEU B C   1 
ATOM   1190 O  O   . LEU A 1 155 ? 3.832   -4.544  -5.741  1.00 22.64 ? 155 LEU B O   1 
ATOM   1191 C  CB  . LEU A 1 155 ? 4.406   -3.068  -8.635  1.00 18.81 ? 155 LEU B CB  1 
ATOM   1192 C  CG  . LEU A 1 155 ? 4.051   -2.850  -10.113 1.00 19.96 ? 155 LEU B CG  1 
ATOM   1193 C  CD1 . LEU A 1 155 ? 5.327   -2.849  -10.942 1.00 19.55 ? 155 LEU B CD1 1 
ATOM   1194 C  CD2 . LEU A 1 155 ? 3.110   -3.938  -10.601 1.00 17.94 ? 155 LEU B CD2 1 
ATOM   1195 N  N   . LEU A 1 156 ? 4.198   -2.335  -5.600  1.00 20.71 ? 156 LEU B N   1 
ATOM   1196 C  CA  . LEU A 1 156 ? 4.740   -2.369  -4.239  1.00 19.57 ? 156 LEU B CA  1 
ATOM   1197 C  C   . LEU A 1 156 ? 4.342   -1.100  -3.484  1.00 19.84 ? 156 LEU B C   1 
ATOM   1198 O  O   . LEU A 1 156 ? 4.531   0.015   -3.973  1.00 20.14 ? 156 LEU B O   1 
ATOM   1199 C  CB  . LEU A 1 156 ? 6.271   -2.474  -4.275  1.00 19.50 ? 156 LEU B CB  1 
ATOM   1200 C  CG  . LEU A 1 156 ? 7.016   -2.288  -2.944  1.00 20.22 ? 156 LEU B CG  1 
ATOM   1201 C  CD1 . LEU A 1 156 ? 6.662   -3.414  -1.977  1.00 18.15 ? 156 LEU B CD1 1 
ATOM   1202 C  CD2 . LEU A 1 156 ? 8.509   -2.267  -3.206  1.00 19.22 ? 156 LEU B CD2 1 
ATOM   1203 N  N   . GLY A 1 157 ? 3.796   -1.269  -2.287  1.00 18.58 ? 157 GLY B N   1 
ATOM   1204 C  CA  . GLY A 1 157 ? 3.389   -0.118  -1.511  1.00 16.97 ? 157 GLY B CA  1 
ATOM   1205 C  C   . GLY A 1 157 ? 4.034   -0.062  -0.145  1.00 16.50 ? 157 GLY B C   1 
ATOM   1206 O  O   . GLY A 1 157 ? 4.220   -1.087  0.510   1.00 16.99 ? 157 GLY B O   1 
ATOM   1207 N  N   . ILE A 1 158 ? 4.394   1.140   0.280   1.00 15.62 ? 158 ILE B N   1 
ATOM   1208 C  CA  . ILE A 1 158 ? 4.998   1.335   1.589   1.00 16.69 ? 158 ILE B CA  1 
ATOM   1209 C  C   . ILE A 1 158 ? 4.148   2.342   2.357   1.00 17.28 ? 158 ILE B C   1 
ATOM   1210 O  O   . ILE A 1 158 ? 4.038   3.512   1.979   1.00 17.21 ? 158 ILE B O   1 
ATOM   1211 C  CB  . ILE A 1 158 ? 6.453   1.825   1.462   1.00 17.50 ? 158 ILE B CB  1 
ATOM   1212 C  CG1 . ILE A 1 158 ? 7.294   0.718   0.805   1.00 19.10 ? 158 ILE B CG1 1 
ATOM   1213 C  CG2 . ILE A 1 158 ? 7.011   2.175   2.830   1.00 14.43 ? 158 ILE B CG2 1 
ATOM   1214 C  CD1 . ILE A 1 158 ? 8.731   1.072   0.620   1.00 22.85 ? 158 ILE B CD1 1 
ATOM   1215 N  N   . ASP A 1 159 ? 3.528   1.850   3.425   1.00 15.50 ? 159 ASP B N   1 
ATOM   1216 C  CA  . ASP A 1 159 ? 2.649   2.629   4.283   1.00 14.20 ? 159 ASP B CA  1 
ATOM   1217 C  C   . ASP A 1 159 ? 3.461   3.534   5.203   1.00 14.65 ? 159 ASP B C   1 
ATOM   1218 O  O   . ASP A 1 159 ? 4.234   3.043   6.026   1.00 14.91 ? 159 ASP B O   1 
ATOM   1219 C  CB  . ASP A 1 159 ? 1.802   1.651   5.109   1.00 14.60 ? 159 ASP B CB  1 
ATOM   1220 C  CG  . ASP A 1 159 ? 0.686   2.327   5.887   1.00 15.36 ? 159 ASP B CG  1 
ATOM   1221 O  OD1 . ASP A 1 159 ? 0.551   3.565   5.807   1.00 13.93 ? 159 ASP B OD1 1 
ATOM   1222 O  OD2 . ASP A 1 159 ? -0.063  1.601   6.584   1.00 14.41 ? 159 ASP B OD2 1 
ATOM   1223 N  N   . VAL A 1 160 ? 3.306   4.852   5.061   1.00 13.72 ? 160 VAL B N   1 
ATOM   1224 C  CA  . VAL A 1 160 ? 4.035   5.768   5.928   1.00 13.55 ? 160 VAL B CA  1 
ATOM   1225 C  C   . VAL A 1 160 ? 3.161   6.530   6.925   1.00 14.33 ? 160 VAL B C   1 
ATOM   1226 O  O   . VAL A 1 160 ? 3.556   7.584   7.439   1.00 14.94 ? 160 VAL B O   1 
ATOM   1227 C  CB  . VAL A 1 160 ? 4.922   6.767   5.131   1.00 14.53 ? 160 VAL B CB  1 
ATOM   1228 C  CG1 . VAL A 1 160 ? 6.074   6.014   4.489   1.00 14.68 ? 160 VAL B CG1 1 
ATOM   1229 C  CG2 . VAL A 1 160 ? 4.108   7.503   4.083   1.00 14.47 ? 160 VAL B CG2 1 
ATOM   1230 N  N   . TRP A 1 161 ? 1.963   6.004   7.184   1.00 13.44 ? 161 TRP B N   1 
ATOM   1231 C  CA  . TRP A 1 161 ? 1.095   6.582   8.209   1.00 12.82 ? 161 TRP B CA  1 
ATOM   1232 C  C   . TRP A 1 161 ? 1.899   6.298   9.484   1.00 13.97 ? 161 TRP B C   1 
ATOM   1233 O  O   . TRP A 1 161 ? 2.564   5.260   9.578   1.00 14.05 ? 161 TRP B O   1 
ATOM   1234 C  CB  . TRP A 1 161 ? -0.233  5.827   8.295   1.00 12.29 ? 161 TRP B CB  1 
ATOM   1235 C  CG  . TRP A 1 161 ? -1.289  6.329   7.373   1.00 13.37 ? 161 TRP B CG  1 
ATOM   1236 C  CD1 . TRP A 1 161 ? -1.240  6.372   6.008   1.00 12.95 ? 161 TRP B CD1 1 
ATOM   1237 C  CD2 . TRP A 1 161 ? -2.576  6.838   7.747   1.00 13.15 ? 161 TRP B CD2 1 
ATOM   1238 N  NE1 . TRP A 1 161 ? -2.421  6.874   5.506   1.00 14.95 ? 161 TRP B NE1 1 
ATOM   1239 C  CE2 . TRP A 1 161 ? -3.258  7.169   6.552   1.00 14.48 ? 161 TRP B CE2 1 
ATOM   1240 C  CE3 . TRP A 1 161 ? -3.220  7.046   8.975   1.00 10.50 ? 161 TRP B CE3 1 
ATOM   1241 C  CZ2 . TRP A 1 161 ? -4.553  7.696   6.549   1.00 13.15 ? 161 TRP B CZ2 1 
ATOM   1242 C  CZ3 . TRP A 1 161 ? -4.507  7.566   8.972   1.00 15.27 ? 161 TRP B CZ3 1 
ATOM   1243 C  CH2 . TRP A 1 161 ? -5.161  7.887   7.765   1.00 13.87 ? 161 TRP B CH2 1 
ATOM   1244 N  N   . GLU A 1 162 ? 1.845   7.182   10.471  1.00 14.17 ? 162 GLU B N   1 
ATOM   1245 C  CA  . GLU A 1 162 ? 2.632   6.943   11.671  1.00 14.56 ? 162 GLU B CA  1 
ATOM   1246 C  C   . GLU A 1 162 ? 2.304   5.630   12.387  1.00 15.35 ? 162 GLU B C   1 
ATOM   1247 O  O   . GLU A 1 162 ? 3.193   5.019   12.981  1.00 16.62 ? 162 GLU B O   1 
ATOM   1248 C  CB  . GLU A 1 162 ? 2.519   8.141   12.620  1.00 14.76 ? 162 GLU B CB  1 
ATOM   1249 C  CG  . GLU A 1 162 ? 3.115   9.419   12.014  1.00 17.64 ? 162 GLU B CG  1 
ATOM   1250 C  CD  . GLU A 1 162 ? 2.994   10.643  12.915  1.00 18.45 ? 162 GLU B CD  1 
ATOM   1251 O  OE1 . GLU A 1 162 ? 1.899   10.891  13.457  1.00 20.64 ? 162 GLU B OE1 1 
ATOM   1252 O  OE2 . GLU A 1 162 ? 3.994   11.370  13.071  1.00 18.85 ? 162 GLU B OE2 1 
ATOM   1253 N  N   . HIS A 1 163 ? 1.054   5.175   12.315  1.00 15.66 ? 163 HIS B N   1 
ATOM   1254 C  CA  . HIS A 1 163 ? 0.683   3.925   12.989  1.00 16.77 ? 163 HIS B CA  1 
ATOM   1255 C  C   . HIS A 1 163 ? 1.416   2.712   12.415  1.00 16.36 ? 163 HIS B C   1 
ATOM   1256 O  O   . HIS A 1 163 ? 1.421   1.635   13.012  1.00 17.23 ? 163 HIS B O   1 
ATOM   1257 C  CB  . HIS A 1 163 ? -0.837  3.692   12.926  1.00 16.98 ? 163 HIS B CB  1 
ATOM   1258 C  CG  . HIS A 1 163 ? -1.369  3.436   11.547  1.00 17.11 ? 163 HIS B CG  1 
ATOM   1259 N  ND1 . HIS A 1 163 ? -2.393  4.177   10.998  1.00 17.52 ? 163 HIS B ND1 1 
ATOM   1260 C  CD2 . HIS A 1 163 ? -1.043  2.501   10.619  1.00 17.55 ? 163 HIS B CD2 1 
ATOM   1261 C  CE1 . HIS A 1 163 ? -2.677  3.712   9.793   1.00 18.79 ? 163 HIS B CE1 1 
ATOM   1262 N  NE2 . HIS A 1 163 ? -1.872  2.695   9.539   1.00 19.09 ? 163 HIS B NE2 1 
ATOM   1263 N  N   . ALA A 1 164 ? 2.044   2.884   11.259  1.00 15.27 ? 164 ALA B N   1 
ATOM   1264 C  CA  . ALA A 1 164 ? 2.767   1.783   10.652  1.00 15.84 ? 164 ALA B CA  1 
ATOM   1265 C  C   . ALA A 1 164 ? 4.183   1.639   11.192  1.00 16.15 ? 164 ALA B C   1 
ATOM   1266 O  O   . ALA A 1 164 ? 4.857   0.663   10.875  1.00 17.25 ? 164 ALA B O   1 
ATOM   1267 C  CB  . ALA A 1 164 ? 2.814   1.957   9.138   1.00 13.71 ? 164 ALA B CB  1 
ATOM   1268 N  N   . TYR A 1 165 ? 4.639   2.580   12.015  1.00 15.98 ? 165 TYR B N   1 
ATOM   1269 C  CA  . TYR A 1 165 ? 6.010   2.489   12.509  1.00 18.94 ? 165 TYR B CA  1 
ATOM   1270 C  C   . TYR A 1 165 ? 6.326   3.166   13.833  1.00 20.06 ? 165 TYR B C   1 
ATOM   1271 O  O   . TYR A 1 165 ? 7.369   2.892   14.434  1.00 21.64 ? 165 TYR B O   1 
ATOM   1272 C  CB  . TYR A 1 165 ? 6.969   3.050   11.445  1.00 18.17 ? 165 TYR B CB  1 
ATOM   1273 C  CG  . TYR A 1 165 ? 6.794   4.542   11.167  1.00 18.84 ? 165 TYR B CG  1 
ATOM   1274 C  CD1 . TYR A 1 165 ? 7.349   5.512   12.014  1.00 18.82 ? 165 TYR B CD1 1 
ATOM   1275 C  CD2 . TYR A 1 165 ? 6.061   4.980   10.065  1.00 18.95 ? 165 TYR B CD2 1 
ATOM   1276 C  CE1 . TYR A 1 165 ? 7.172   6.885   11.768  1.00 17.84 ? 165 TYR B CE1 1 
ATOM   1277 C  CE2 . TYR A 1 165 ? 5.877   6.345   9.808   1.00 20.30 ? 165 TYR B CE2 1 
ATOM   1278 C  CZ  . TYR A 1 165 ? 6.433   7.291   10.661  1.00 22.18 ? 165 TYR B CZ  1 
ATOM   1279 O  OH  . TYR A 1 165 ? 6.243   8.633   10.391  1.00 22.77 ? 165 TYR B OH  1 
ATOM   1280 N  N   . TYR A 1 166 ? 5.438   4.040   14.293  1.00 20.60 ? 166 TYR B N   1 
ATOM   1281 C  CA  . TYR A 1 166 ? 5.683   4.790   15.516  1.00 19.61 ? 166 TYR B CA  1 
ATOM   1282 C  C   . TYR A 1 166 ? 6.011   4.021   16.796  1.00 21.32 ? 166 TYR B C   1 
ATOM   1283 O  O   . TYR A 1 166 ? 6.907   4.427   17.542  1.00 21.12 ? 166 TYR B O   1 
ATOM   1284 C  CB  . TYR A 1 166 ? 4.520   5.741   15.798  1.00 18.77 ? 166 TYR B CB  1 
ATOM   1285 C  CG  . TYR A 1 166 ? 4.999   7.036   16.397  1.00 17.84 ? 166 TYR B CG  1 
ATOM   1286 C  CD1 . TYR A 1 166 ? 5.470   8.058   15.582  1.00 14.45 ? 166 TYR B CD1 1 
ATOM   1287 C  CD2 . TYR A 1 166 ? 5.057   7.211   17.777  1.00 16.81 ? 166 TYR B CD2 1 
ATOM   1288 C  CE1 . TYR A 1 166 ? 5.987   9.216   16.118  1.00 17.03 ? 166 TYR B CE1 1 
ATOM   1289 C  CE2 . TYR A 1 166 ? 5.577   8.376   18.328  1.00 17.99 ? 166 TYR B CE2 1 
ATOM   1290 C  CZ  . TYR A 1 166 ? 6.041   9.374   17.491  1.00 17.65 ? 166 TYR B CZ  1 
ATOM   1291 O  OH  . TYR A 1 166 ? 6.560   10.537  18.017  1.00 17.95 ? 166 TYR B OH  1 
ATOM   1292 N  N   . LEU A 1 167 ? 5.297   2.933   17.071  1.00 21.54 ? 167 LEU B N   1 
ATOM   1293 C  CA  . LEU A 1 167 ? 5.556   2.180   18.296  1.00 21.89 ? 167 LEU B CA  1 
ATOM   1294 C  C   . LEU A 1 167 ? 6.973   1.655   18.354  1.00 21.84 ? 167 LEU B C   1 
ATOM   1295 O  O   . LEU A 1 167 ? 7.563   1.551   19.428  1.00 22.89 ? 167 LEU B O   1 
ATOM   1296 C  CB  . LEU A 1 167 ? 4.586   1.008   18.434  1.00 20.80 ? 167 LEU B CB  1 
ATOM   1297 C  CG  . LEU A 1 167 ? 3.173   1.416   18.833  1.00 22.00 ? 167 LEU B CG  1 
ATOM   1298 C  CD1 . LEU A 1 167 ? 2.243   0.216   18.758  1.00 22.64 ? 167 LEU B CD1 1 
ATOM   1299 C  CD2 . LEU A 1 167 ? 3.208   1.996   20.234  1.00 20.49 ? 167 LEU B CD2 1 
ATOM   1300 N  N   . GLN A 1 168 ? 7.529   1.339   17.193  1.00 21.72 ? 168 GLN B N   1 
ATOM   1301 C  CA  . GLN A 1 168 ? 8.874   0.792   17.134  1.00 20.54 ? 168 GLN B CA  1 
ATOM   1302 C  C   . GLN A 1 168 ? 9.970   1.779   16.758  1.00 20.21 ? 168 GLN B C   1 
ATOM   1303 O  O   . GLN A 1 168 ? 11.025  1.796   17.383  1.00 20.90 ? 168 GLN B O   1 
ATOM   1304 C  CB  . GLN A 1 168 ? 8.891   -0.388  16.161  1.00 22.00 ? 168 GLN B CB  1 
ATOM   1305 C  CG  . GLN A 1 168 ? 10.242  -1.029  15.967  1.00 20.66 ? 168 GLN B CG  1 
ATOM   1306 C  CD  . GLN A 1 168 ? 10.159  -2.277  15.113  1.00 24.00 ? 168 GLN B CD  1 
ATOM   1307 O  OE1 . GLN A 1 168 ? 11.170  -2.930  14.850  1.00 25.40 ? 168 GLN B OE1 1 
ATOM   1308 N  NE2 . GLN A 1 168 ? 8.951   -2.617  14.672  1.00 21.03 ? 168 GLN B NE2 1 
ATOM   1309 N  N   . TYR A 1 169 ? 9.721   2.612   15.754  1.00 19.69 ? 169 TYR B N   1 
ATOM   1310 C  CA  . TYR A 1 169 ? 10.736  3.553   15.289  1.00 20.07 ? 169 TYR B CA  1 
ATOM   1311 C  C   . TYR A 1 169 ? 10.509  5.008   15.667  1.00 21.49 ? 169 TYR B C   1 
ATOM   1312 O  O   . TYR A 1 169 ? 11.293  5.883   15.281  1.00 22.25 ? 169 TYR B O   1 
ATOM   1313 C  CB  . TYR A 1 169 ? 10.865  3.435   13.768  1.00 19.32 ? 169 TYR B CB  1 
ATOM   1314 C  CG  . TYR A 1 169 ? 11.282  2.054   13.318  1.00 19.37 ? 169 TYR B CG  1 
ATOM   1315 C  CD1 . TYR A 1 169 ? 12.624  1.660   13.370  1.00 20.06 ? 169 TYR B CD1 1 
ATOM   1316 C  CD2 . TYR A 1 169 ? 10.338  1.125   12.881  1.00 19.35 ? 169 TYR B CD2 1 
ATOM   1317 C  CE1 . TYR A 1 169 ? 13.018  0.370   12.998  1.00 19.77 ? 169 TYR B CE1 1 
ATOM   1318 C  CE2 . TYR A 1 169 ? 10.716  -0.169  12.510  1.00 21.16 ? 169 TYR B CE2 1 
ATOM   1319 C  CZ  . TYR A 1 169 ? 12.060  -0.537  12.571  1.00 22.14 ? 169 TYR B CZ  1 
ATOM   1320 O  OH  . TYR A 1 169 ? 12.447  -1.808  12.211  1.00 21.72 ? 169 TYR B OH  1 
ATOM   1321 N  N   . LYS A 1 170 ? 9.446   5.265   16.423  1.00 22.45 ? 170 LYS B N   1 
ATOM   1322 C  CA  . LYS A 1 170 ? 9.106   6.620   16.839  1.00 22.42 ? 170 LYS B CA  1 
ATOM   1323 C  C   . LYS A 1 170 ? 8.991   7.525   15.622  1.00 22.07 ? 170 LYS B C   1 
ATOM   1324 O  O   . LYS A 1 170 ? 8.370   7.155   14.625  1.00 21.36 ? 170 LYS B O   1 
ATOM   1325 C  CB  . LYS A 1 170 ? 10.160  7.173   17.806  1.00 24.24 ? 170 LYS B CB  1 
ATOM   1326 C  CG  . LYS A 1 170 ? 9.941   6.794   19.269  1.00 27.61 ? 170 LYS B CG  1 
ATOM   1327 C  CD  . LYS A 1 170 ? 9.976   5.295   19.477  1.00 30.98 ? 170 LYS B CD  1 
ATOM   1328 C  CE  . LYS A 1 170 ? 9.893   4.934   20.951  1.00 34.34 ? 170 LYS B CE  1 
ATOM   1329 N  NZ  . LYS A 1 170 ? 10.052  3.465   21.174  1.00 36.42 ? 170 LYS B NZ  1 
ATOM   1330 N  N   . ASN A 1 171 ? 9.610   8.698   15.703  1.00 21.81 ? 171 ASN B N   1 
ATOM   1331 C  CA  . ASN A 1 171 ? 9.578   9.689   14.632  1.00 20.92 ? 171 ASN B CA  1 
ATOM   1332 C  C   . ASN A 1 171 ? 10.607  9.442   13.538  1.00 20.48 ? 171 ASN B C   1 
ATOM   1333 O  O   . ASN A 1 171 ? 10.589  10.116  12.512  1.00 21.16 ? 171 ASN B O   1 
ATOM   1334 C  CB  . ASN A 1 171 ? 9.845   11.070  15.213  1.00 21.38 ? 171 ASN B CB  1 
ATOM   1335 C  CG  . ASN A 1 171 ? 11.230  11.167  15.837  1.00 22.47 ? 171 ASN B CG  1 
ATOM   1336 O  OD1 . ASN A 1 171 ? 11.519  10.507  16.836  1.00 21.14 ? 171 ASN B OD1 1 
ATOM   1337 N  ND2 . ASN A 1 171 ? 12.098  11.977  15.238  1.00 22.13 ? 171 ASN B ND2 1 
ATOM   1338 N  N   . VAL A 1 172 ? 11.506  8.492   13.744  1.00 21.16 ? 172 VAL B N   1 
ATOM   1339 C  CA  . VAL A 1 172 ? 12.542  8.249   12.748  1.00 21.90 ? 172 VAL B CA  1 
ATOM   1340 C  C   . VAL A 1 172 ? 12.054  7.400   11.576  1.00 22.66 ? 172 VAL B C   1 
ATOM   1341 O  O   . VAL A 1 172 ? 12.374  6.212   11.463  1.00 23.45 ? 172 VAL B O   1 
ATOM   1342 C  CB  . VAL A 1 172 ? 13.786  7.596   13.396  1.00 23.08 ? 172 VAL B CB  1 
ATOM   1343 C  CG1 . VAL A 1 172 ? 14.929  7.548   12.393  1.00 22.21 ? 172 VAL B CG1 1 
ATOM   1344 C  CG2 . VAL A 1 172 ? 14.200  8.388   14.639  1.00 21.46 ? 172 VAL B CG2 1 
ATOM   1345 N  N   . ARG A 1 173 ? 11.283  8.033   10.696  1.00 22.15 ? 173 ARG B N   1 
ATOM   1346 C  CA  . ARG A 1 173 ? 10.730  7.366   9.525   1.00 22.33 ? 173 ARG B CA  1 
ATOM   1347 C  C   . ARG A 1 173 ? 11.816  6.701   8.660   1.00 23.29 ? 173 ARG B C   1 
ATOM   1348 O  O   . ARG A 1 173 ? 11.601  5.625   8.100   1.00 22.78 ? 173 ARG B O   1 
ATOM   1349 C  CB  . ARG A 1 173 ? 9.918   8.373   8.706   1.00 22.37 ? 173 ARG B CB  1 
ATOM   1350 C  CG  . ARG A 1 173 ? 9.040   7.755   7.648   1.00 23.10 ? 173 ARG B CG  1 
ATOM   1351 C  CD  . ARG A 1 173 ? 8.303   8.818   6.836   1.00 24.46 ? 173 ARG B CD  1 
ATOM   1352 N  NE  . ARG A 1 173 ? 7.104   9.330   7.498   1.00 24.00 ? 173 ARG B NE  1 
ATOM   1353 C  CZ  . ARG A 1 173 ? 6.280   10.220  6.947   1.00 24.92 ? 173 ARG B CZ  1 
ATOM   1354 N  NH1 . ARG A 1 173 ? 6.532   10.696  5.732   1.00 24.46 ? 173 ARG B NH1 1 
ATOM   1355 N  NH2 . ARG A 1 173 ? 5.194   10.622  7.595   1.00 24.11 ? 173 ARG B NH2 1 
ATOM   1356 N  N   . PRO A 1 174 ? 12.996  7.334   8.534   1.00 23.30 ? 174 PRO B N   1 
ATOM   1357 C  CA  . PRO A 1 174 ? 14.058  6.724   7.723   1.00 23.26 ? 174 PRO B CA  1 
ATOM   1358 C  C   . PRO A 1 174 ? 14.520  5.352   8.238   1.00 23.47 ? 174 PRO B C   1 
ATOM   1359 O  O   . PRO A 1 174 ? 14.933  4.502   7.450   1.00 23.33 ? 174 PRO B O   1 
ATOM   1360 C  CB  . PRO A 1 174 ? 15.169  7.772   7.772   1.00 22.36 ? 174 PRO B CB  1 
ATOM   1361 C  CG  . PRO A 1 174 ? 14.392  9.055   7.826   1.00 22.83 ? 174 PRO B CG  1 
ATOM   1362 C  CD  . PRO A 1 174 ? 13.321  8.738   8.845   1.00 21.74 ? 174 PRO B CD  1 
ATOM   1363 N  N   . ASP A 1 175 ? 14.462  5.135   9.552   1.00 23.79 ? 175 ASP B N   1 
ATOM   1364 C  CA  . ASP A 1 175 ? 14.863  3.840   10.114  1.00 25.07 ? 175 ASP B CA  1 
ATOM   1365 C  C   . ASP A 1 175 ? 13.836  2.769   9.745   1.00 24.87 ? 175 ASP B C   1 
ATOM   1366 O  O   . ASP A 1 175 ? 14.187  1.619   9.471   1.00 24.61 ? 175 ASP B O   1 
ATOM   1367 C  CB  . ASP A 1 175 ? 14.999  3.916   11.639  1.00 26.76 ? 175 ASP B CB  1 
ATOM   1368 C  CG  . ASP A 1 175 ? 16.259  4.638   12.078  1.00 28.03 ? 175 ASP B CG  1 
ATOM   1369 O  OD1 . ASP A 1 175 ? 17.156  4.862   11.233  1.00 28.58 ? 175 ASP B OD1 1 
ATOM   1370 O  OD2 . ASP A 1 175 ? 16.358  4.971   13.274  1.00 29.01 ? 175 ASP B OD2 1 
ATOM   1371 N  N   . TYR A 1 176 ? 12.563  3.153   9.754   1.00 23.71 ? 176 TYR B N   1 
ATOM   1372 C  CA  . TYR A 1 176 ? 11.484  2.244   9.389   1.00 23.44 ? 176 TYR B CA  1 
ATOM   1373 C  C   . TYR A 1 176 ? 11.660  1.816   7.929   1.00 23.39 ? 176 TYR B C   1 
ATOM   1374 O  O   . TYR A 1 176 ? 11.583  0.631   7.611   1.00 22.34 ? 176 TYR B O   1 
ATOM   1375 C  CB  . TYR A 1 176 ? 10.133  2.948   9.569   1.00 22.47 ? 176 TYR B CB  1 
ATOM   1376 C  CG  . TYR A 1 176 ? 8.977   2.331   8.813   1.00 20.64 ? 176 TYR B CG  1 
ATOM   1377 C  CD1 . TYR A 1 176 ? 8.599   1.004   9.027   1.00 19.68 ? 176 TYR B CD1 1 
ATOM   1378 C  CD2 . TYR A 1 176 ? 8.228   3.092   7.911   1.00 19.87 ? 176 TYR B CD2 1 
ATOM   1379 C  CE1 . TYR A 1 176 ? 7.502   0.454   8.368   1.00 17.66 ? 176 TYR B CE1 1 
ATOM   1380 C  CE2 . TYR A 1 176 ? 7.128   2.552   7.248   1.00 16.72 ? 176 TYR B CE2 1 
ATOM   1381 C  CZ  . TYR A 1 176 ? 6.772   1.236   7.480   1.00 17.37 ? 176 TYR B CZ  1 
ATOM   1382 O  OH  . TYR A 1 176 ? 5.688   0.703   6.823   1.00 14.88 ? 176 TYR B OH  1 
ATOM   1383 N  N   . LEU A 1 177 ? 11.907  2.784   7.050   1.00 24.18 ? 177 LEU B N   1 
ATOM   1384 C  CA  . LEU A 1 177 ? 12.086  2.489   5.630   1.00 28.03 ? 177 LEU B CA  1 
ATOM   1385 C  C   . LEU A 1 177 ? 13.323  1.641   5.359   1.00 29.04 ? 177 LEU B C   1 
ATOM   1386 O  O   . LEU A 1 177 ? 13.314  0.779   4.484   1.00 29.64 ? 177 LEU B O   1 
ATOM   1387 C  CB  . LEU A 1 177 ? 12.136  3.787   4.819   1.00 27.96 ? 177 LEU B CB  1 
ATOM   1388 C  CG  . LEU A 1 177 ? 10.736  4.287   4.442   1.00 30.16 ? 177 LEU B CG  1 
ATOM   1389 C  CD1 . LEU A 1 177 ? 10.755  5.772   4.187   1.00 31.56 ? 177 LEU B CD1 1 
ATOM   1390 C  CD2 . LEU A 1 177 ? 10.247  3.531   3.217   1.00 31.32 ? 177 LEU B CD2 1 
ATOM   1391 N  N   . LYS A 1 178 ? 14.385  1.883   6.117   1.00 29.90 ? 178 LYS B N   1 
ATOM   1392 C  CA  . LYS A 1 178 ? 15.608  1.117   5.957   1.00 30.66 ? 178 LYS B CA  1 
ATOM   1393 C  C   . LYS A 1 178 ? 15.335  -0.349  6.287   1.00 29.04 ? 178 LYS B C   1 
ATOM   1394 O  O   . LYS A 1 178 ? 15.824  -1.251  5.611   1.00 30.32 ? 178 LYS B O   1 
ATOM   1395 C  CB  . LYS A 1 178 ? 16.690  1.673   6.886   1.00 33.80 ? 178 LYS B CB  1 
ATOM   1396 C  CG  . LYS A 1 178 ? 17.991  0.906   6.861   1.00 41.27 ? 178 LYS B CG  1 
ATOM   1397 C  CD  . LYS A 1 178 ? 19.050  1.575   7.732   1.00 47.34 ? 178 LYS B CD  1 
ATOM   1398 C  CE  . LYS A 1 178 ? 20.358  0.780   7.700   1.00 51.69 ? 178 LYS B CE  1 
ATOM   1399 N  NZ  . LYS A 1 178 ? 21.432  1.390   8.544   1.00 55.07 ? 178 LYS B NZ  1 
ATOM   1400 N  N   . ALA A 1 179 ? 14.525  -0.577  7.315   1.00 26.44 ? 179 ALA B N   1 
ATOM   1401 C  CA  . ALA A 1 179 ? 14.208  -1.925  7.762   1.00 23.60 ? 179 ALA B CA  1 
ATOM   1402 C  C   . ALA A 1 179 ? 13.208  -2.707  6.913   1.00 24.12 ? 179 ALA B C   1 
ATOM   1403 O  O   . ALA A 1 179 ? 13.328  -3.924  6.785   1.00 24.58 ? 179 ALA B O   1 
ATOM   1404 C  CB  . ALA A 1 179 ? 13.721  -1.874  9.196   1.00 21.53 ? 179 ALA B CB  1 
ATOM   1405 N  N   . ILE A 1 180 ? 12.226  -2.023  6.334   1.00 23.71 ? 180 ILE B N   1 
ATOM   1406 C  CA  . ILE A 1 180 ? 11.208  -2.705  5.548   1.00 23.56 ? 180 ILE B CA  1 
ATOM   1407 C  C   . ILE A 1 180 ? 11.744  -3.414  4.301   1.00 24.46 ? 180 ILE B C   1 
ATOM   1408 O  O   . ILE A 1 180 ? 11.145  -4.382  3.828   1.00 22.62 ? 180 ILE B O   1 
ATOM   1409 C  CB  . ILE A 1 180 ? 10.067  -1.737  5.157   1.00 23.99 ? 180 ILE B CB  1 
ATOM   1410 C  CG1 . ILE A 1 180 ? 8.769   -2.524  4.975   1.00 23.23 ? 180 ILE B CG1 1 
ATOM   1411 C  CG2 . ILE A 1 180 ? 10.416  -0.989  3.873   1.00 20.19 ? 180 ILE B CG2 1 
ATOM   1412 C  CD1 . ILE A 1 180 ? 7.547   -1.651  4.941   1.00 24.52 ? 180 ILE B CD1 1 
ATOM   1413 N  N   . TRP A 1 181 ? 12.874  -2.948  3.773   1.00 25.00 ? 181 TRP B N   1 
ATOM   1414 C  CA  . TRP A 1 181 ? 13.450  -3.587  2.591   1.00 25.33 ? 181 TRP B CA  1 
ATOM   1415 C  C   . TRP A 1 181 ? 13.825  -5.044  2.855   1.00 24.57 ? 181 TRP B C   1 
ATOM   1416 O  O   . TRP A 1 181 ? 13.969  -5.821  1.918   1.00 26.78 ? 181 TRP B O   1 
ATOM   1417 C  CB  . TRP A 1 181 ? 14.690  -2.831  2.107   1.00 24.38 ? 181 TRP B CB  1 
ATOM   1418 C  CG  . TRP A 1 181 ? 14.379  -1.477  1.553   1.00 25.49 ? 181 TRP B CG  1 
ATOM   1419 C  CD1 . TRP A 1 181 ? 14.614  -0.269  2.148   1.00 25.19 ? 181 TRP B CD1 1 
ATOM   1420 C  CD2 . TRP A 1 181 ? 13.732  -1.191  0.308   1.00 24.05 ? 181 TRP B CD2 1 
ATOM   1421 N  NE1 . TRP A 1 181 ? 14.150  0.753   1.352   1.00 24.94 ? 181 TRP B NE1 1 
ATOM   1422 C  CE2 . TRP A 1 181 ? 13.603  0.213   0.216   1.00 24.81 ? 181 TRP B CE2 1 
ATOM   1423 C  CE3 . TRP A 1 181 ? 13.246  -1.986  -0.740  1.00 24.51 ? 181 TRP B CE3 1 
ATOM   1424 C  CZ2 . TRP A 1 181 ? 13.010  0.839   -0.883  1.00 22.41 ? 181 TRP B CZ2 1 
ATOM   1425 C  CZ3 . TRP A 1 181 ? 12.656  -1.363  -1.834  1.00 22.00 ? 181 TRP B CZ3 1 
ATOM   1426 C  CH2 . TRP A 1 181 ? 12.544  0.035   -1.894  1.00 23.80 ? 181 TRP B CH2 1 
ATOM   1427 N  N   . ASN A 1 182 ? 13.976  -5.407  4.128   1.00 22.50 ? 182 ASN B N   1 
ATOM   1428 C  CA  . ASN A 1 182 ? 14.337  -6.769  4.512   1.00 22.06 ? 182 ASN B CA  1 
ATOM   1429 C  C   . ASN A 1 182 ? 13.181  -7.776  4.437   1.00 23.90 ? 182 ASN B C   1 
ATOM   1430 O  O   . ASN A 1 182 ? 13.411  -8.990  4.438   1.00 22.74 ? 182 ASN B O   1 
ATOM   1431 C  CB  . ASN A 1 182 ? 14.917  -6.783  5.933   1.00 22.99 ? 182 ASN B CB  1 
ATOM   1432 C  CG  . ASN A 1 182 ? 16.246  -6.042  6.034   1.00 24.05 ? 182 ASN B CG  1 
ATOM   1433 O  OD1 . ASN A 1 182 ? 16.377  -5.075  6.788   1.00 23.80 ? 182 ASN B OD1 1 
ATOM   1434 N  ND2 . ASN A 1 182 ? 17.235  -6.498  5.279   1.00 23.17 ? 182 ASN B ND2 1 
ATOM   1435 N  N   . VAL A 1 183 ? 11.942  -7.285  4.374   1.00 23.77 ? 183 VAL B N   1 
ATOM   1436 C  CA  . VAL A 1 183 ? 10.785  -8.178  4.304   1.00 22.73 ? 183 VAL B CA  1 
ATOM   1437 C  C   . VAL A 1 183 ? 9.904   -7.970  3.063   1.00 22.94 ? 183 VAL B C   1 
ATOM   1438 O  O   . VAL A 1 183 ? 8.761   -8.441  3.016   1.00 22.84 ? 183 VAL B O   1 
ATOM   1439 C  CB  . VAL A 1 183 ? 9.912   -8.058  5.578   1.00 23.54 ? 183 VAL B CB  1 
ATOM   1440 C  CG1 . VAL A 1 183 ? 10.737  -8.453  6.802   1.00 21.74 ? 183 VAL B CG1 1 
ATOM   1441 C  CG2 . VAL A 1 183 ? 9.379   -6.631  5.727   1.00 21.95 ? 183 VAL B CG2 1 
ATOM   1442 N  N   . ILE A 1 184 ? 10.432  -7.271  2.062   1.00 21.21 ? 184 ILE B N   1 
ATOM   1443 C  CA  . ILE A 1 184 ? 9.681   -7.043  0.833   1.00 21.70 ? 184 ILE B CA  1 
ATOM   1444 C  C   . ILE A 1 184 ? 9.563   -8.377  0.099   1.00 22.56 ? 184 ILE B C   1 
ATOM   1445 O  O   . ILE A 1 184 ? 10.562  -9.049  -0.157  1.00 24.10 ? 184 ILE B O   1 
ATOM   1446 C  CB  . ILE A 1 184 ? 10.392  -6.023  -0.091  1.00 21.27 ? 184 ILE B CB  1 
ATOM   1447 C  CG1 . ILE A 1 184 ? 10.338  -4.625  0.535   1.00 22.43 ? 184 ILE B CG1 1 
ATOM   1448 C  CG2 . ILE A 1 184 ? 9.744   -6.026  -1.477  1.00 19.32 ? 184 ILE B CG2 1 
ATOM   1449 C  CD1 . ILE A 1 184 ? 8.934   -4.064  0.679   1.00 21.84 ? 184 ILE B CD1 1 
ATOM   1450 N  N   . ASN A 1 185 ? 8.341   -8.763  -0.236  1.00 21.53 ? 185 ASN B N   1 
ATOM   1451 C  CA  . ASN A 1 185 ? 8.121   -10.020 -0.933  1.00 23.48 ? 185 ASN B CA  1 
ATOM   1452 C  C   . ASN A 1 185 ? 8.258   -9.806  -2.442  1.00 24.98 ? 185 ASN B C   1 
ATOM   1453 O  O   . ASN A 1 185 ? 7.263   -9.667  -3.148  1.00 25.27 ? 185 ASN B O   1 
ATOM   1454 C  CB  . ASN A 1 185 ? 6.727   -10.543 -0.585  1.00 23.23 ? 185 ASN B CB  1 
ATOM   1455 C  CG  . ASN A 1 185 ? 6.429   -11.890 -1.208  1.00 24.70 ? 185 ASN B CG  1 
ATOM   1456 O  OD1 . ASN A 1 185 ? 7.220   -12.428 -1.990  1.00 24.34 ? 185 ASN B OD1 1 
ATOM   1457 N  ND2 . ASN A 1 185 ? 5.270   -12.444 -0.867  1.00 23.67 ? 185 ASN B ND2 1 
ATOM   1458 N  N   . TRP A 1 186 ? 9.496   -9.777  -2.931  1.00 26.67 ? 186 TRP B N   1 
ATOM   1459 C  CA  . TRP A 1 186 ? 9.748   -9.563  -4.358  1.00 27.90 ? 186 TRP B CA  1 
ATOM   1460 C  C   . TRP A 1 186 ? 9.060   -10.566 -5.269  1.00 28.42 ? 186 TRP B C   1 
ATOM   1461 O  O   . TRP A 1 186 ? 8.884   -10.312 -6.457  1.00 27.87 ? 186 TRP B O   1 
ATOM   1462 C  CB  . TRP A 1 186 ? 11.258  -9.543  -4.643  1.00 26.34 ? 186 TRP B CB  1 
ATOM   1463 C  CG  . TRP A 1 186 ? 11.907  -8.298  -4.128  1.00 26.87 ? 186 TRP B CG  1 
ATOM   1464 C  CD1 . TRP A 1 186 ? 12.816  -8.200  -3.110  1.00 25.18 ? 186 TRP B CD1 1 
ATOM   1465 C  CD2 . TRP A 1 186 ? 11.630  -6.956  -4.552  1.00 26.34 ? 186 TRP B CD2 1 
ATOM   1466 N  NE1 . TRP A 1 186 ? 13.118  -6.877  -2.871  1.00 25.77 ? 186 TRP B NE1 1 
ATOM   1467 C  CE2 . TRP A 1 186 ? 12.405  -6.093  -3.742  1.00 26.03 ? 186 TRP B CE2 1 
ATOM   1468 C  CE3 . TRP A 1 186 ? 10.800  -6.399  -5.539  1.00 26.23 ? 186 TRP B CE3 1 
ATOM   1469 C  CZ2 . TRP A 1 186 ? 12.373  -4.700  -3.886  1.00 26.23 ? 186 TRP B CZ2 1 
ATOM   1470 C  CZ3 . TRP A 1 186 ? 10.767  -5.011  -5.684  1.00 25.38 ? 186 TRP B CZ3 1 
ATOM   1471 C  CH2 . TRP A 1 186 ? 11.551  -4.180  -4.859  1.00 27.67 ? 186 TRP B CH2 1 
ATOM   1472 N  N   . GLU A 1 187 ? 8.664   -11.703 -4.716  1.00 29.82 ? 187 GLU B N   1 
ATOM   1473 C  CA  . GLU A 1 187 ? 7.981   -12.711 -5.506  1.00 33.40 ? 187 GLU B CA  1 
ATOM   1474 C  C   . GLU A 1 187 ? 6.592   -12.176 -5.871  1.00 32.50 ? 187 GLU B C   1 
ATOM   1475 O  O   . GLU A 1 187 ? 6.128   -12.332 -7.005  1.00 33.20 ? 187 GLU B O   1 
ATOM   1476 C  CB  . GLU A 1 187 ? 7.860   -14.006 -4.702  1.00 38.97 ? 187 GLU B CB  1 
ATOM   1477 C  CG  . GLU A 1 187 ? 7.543   -15.232 -5.537  1.00 47.80 ? 187 GLU B CG  1 
ATOM   1478 C  CD  . GLU A 1 187 ? 7.552   -16.510 -4.714  1.00 53.54 ? 187 GLU B CD  1 
ATOM   1479 O  OE1 . GLU A 1 187 ? 8.579   -16.778 -4.044  1.00 54.69 ? 187 GLU B OE1 1 
ATOM   1480 O  OE2 . GLU A 1 187 ? 6.536   -17.243 -4.739  1.00 57.05 ? 187 GLU B OE2 1 
ATOM   1481 N  N   . ASN A 1 188 ? 5.937   -11.534 -4.906  1.00 29.91 ? 188 ASN B N   1 
ATOM   1482 C  CA  . ASN A 1 188 ? 4.613   -10.968 -5.127  1.00 26.82 ? 188 ASN B CA  1 
ATOM   1483 C  C   . ASN A 1 188 ? 4.682   -9.764  -6.058  1.00 24.91 ? 188 ASN B C   1 
ATOM   1484 O  O   . ASN A 1 188 ? 3.848   -9.622  -6.948  1.00 25.84 ? 188 ASN B O   1 
ATOM   1485 C  CB  . ASN A 1 188 ? 3.972   -10.571 -3.792  1.00 27.37 ? 188 ASN B CB  1 
ATOM   1486 C  CG  . ASN A 1 188 ? 2.614   -9.909  -3.965  1.00 27.57 ? 188 ASN B CG  1 
ATOM   1487 O  OD1 . ASN A 1 188 ? 2.509   -8.685  -4.063  1.00 25.70 ? 188 ASN B OD1 1 
ATOM   1488 N  ND2 . ASN A 1 188 ? 1.568   -10.722 -4.015  1.00 27.99 ? 188 ASN B ND2 1 
ATOM   1489 N  N   . VAL A 1 189 ? 5.672   -8.898  -5.861  1.00 23.44 ? 189 VAL B N   1 
ATOM   1490 C  CA  . VAL A 1 189 ? 5.814   -7.723  -6.715  1.00 23.91 ? 189 VAL B CA  1 
ATOM   1491 C  C   . VAL A 1 189 ? 5.996   -8.172  -8.172  1.00 25.23 ? 189 VAL B C   1 
ATOM   1492 O  O   . VAL A 1 189 ? 5.462   -7.554  -9.093  1.00 25.49 ? 189 VAL B O   1 
ATOM   1493 C  CB  . VAL A 1 189 ? 7.022   -6.842  -6.282  1.00 22.53 ? 189 VAL B CB  1 
ATOM   1494 C  CG1 . VAL A 1 189 ? 7.184   -5.661  -7.233  1.00 20.13 ? 189 VAL B CG1 1 
ATOM   1495 C  CG2 . VAL A 1 189 ? 6.815   -6.335  -4.871  1.00 19.39 ? 189 VAL B CG2 1 
ATOM   1496 N  N   . THR A 1 190 ? 6.741   -9.258  -8.367  1.00 26.11 ? 190 THR B N   1 
ATOM   1497 C  CA  . THR A 1 190 ? 6.989   -9.808  -9.699  1.00 26.79 ? 190 THR B CA  1 
ATOM   1498 C  C   . THR A 1 190 ? 5.688   -10.283 -10.348 1.00 27.81 ? 190 THR B C   1 
ATOM   1499 O  O   . THR A 1 190 ? 5.468   -10.063 -11.541 1.00 25.71 ? 190 THR B O   1 
ATOM   1500 C  CB  . THR A 1 190 ? 7.980   -10.991 -9.633  1.00 27.29 ? 190 THR B CB  1 
ATOM   1501 O  OG1 . THR A 1 190 ? 9.277   -10.509 -9.247  1.00 27.08 ? 190 THR B OG1 1 
ATOM   1502 C  CG2 . THR A 1 190 ? 8.074   -11.681 -10.987 1.00 26.77 ? 190 THR B CG2 1 
ATOM   1503 N  N   . GLU A 1 191 ? 4.838   -10.943 -9.566  1.00 29.68 ? 191 GLU B N   1 
ATOM   1504 C  CA  . GLU A 1 191 ? 3.549   -11.415 -10.069 1.00 32.14 ? 191 GLU B CA  1 
ATOM   1505 C  C   . GLU A 1 191 ? 2.705   -10.245 -10.556 1.00 31.14 ? 191 GLU B C   1 
ATOM   1506 O  O   . GLU A 1 191 ? 2.191   -10.260 -11.671 1.00 31.99 ? 191 GLU B O   1 
ATOM   1507 C  CB  . GLU A 1 191 ? 2.767   -12.134 -8.975  1.00 36.31 ? 191 GLU B CB  1 
ATOM   1508 C  CG  . GLU A 1 191 ? 3.061   -13.605 -8.841  1.00 43.95 ? 191 GLU B CG  1 
ATOM   1509 C  CD  . GLU A 1 191 ? 2.229   -14.244 -7.747  1.00 47.87 ? 191 GLU B CD  1 
ATOM   1510 O  OE1 . GLU A 1 191 ? 0.979   -14.137 -7.810  1.00 48.27 ? 191 GLU B OE1 1 
ATOM   1511 O  OE2 . GLU A 1 191 ? 2.826   -14.849 -6.827  1.00 50.04 ? 191 GLU B OE2 1 
ATOM   1512 N  N   . ARG A 1 192 ? 2.553   -9.236  -9.705  1.00 28.98 ? 192 ARG B N   1 
ATOM   1513 C  CA  . ARG A 1 192 ? 1.766   -8.066  -10.058 1.00 27.29 ? 192 ARG B CA  1 
ATOM   1514 C  C   . ARG A 1 192 ? 2.333   -7.423  -11.317 1.00 27.78 ? 192 ARG B C   1 
ATOM   1515 O  O   . ARG A 1 192 ? 1.584   -6.921  -12.157 1.00 26.55 ? 192 ARG B O   1 
ATOM   1516 C  CB  . ARG A 1 192 ? 1.764   -7.068  -8.897  1.00 25.63 ? 192 ARG B CB  1 
ATOM   1517 C  CG  . ARG A 1 192 ? 1.098   -7.620  -7.648  1.00 22.76 ? 192 ARG B CG  1 
ATOM   1518 C  CD  . ARG A 1 192 ? 1.166   -6.658  -6.479  1.00 21.01 ? 192 ARG B CD  1 
ATOM   1519 N  NE  . ARG A 1 192 ? 0.463   -7.182  -5.310  1.00 21.59 ? 192 ARG B NE  1 
ATOM   1520 C  CZ  . ARG A 1 192 ? -0.861  -7.278  -5.203  1.00 20.37 ? 192 ARG B CZ  1 
ATOM   1521 N  NH1 . ARG A 1 192 ? -1.646  -6.879  -6.197  1.00 19.98 ? 192 ARG B NH1 1 
ATOM   1522 N  NH2 . ARG A 1 192 ? -1.404  -7.772  -4.095  1.00 17.81 ? 192 ARG B NH2 1 
ATOM   1523 N  N   . TYR A 1 193 ? 3.657   -7.454  -11.447 1.00 27.32 ? 193 TYR B N   1 
ATOM   1524 C  CA  . TYR A 1 193 ? 4.318   -6.881  -12.613 1.00 30.02 ? 193 TYR B CA  1 
ATOM   1525 C  C   . TYR A 1 193 ? 4.053   -7.698  -13.888 1.00 32.58 ? 193 TYR B C   1 
ATOM   1526 O  O   . TYR A 1 193 ? 3.745   -7.125  -14.938 1.00 32.51 ? 193 TYR B O   1 
ATOM   1527 C  CB  . TYR A 1 193 ? 5.828   -6.772  -12.374 1.00 28.43 ? 193 TYR B CB  1 
ATOM   1528 C  CG  . TYR A 1 193 ? 6.591   -6.318  -13.597 1.00 29.09 ? 193 TYR B CG  1 
ATOM   1529 C  CD1 . TYR A 1 193 ? 6.496   -5.005  -14.058 1.00 28.74 ? 193 TYR B CD1 1 
ATOM   1530 C  CD2 . TYR A 1 193 ? 7.378   -7.217  -14.319 1.00 29.64 ? 193 TYR B CD2 1 
ATOM   1531 C  CE1 . TYR A 1 193 ? 7.164   -4.598  -15.212 1.00 29.38 ? 193 TYR B CE1 1 
ATOM   1532 C  CE2 . TYR A 1 193 ? 8.049   -6.824  -15.471 1.00 30.50 ? 193 TYR B CE2 1 
ATOM   1533 C  CZ  . TYR A 1 193 ? 7.939   -5.516  -15.912 1.00 31.53 ? 193 TYR B CZ  1 
ATOM   1534 O  OH  . TYR A 1 193 ? 8.614   -5.135  -17.050 1.00 32.82 ? 193 TYR B OH  1 
ATOM   1535 N  N   . MET A 1 194 ? 4.176   -9.022  -13.804 1.00 33.73 ? 194 MET B N   1 
ATOM   1536 C  CA  . MET A 1 194 ? 3.941   -9.877  -14.967 1.00 36.18 ? 194 MET B CA  1 
ATOM   1537 C  C   . MET A 1 194 ? 2.481   -9.817  -15.416 1.00 36.73 ? 194 MET B C   1 
ATOM   1538 O  O   . MET A 1 194 ? 2.176   -10.036 -16.587 1.00 36.79 ? 194 MET B O   1 
ATOM   1539 C  CB  . MET A 1 194 ? 4.311   -11.338 -14.664 1.00 38.14 ? 194 MET B CB  1 
ATOM   1540 C  CG  . MET A 1 194 ? 5.785   -11.581 -14.351 1.00 41.36 ? 194 MET B CG  1 
ATOM   1541 S  SD  . MET A 1 194 ? 6.903   -11.042 -15.659 1.00 47.36 ? 194 MET B SD  1 
ATOM   1542 C  CE  . MET A 1 194 ? 6.927   -12.499 -16.732 1.00 46.14 ? 194 MET B CE  1 
ATOM   1543 N  N   . ALA A 1 195 ? 1.585   -9.507  -14.485 1.00 37.29 ? 195 ALA B N   1 
ATOM   1544 C  CA  . ALA A 1 195 ? 0.162   -9.432  -14.794 1.00 38.85 ? 195 ALA B CA  1 
ATOM   1545 C  C   . ALA A 1 195 ? -0.223  -8.245  -15.674 1.00 40.43 ? 195 ALA B C   1 
ATOM   1546 O  O   . ALA A 1 195 ? -1.302  -8.239  -16.259 1.00 42.20 ? 195 ALA B O   1 
ATOM   1547 C  CB  . ALA A 1 195 ? -0.652  -9.403  -13.502 1.00 37.90 ? 195 ALA B CB  1 
ATOM   1548 N  N   . CYS A 1 196 ? 0.646   -7.243  -15.771 1.00 41.66 ? 196 CYS B N   1 
ATOM   1549 C  CA  . CYS A 1 196 ? 0.344   -6.070  -16.588 1.00 43.86 ? 196 CYS B CA  1 
ATOM   1550 C  C   . CYS A 1 196 ? 1.489   -5.706  -17.524 1.00 44.31 ? 196 CYS B C   1 
ATOM   1551 O  O   . CYS A 1 196 ? 1.482   -6.076  -18.699 1.00 45.40 ? 196 CYS B O   1 
ATOM   1552 C  CB  . CYS A 1 196 ? 0.007   -4.869  -15.693 1.00 45.38 ? 196 CYS B CB  1 
ATOM   1553 S  SG  . CYS A 1 196 ? 1.348   -4.316  -14.598 1.00 48.48 ? 196 CYS B SG  1 
HETATM 1554 MN MN  . MN  B 2 .   ? -1.852  1.620   7.559   1.00 16.85 ? 199 MN  B MN  1 
HETATM 1555 K  K   . K   C 3 .   ? -12.953 -7.734  -1.118  1.00 37.90 ? 200 K   B K   1 
HETATM 1556 O  O   . HOH D 4 .   ? 6.166   -9.306  12.726  1.00 15.29 ? 201 HOH B O   1 
HETATM 1557 O  O   . HOH D 4 .   ? -3.195  1.307   -3.930  1.00 13.52 ? 202 HOH B O   1 
HETATM 1558 O  O   . HOH D 4 .   ? -2.155  4.853   -1.352  1.00 14.68 ? 203 HOH B O   1 
HETATM 1559 O  O   . HOH D 4 .   ? -7.894  8.911   1.643   1.00 16.44 ? 204 HOH B O   1 
HETATM 1560 O  O   . HOH D 4 .   ? 2.951   2.080   15.513  1.00 19.77 ? 205 HOH B O   1 
HETATM 1561 O  O   . HOH D 4 .   ? 4.249   -1.201  8.965   1.00 15.66 ? 206 HOH B O   1 
HETATM 1562 O  O   . HOH D 4 .   ? 2.404   -3.197  9.414   1.00 18.63 ? 207 HOH B O   1 
HETATM 1563 O  O   . HOH D 4 .   ? 4.860   14.175  7.934   1.00 26.97 ? 208 HOH B O   1 
HETATM 1564 O  O   . HOH D 4 .   ? -20.427 6.295   5.579   1.00 41.35 ? 209 HOH B O   1 
HETATM 1565 O  O   . HOH D 4 .   ? -0.391  13.554  3.147   1.00 25.76 ? 210 HOH B O   1 
HETATM 1566 O  O   . HOH D 4 .   ? 6.620   12.544  -1.313  1.00 25.81 ? 211 HOH B O   1 
HETATM 1567 O  O   . HOH D 4 .   ? -8.241  2.698   10.825  1.00 43.37 ? 212 HOH B O   1 
HETATM 1568 O  O   . HOH D 4 .   ? 6.554   10.541  12.196  1.00 25.38 ? 213 HOH B O   1 
HETATM 1569 O  O   . HOH D 4 .   ? 14.764  -5.483  -0.536  1.00 31.65 ? 214 HOH B O   1 
HETATM 1570 O  O   . HOH D 4 .   ? -6.326  4.447   11.087  1.00 38.40 ? 215 HOH B O   1 
HETATM 1571 O  O   . HOH D 4 .   ? -25.210 1.580   6.065   1.00 40.83 ? 216 HOH B O   1 
HETATM 1572 O  O   . HOH D 4 .   ? -2.173  3.379   6.543   1.00 11.58 ? 217 HOH B O   1 
HETATM 1573 O  O   . HOH D 4 .   ? -2.629  13.268  6.358   0.5  8.89  ? 218 HOH B O   1 
HETATM 1574 O  O   . HOH D 4 .   ? -10.627 -7.821  -4.499  1.00 48.40 ? 219 HOH B O   1 
HETATM 1575 O  O   . HOH D 4 .   ? -8.978  -7.724  -0.414  1.00 44.00 ? 220 HOH B O   1 
HETATM 1576 O  O   . HOH D 4 .   ? 1.270   -9.822  19.067  1.00 42.32 ? 221 HOH B O   1 
HETATM 1577 O  O   . HOH D 4 .   ? -14.939 -1.640  13.289  1.00 41.48 ? 222 HOH B O   1 
HETATM 1578 O  O   . HOH D 4 .   ? -20.548 2.760   11.385  1.00 54.45 ? 223 HOH B O   1 
HETATM 1579 O  O   . HOH D 4 .   ? -29.873 14.853  -0.169  1.00 38.98 ? 224 HOH B O   1 
HETATM 1580 O  O   . HOH D 4 .   ? -25.409 19.137  -3.302  1.00 17.16 ? 225 HOH B O   1 
HETATM 1581 O  O   . HOH D 4 .   ? -18.121 11.128  3.151   1.00 35.77 ? 226 HOH B O   1 
HETATM 1582 O  O   . HOH D 4 .   ? -17.964 15.773  -0.975  1.00 29.25 ? 227 HOH B O   1 
HETATM 1583 O  O   . HOH D 4 .   ? -19.262 8.881   -6.578  1.00 18.60 ? 228 HOH B O   1 
HETATM 1584 O  O   . HOH D 4 .   ? -12.341 4.976   8.967   1.00 49.52 ? 229 HOH B O   1 
HETATM 1585 O  O   . HOH D 4 .   ? -7.897  6.090   10.018  1.00 34.85 ? 230 HOH B O   1 
HETATM 1586 O  O   . HOH D 4 .   ? -4.314  -9.244  1.522   1.00 23.21 ? 231 HOH B O   1 
HETATM 1587 O  O   . HOH D 4 .   ? 11.663  -12.120 9.210   1.00 39.98 ? 232 HOH B O   1 
HETATM 1588 O  O   . HOH D 4 .   ? 17.739  -2.515  9.160   1.00 37.77 ? 233 HOH B O   1 
HETATM 1589 O  O   . HOH D 4 .   ? 21.176  -2.807  -10.275 1.00 38.76 ? 234 HOH B O   1 
HETATM 1590 O  O   . HOH D 4 .   ? 19.783  3.003   -2.237  1.00 43.61 ? 235 HOH B O   1 
HETATM 1591 O  O   . HOH D 4 .   ? 17.913  -4.195  -0.842  1.00 45.65 ? 236 HOH B O   1 
HETATM 1592 O  O   . HOH D 4 .   ? 21.258  -5.026  -8.814  1.00 38.00 ? 237 HOH B O   1 
HETATM 1593 O  O   . HOH D 4 .   ? 3.986   13.418  -1.557  1.00 34.28 ? 238 HOH B O   1 
HETATM 1594 O  O   . HOH D 4 .   ? 5.027   18.426  -0.788  1.00 49.98 ? 239 HOH B O   1 
HETATM 1595 O  O   . HOH D 4 .   ? 12.344  13.507  0.451   1.00 54.01 ? 240 HOH B O   1 
HETATM 1596 O  O   . HOH D 4 .   ? 8.654   18.116  4.314   1.00 51.19 ? 241 HOH B O   1 
HETATM 1597 O  O   . HOH D 4 .   ? 9.059   17.331  1.367   1.00 53.57 ? 242 HOH B O   1 
HETATM 1598 O  O   . HOH D 4 .   ? -3.313  2.733   -21.969 1.00 52.83 ? 243 HOH B O   1 
HETATM 1599 O  O   . HOH D 4 .   ? 7.849   10.046  -13.628 1.00 44.36 ? 244 HOH B O   1 
HETATM 1600 O  O   . HOH D 4 .   ? 9.128   7.698   -11.474 1.00 26.99 ? 245 HOH B O   1 
HETATM 1601 O  O   . HOH D 4 .   ? -1.434  12.947  -5.150  1.00 43.03 ? 246 HOH B O   1 
HETATM 1602 O  O   . HOH D 4 .   ? -4.800  11.924  -4.389  1.00 26.26 ? 247 HOH B O   1 
HETATM 1603 O  O   . HOH D 4 .   ? -5.401  -1.320  -7.555  1.00 30.41 ? 248 HOH B O   1 
HETATM 1604 O  O   . HOH D 4 .   ? -4.727  0.889   -6.068  1.00 9.37  ? 249 HOH B O   1 
HETATM 1605 O  O   . HOH D 4 .   ? -8.283  4.252   -13.053 1.00 46.24 ? 250 HOH B O   1 
HETATM 1606 O  O   . HOH D 4 .   ? -5.504  2.747   -15.484 1.00 41.72 ? 251 HOH B O   1 
HETATM 1607 O  O   . HOH D 4 .   ? -7.850  1.645   -13.511 1.00 48.07 ? 252 HOH B O   1 
HETATM 1608 O  O   . HOH D 4 .   ? -1.169  -5.249  -8.760  1.00 19.67 ? 253 HOH B O   1 
HETATM 1609 O  O   . HOH D 4 .   ? -10.127 4.615   10.478  1.00 42.11 ? 254 HOH B O   1 
HETATM 1610 O  O   . HOH D 4 .   ? 13.750  9.568   18.254  1.00 37.24 ? 255 HOH B O   1 
HETATM 1611 O  O   . HOH D 4 .   ? 16.606  0.229   10.744  1.00 28.70 ? 256 HOH B O   1 
HETATM 1612 O  O   . HOH D 4 .   ? 4.066   -14.104 2.039   1.00 51.45 ? 257 HOH B O   1 
HETATM 1613 O  O   . HOH D 4 .   ? 2.356   -13.347 -4.260  1.00 42.45 ? 258 HOH B O   1 
HETATM 1614 O  O   . HOH D 4 .   ? -0.921  -6.405  -11.222 1.00 34.81 ? 259 HOH B O   1 
HETATM 1615 O  O   . HOH D 4 .   ? 1.583   -8.227  -20.253 1.00 39.51 ? 260 HOH B O   1 
HETATM 1616 O  O   . HOH D 4 .   ? 8.272   -3.025  -18.380 1.00 30.14 ? 261 HOH B O   1 
HETATM 1617 O  O   . HOH D 4 .   ? -4.350  -9.423  -12.041 1.00 39.62 ? 262 HOH B O   1 
HETATM 1618 O  O   . HOH D 4 .   ? -1.688  -13.891 11.151  1.00 46.23 ? 263 HOH B O   1 
HETATM 1619 O  O   . HOH D 4 .   ? -15.455 14.615  -3.339  1.00 35.06 ? 264 HOH B O   1 
HETATM 1620 O  O   . HOH D 4 .   ? -3.182  10.159  -5.378  1.00 30.67 ? 265 HOH B O   1 
HETATM 1621 O  O   . HOH D 4 .   ? -20.322 -8.645  -4.086  1.00 48.27 ? 266 HOH B O   1 
HETATM 1622 O  O   . HOH D 4 .   ? 15.387  11.458  15.984  1.00 43.55 ? 267 HOH B O   1 
HETATM 1623 O  O   . HOH D 4 .   ? -5.036  -7.633  -3.229  1.00 46.41 ? 268 HOH B O   1 
HETATM 1624 O  O   . HOH D 4 .   ? -4.626  -6.912  -5.826  1.00 37.70 ? 269 HOH B O   1 
HETATM 1625 O  O   . HOH D 4 .   ? 18.528  -11.720 -3.372  1.00 55.73 ? 270 HOH B O   1 
HETATM 1626 O  O   . HOH D 4 .   ? 0.859   14.367  0.940   1.00 41.74 ? 271 HOH B O   1 
HETATM 1627 O  O   . HOH D 4 .   ? 3.268   15.332  0.697   1.00 34.74 ? 272 HOH B O   1 
HETATM 1628 O  O   . HOH D 4 .   ? 10.218  0.597   20.958  1.00 45.88 ? 273 HOH B O   1 
HETATM 1629 O  O   . HOH D 4 .   ? 19.183  -14.918 -4.617  1.00 52.93 ? 274 HOH B O   1 
# 
